data_1RX0
#
_entry.id   1RX0
#
_cell.length_a   97.204
_cell.length_b   134.343
_cell.length_c   189.641
_cell.angle_alpha   90.00
_cell.angle_beta   90.00
_cell.angle_gamma   90.00
#
_symmetry.space_group_name_H-M   'P 21 21 21'
#
loop_
_entity.id
_entity.type
_entity.pdbx_description
1 polymer 'Acyl-CoA dehydrogenase family member 8, mitochondrial'
2 non-polymer 1,2-ETHANEDIOL
3 non-polymer 'FLAVIN-ADENINE DINUCLEOTIDE'
4 non-polymer 'ACETIC ACID'
5 non-polymer 'METHACRYLYL-COENZYME A'
6 water water
#
_entity_poly.entity_id   1
_entity_poly.type   'polypeptide(L)'
_entity_poly.pdbx_seq_one_letter_code
;MVQTGHRSLTSCIDPSMGLNEEQKEFQKVAFDFAAREMAPNMAEWDQKELFPVDVMRKAAQLGFGGVYIQTDVGGSGLSR
LDTSVIFEALATGCTSTTAYISIHNMCAWMIDSFGNEEQRHKFCPPLCTMEKFASYCLTEPGSGSDAASLLTSAKKQGDH
YILNGSKAFISGAGESDIYVVMCRTGGPGPKGISCIVVEKGTPGLSFGKKEKKVGWNSQPTRAVIFEDCAVPVANRIGSE
GQGFLIAVRGLNGGRINIASCSLGAAHASVILTRDHLNVRKQFGEPLASNQYLQFTLADMATRLVAARLMVRNAAVALQE
ERKDAVALCSMAKLFATDECFAICNQALQMHGGYGYLKDYAVQQYVRDSRVHQILEGSNEVMRILISRSLLQE
;
_entity_poly.pdbx_strand_id   A,B,C,D
#
loop_
_chem_comp.id
_chem_comp.type
_chem_comp.name
_chem_comp.formula
2MC non-polymer 'METHACRYLYL-COENZYME A' 'C25 H40 N7 O17 P3 S'
ACY non-polymer 'ACETIC ACID' 'C2 H4 O2'
EDO non-polymer 1,2-ETHANEDIOL 'C2 H6 O2'
FAD non-polymer 'FLAVIN-ADENINE DINUCLEOTIDE' 'C27 H33 N9 O15 P2'
#
# COMPACT_ATOMS: atom_id res chain seq x y z
N THR A 10 -3.84 -29.98 9.91
CA THR A 10 -4.61 -28.77 10.33
C THR A 10 -4.41 -27.62 9.35
N SER A 11 -5.51 -27.09 8.83
CA SER A 11 -5.47 -25.99 7.88
C SER A 11 -4.74 -24.78 8.45
N CYS A 12 -4.02 -24.05 7.61
CA CYS A 12 -3.29 -22.89 8.08
C CYS A 12 -4.22 -21.71 8.36
N ILE A 13 -5.50 -21.88 8.06
CA ILE A 13 -6.49 -20.84 8.34
C ILE A 13 -7.65 -21.44 9.14
N ASP A 14 -7.36 -22.53 9.84
CA ASP A 14 -8.35 -23.23 10.67
C ASP A 14 -8.97 -22.26 11.65
N PRO A 15 -10.29 -22.01 11.53
CA PRO A 15 -10.99 -21.09 12.42
C PRO A 15 -11.30 -21.66 13.81
N SER A 16 -11.04 -22.95 14.00
N SER A 16 -11.04 -22.95 14.00
CA SER A 16 -11.32 -23.62 15.27
CA SER A 16 -11.32 -23.59 15.29
C SER A 16 -10.13 -23.70 16.22
C SER A 16 -10.13 -23.67 16.22
N MET A 17 -8.92 -23.55 15.68
CA MET A 17 -7.72 -23.61 16.51
C MET A 17 -7.71 -22.58 17.62
N GLY A 18 -7.41 -23.03 18.84
CA GLY A 18 -7.37 -22.14 19.98
C GLY A 18 -8.64 -22.08 20.79
N LEU A 19 -9.75 -22.48 20.18
CA LEU A 19 -11.04 -22.47 20.86
C LEU A 19 -11.20 -23.70 21.76
N ASN A 20 -12.02 -23.56 22.81
CA ASN A 20 -12.26 -24.69 23.69
C ASN A 20 -13.37 -25.53 23.07
N GLU A 21 -13.60 -26.72 23.61
CA GLU A 21 -14.62 -27.61 23.07
C GLU A 21 -16.00 -26.99 22.95
N GLU A 22 -16.40 -26.23 23.96
CA GLU A 22 -17.71 -25.59 23.96
C GLU A 22 -17.82 -24.61 22.78
N GLN A 23 -16.76 -23.84 22.56
CA GLN A 23 -16.75 -22.85 21.49
C GLN A 23 -16.72 -23.50 20.11
N LYS A 24 -16.05 -24.65 20.00
CA LYS A 24 -16.00 -25.35 18.72
C LYS A 24 -17.41 -25.82 18.37
N GLU A 25 -18.19 -26.17 19.38
CA GLU A 25 -19.56 -26.63 19.18
C GLU A 25 -20.43 -25.46 18.74
N PHE A 26 -20.28 -24.32 19.42
CA PHE A 26 -21.04 -23.11 19.10
C PHE A 26 -20.78 -22.74 17.64
N GLN A 27 -19.50 -22.80 17.28
CA GLN A 27 -19.06 -22.48 15.94
C GLN A 27 -19.69 -23.39 14.89
N LYS A 28 -19.71 -24.68 15.17
CA LYS A 28 -20.28 -25.66 14.27
C LYS A 28 -21.77 -25.40 14.07
N VAL A 29 -22.48 -25.17 15.17
CA VAL A 29 -23.90 -24.90 15.11
C VAL A 29 -24.21 -23.66 14.27
N ALA A 30 -23.45 -22.59 14.51
CA ALA A 30 -23.66 -21.35 13.78
C ALA A 30 -23.33 -21.50 12.30
N PHE A 31 -22.21 -22.14 12.00
CA PHE A 31 -21.82 -22.32 10.61
C PHE A 31 -22.86 -23.16 9.87
N ASP A 32 -23.29 -24.25 10.48
CA ASP A 32 -24.27 -25.13 9.87
C ASP A 32 -25.55 -24.37 9.56
N PHE A 33 -25.98 -23.53 10.50
CA PHE A 33 -27.18 -22.72 10.34
C PHE A 33 -26.99 -21.78 9.15
N ALA A 34 -25.85 -21.11 9.11
CA ALA A 34 -25.55 -20.17 8.04
C ALA A 34 -25.59 -20.86 6.67
N ALA A 35 -24.93 -22.00 6.58
CA ALA A 35 -24.88 -22.74 5.32
C ALA A 35 -26.25 -23.23 4.86
N ARG A 36 -27.09 -23.60 5.82
CA ARG A 36 -28.41 -24.12 5.51
C ARG A 36 -29.53 -23.09 5.34
N GLU A 37 -29.55 -22.07 6.21
CA GLU A 37 -30.60 -21.07 6.19
C GLU A 37 -30.27 -19.69 5.64
N MET A 38 -28.99 -19.34 5.58
CA MET A 38 -28.60 -18.01 5.12
C MET A 38 -27.94 -17.95 3.75
N ALA A 39 -26.90 -18.75 3.55
CA ALA A 39 -26.17 -18.75 2.28
C ALA A 39 -27.07 -18.92 1.05
N PRO A 40 -28.00 -19.90 1.08
CA PRO A 40 -28.91 -20.11 -0.05
C PRO A 40 -29.83 -18.94 -0.36
N ASN A 41 -30.06 -18.09 0.63
CA ASN A 41 -30.95 -16.95 0.46
C ASN A 41 -30.29 -15.58 0.41
N MET A 42 -28.99 -15.52 0.69
CA MET A 42 -28.28 -14.24 0.70
C MET A 42 -28.54 -13.36 -0.52
N ALA A 43 -28.33 -13.91 -1.71
CA ALA A 43 -28.53 -13.15 -2.94
C ALA A 43 -29.93 -12.58 -3.08
N GLU A 44 -30.94 -13.37 -2.73
CA GLU A 44 -32.32 -12.90 -2.84
C GLU A 44 -32.62 -11.76 -1.88
N TRP A 45 -32.21 -11.90 -0.62
CA TRP A 45 -32.46 -10.87 0.37
C TRP A 45 -31.81 -9.56 -0.08
N ASP A 46 -30.61 -9.67 -0.63
CA ASP A 46 -29.88 -8.50 -1.10
C ASP A 46 -30.55 -7.83 -2.29
N GLN A 47 -30.96 -8.64 -3.26
CA GLN A 47 -31.60 -8.11 -4.47
C GLN A 47 -32.97 -7.50 -4.18
N LYS A 48 -33.76 -8.15 -3.34
CA LYS A 48 -35.09 -7.67 -3.02
C LYS A 48 -35.17 -6.80 -1.77
N GLU A 49 -34.04 -6.64 -1.10
CA GLU A 49 -33.98 -5.84 0.13
C GLU A 49 -35.00 -6.35 1.14
N LEU A 50 -34.92 -7.65 1.42
CA LEU A 50 -35.84 -8.28 2.35
C LEU A 50 -35.26 -8.45 3.75
N PHE A 51 -36.05 -8.09 4.76
CA PHE A 51 -35.67 -8.23 6.17
C PHE A 51 -36.12 -9.66 6.47
N PRO A 52 -35.17 -10.62 6.56
CA PRO A 52 -35.48 -12.02 6.84
C PRO A 52 -35.97 -12.38 8.24
N VAL A 53 -37.16 -11.88 8.57
CA VAL A 53 -37.78 -12.13 9.88
C VAL A 53 -37.84 -13.62 10.25
N ASP A 54 -38.35 -14.44 9.35
CA ASP A 54 -38.48 -15.87 9.61
C ASP A 54 -37.16 -16.57 9.92
N VAL A 55 -36.13 -16.32 9.11
CA VAL A 55 -34.85 -16.96 9.35
C VAL A 55 -34.19 -16.43 10.62
N MET A 56 -34.34 -15.13 10.89
CA MET A 56 -33.74 -14.57 12.08
C MET A 56 -34.39 -15.17 13.33
N ARG A 57 -35.69 -15.45 13.26
CA ARG A 57 -36.37 -16.05 14.39
C ARG A 57 -35.90 -17.49 14.59
N LYS A 58 -35.52 -18.16 13.51
CA LYS A 58 -35.01 -19.52 13.62
C LYS A 58 -33.64 -19.43 14.28
N ALA A 59 -32.90 -18.38 13.96
CA ALA A 59 -31.57 -18.18 14.53
C ALA A 59 -31.71 -17.95 16.03
N ALA A 60 -32.73 -17.19 16.41
CA ALA A 60 -32.97 -16.87 17.82
C ALA A 60 -33.31 -18.13 18.61
N GLN A 61 -33.96 -19.10 17.96
CA GLN A 61 -34.33 -20.33 18.62
C GLN A 61 -33.08 -21.13 19.01
N LEU A 62 -31.98 -20.89 18.29
CA LEU A 62 -30.72 -21.57 18.59
C LEU A 62 -29.95 -20.79 19.66
N GLY A 63 -30.45 -19.62 20.01
CA GLY A 63 -29.82 -18.79 21.03
C GLY A 63 -29.05 -17.59 20.51
N PHE A 64 -29.23 -17.26 19.23
CA PHE A 64 -28.51 -16.13 18.64
C PHE A 64 -29.23 -14.78 18.73
N GLY A 65 -30.41 -14.76 19.35
CA GLY A 65 -31.14 -13.51 19.49
C GLY A 65 -30.62 -12.69 20.65
N GLY A 66 -30.05 -13.38 21.64
CA GLY A 66 -29.50 -12.73 22.81
C GLY A 66 -28.28 -13.52 23.21
N VAL A 67 -27.32 -13.59 22.30
CA VAL A 67 -26.09 -14.34 22.49
C VAL A 67 -25.37 -14.11 23.82
N TYR A 68 -25.14 -12.85 24.14
CA TYR A 68 -24.44 -12.52 25.37
C TYR A 68 -25.32 -11.80 26.39
N ILE A 69 -26.61 -12.12 26.35
CA ILE A 69 -27.60 -11.54 27.27
C ILE A 69 -27.78 -12.57 28.38
N GLN A 70 -28.06 -12.10 29.60
CA GLN A 70 -28.24 -13.02 30.72
C GLN A 70 -29.36 -14.01 30.49
N THR A 71 -29.17 -15.23 30.97
CA THR A 71 -30.15 -16.30 30.80
C THR A 71 -31.47 -16.08 31.54
N ASP A 72 -31.46 -15.27 32.59
CA ASP A 72 -32.69 -15.05 33.34
C ASP A 72 -33.72 -14.23 32.57
N VAL A 73 -33.29 -13.59 31.47
CA VAL A 73 -34.21 -12.80 30.65
C VAL A 73 -34.31 -13.39 29.23
N GLY A 74 -33.93 -14.66 29.09
CA GLY A 74 -34.01 -15.31 27.79
C GLY A 74 -32.73 -15.41 26.99
N GLY A 75 -31.66 -14.80 27.48
CA GLY A 75 -30.39 -14.84 26.76
C GLY A 75 -29.65 -16.16 26.82
N SER A 76 -28.54 -16.23 26.10
CA SER A 76 -27.71 -17.44 26.07
C SER A 76 -26.54 -17.33 27.05
N GLY A 77 -26.33 -16.12 27.57
CA GLY A 77 -25.27 -15.89 28.54
C GLY A 77 -23.85 -16.26 28.14
N LEU A 78 -23.52 -16.12 26.86
CA LEU A 78 -22.17 -16.46 26.39
C LEU A 78 -21.19 -15.30 26.51
N SER A 79 -19.90 -15.62 26.39
CA SER A 79 -18.82 -14.63 26.52
C SER A 79 -18.56 -13.82 25.25
N ARG A 80 -17.68 -12.83 25.36
CA ARG A 80 -17.34 -11.98 24.21
C ARG A 80 -16.67 -12.82 23.13
N LEU A 81 -15.80 -13.73 23.52
CA LEU A 81 -15.13 -14.58 22.54
C LEU A 81 -16.13 -15.53 21.92
N ASP A 82 -17.02 -16.12 22.73
CA ASP A 82 -18.04 -17.02 22.20
C ASP A 82 -18.84 -16.28 21.13
N THR A 83 -19.22 -15.05 21.45
CA THR A 83 -20.01 -14.22 20.55
C THR A 83 -19.28 -13.92 19.25
N SER A 84 -18.00 -13.59 19.36
CA SER A 84 -17.19 -13.29 18.16
C SER A 84 -17.15 -14.51 17.25
N VAL A 85 -16.95 -15.68 17.86
CA VAL A 85 -16.89 -16.94 17.11
C VAL A 85 -18.20 -17.21 16.39
N ILE A 86 -19.31 -16.94 17.06
CA ILE A 86 -20.63 -17.17 16.47
C ILE A 86 -20.92 -16.21 15.31
N PHE A 87 -20.72 -14.91 15.52
CA PHE A 87 -20.99 -13.94 14.47
C PHE A 87 -20.08 -14.14 13.25
N GLU A 88 -18.84 -14.55 13.48
CA GLU A 88 -17.91 -14.80 12.39
C GLU A 88 -18.45 -15.93 11.53
N ALA A 89 -18.94 -16.98 12.18
CA ALA A 89 -19.49 -18.13 11.46
C ALA A 89 -20.78 -17.77 10.73
N LEU A 90 -21.65 -16.99 11.38
CA LEU A 90 -22.91 -16.59 10.75
C LEU A 90 -22.67 -15.67 9.56
N ALA A 91 -21.64 -14.83 9.66
CA ALA A 91 -21.31 -13.88 8.61
C ALA A 91 -20.90 -14.54 7.29
N THR A 92 -20.52 -15.82 7.34
CA THR A 92 -20.15 -16.51 6.11
C THR A 92 -21.41 -16.80 5.29
N GLY A 93 -22.55 -16.79 5.97
CA GLY A 93 -23.84 -17.03 5.30
C GLY A 93 -24.37 -15.75 4.70
N CYS A 94 -24.44 -14.71 5.53
CA CYS A 94 -24.88 -13.38 5.10
C CYS A 94 -24.30 -12.39 6.07
N THR A 95 -23.34 -11.60 5.60
CA THR A 95 -22.69 -10.62 6.44
C THR A 95 -23.64 -9.51 6.86
N SER A 96 -24.46 -9.04 5.92
CA SER A 96 -25.43 -7.98 6.20
C SER A 96 -26.39 -8.38 7.32
N THR A 97 -27.01 -9.54 7.18
CA THR A 97 -27.97 -10.03 8.16
C THR A 97 -27.32 -10.29 9.51
N THR A 98 -26.13 -10.86 9.50
CA THR A 98 -25.42 -11.14 10.74
C THR A 98 -25.10 -9.83 11.46
N ALA A 99 -24.71 -8.81 10.68
CA ALA A 99 -24.39 -7.51 11.26
C ALA A 99 -25.62 -6.94 11.95
N TYR A 100 -26.79 -7.08 11.32
CA TYR A 100 -28.00 -6.57 11.96
C TYR A 100 -28.27 -7.34 13.26
N ILE A 101 -28.12 -8.66 13.21
CA ILE A 101 -28.34 -9.49 14.39
C ILE A 101 -27.45 -8.98 15.52
N SER A 102 -26.23 -8.59 15.17
CA SER A 102 -25.30 -8.08 16.16
C SER A 102 -25.81 -6.77 16.78
N ILE A 103 -26.35 -5.88 15.94
CA ILE A 103 -26.87 -4.60 16.41
C ILE A 103 -28.05 -4.87 17.35
N HIS A 104 -28.92 -5.79 16.95
CA HIS A 104 -30.08 -6.17 17.74
C HIS A 104 -29.61 -6.63 19.12
N ASN A 105 -28.60 -7.50 19.13
CA ASN A 105 -28.02 -8.01 20.37
C ASN A 105 -27.47 -6.91 21.26
N MET A 106 -26.84 -5.90 20.66
CA MET A 106 -26.28 -4.80 21.43
C MET A 106 -27.38 -4.03 22.14
N CYS A 107 -28.50 -3.81 21.44
CA CYS A 107 -29.62 -3.10 22.02
C CYS A 107 -30.13 -3.85 23.25
N ALA A 108 -30.27 -5.17 23.11
CA ALA A 108 -30.74 -5.99 24.21
C ALA A 108 -29.73 -5.97 25.34
N TRP A 109 -28.44 -5.94 25.01
CA TRP A 109 -27.38 -5.91 26.01
C TRP A 109 -27.43 -4.62 26.83
N MET A 110 -27.69 -3.50 26.16
CA MET A 110 -27.75 -2.21 26.85
C MET A 110 -28.87 -2.22 27.89
N ILE A 111 -30.02 -2.77 27.53
CA ILE A 111 -31.14 -2.83 28.46
C ILE A 111 -30.83 -3.81 29.58
N ASP A 112 -30.30 -4.96 29.22
CA ASP A 112 -29.95 -6.01 30.18
C ASP A 112 -28.89 -5.56 31.18
N SER A 113 -27.89 -4.83 30.70
CA SER A 113 -26.79 -4.39 31.53
C SER A 113 -27.01 -3.13 32.37
N PHE A 114 -27.85 -2.22 31.90
CA PHE A 114 -28.06 -0.96 32.62
C PHE A 114 -29.48 -0.72 33.12
N GLY A 115 -30.43 -1.51 32.65
CA GLY A 115 -31.81 -1.32 33.07
C GLY A 115 -32.13 -1.94 34.42
N ASN A 116 -33.28 -1.57 34.98
CA ASN A 116 -33.70 -2.14 36.25
C ASN A 116 -34.42 -3.46 35.98
N GLU A 117 -34.80 -4.18 37.04
CA GLU A 117 -35.45 -5.47 36.86
C GLU A 117 -36.70 -5.44 36.00
N GLU A 118 -37.55 -4.42 36.22
CA GLU A 118 -38.77 -4.30 35.44
C GLU A 118 -38.47 -4.13 33.95
N GLN A 119 -37.52 -3.26 33.65
CA GLN A 119 -37.12 -3.02 32.26
C GLN A 119 -36.53 -4.27 31.62
N ARG A 120 -35.65 -4.94 32.35
CA ARG A 120 -35.00 -6.15 31.84
C ARG A 120 -36.00 -7.27 31.50
N HIS A 121 -36.94 -7.53 32.40
CA HIS A 121 -37.91 -8.59 32.13
C HIS A 121 -39.00 -8.21 31.15
N LYS A 122 -39.16 -6.91 30.88
CA LYS A 122 -40.18 -6.47 29.94
C LYS A 122 -39.66 -6.45 28.51
N PHE A 123 -38.49 -5.85 28.31
CA PHE A 123 -37.91 -5.71 26.98
C PHE A 123 -37.00 -6.82 26.46
N CYS A 124 -36.17 -7.39 27.33
CA CYS A 124 -35.23 -8.43 26.88
C CYS A 124 -35.82 -9.75 26.40
N PRO A 125 -36.78 -10.33 27.13
CA PRO A 125 -37.34 -11.61 26.68
C PRO A 125 -37.80 -11.66 25.21
N PRO A 126 -38.62 -10.69 24.78
CA PRO A 126 -39.09 -10.69 23.39
C PRO A 126 -37.98 -10.43 22.37
N LEU A 127 -36.92 -9.75 22.80
CA LEU A 127 -35.79 -9.48 21.92
C LEU A 127 -34.98 -10.76 21.74
N CYS A 128 -34.82 -11.52 22.81
CA CYS A 128 -34.05 -12.76 22.74
C CYS A 128 -34.69 -13.82 21.84
N THR A 129 -36.01 -13.80 21.73
CA THR A 129 -36.70 -14.76 20.88
C THR A 129 -36.96 -14.11 19.52
N MET A 130 -36.66 -12.82 19.46
CA MET A 130 -36.87 -12.01 18.27
C MET A 130 -38.34 -11.93 17.89
N GLU A 131 -39.19 -12.01 18.91
CA GLU A 131 -40.63 -11.86 18.72
C GLU A 131 -40.69 -10.41 18.28
N LYS A 132 -39.80 -9.61 18.84
CA LYS A 132 -39.67 -8.19 18.52
C LYS A 132 -38.23 -7.91 18.15
N PHE A 133 -38.02 -6.93 17.28
CA PHE A 133 -36.67 -6.56 16.84
C PHE A 133 -36.32 -5.19 17.39
N ALA A 134 -35.03 -4.92 17.54
CA ALA A 134 -34.59 -3.64 18.08
C ALA A 134 -33.68 -2.87 17.13
N SER A 135 -33.68 -1.56 17.27
CA SER A 135 -32.85 -0.66 16.48
C SER A 135 -32.13 0.27 17.45
N TYR A 136 -30.89 0.62 17.12
CA TYR A 136 -30.10 1.52 17.95
C TYR A 136 -30.12 2.89 17.30
N CYS A 137 -30.57 3.90 18.04
CA CYS A 137 -30.67 5.25 17.49
C CYS A 137 -29.73 6.27 18.12
N LEU A 138 -28.60 6.50 17.47
CA LEU A 138 -27.61 7.45 17.96
C LEU A 138 -27.34 8.55 16.95
N THR A 139 -26.96 8.14 15.75
CA THR A 139 -26.61 9.07 14.68
C THR A 139 -27.73 10.01 14.24
N GLU A 140 -27.34 11.23 13.91
CA GLU A 140 -28.27 12.25 13.44
C GLU A 140 -27.62 12.94 12.24
N PRO A 141 -28.42 13.65 11.43
CA PRO A 141 -27.86 14.34 10.26
C PRO A 141 -26.65 15.22 10.61
N GLY A 142 -26.72 15.90 11.75
CA GLY A 142 -25.63 16.76 12.15
C GLY A 142 -24.65 16.15 13.15
N SER A 143 -24.84 14.89 13.50
N SER A 143 -24.85 14.89 13.48
CA SER A 143 -23.94 14.23 14.43
CA SER A 143 -23.98 14.20 14.44
C SER A 143 -23.67 12.78 14.03
C SER A 143 -23.68 12.77 14.01
N GLY A 144 -22.50 12.56 13.45
CA GLY A 144 -22.11 11.23 13.02
C GLY A 144 -20.90 10.81 13.84
N SER A 145 -19.72 11.17 13.38
CA SER A 145 -18.49 10.83 14.11
C SER A 145 -18.51 11.60 15.43
N ASP A 146 -19.04 12.81 15.41
CA ASP A 146 -19.15 13.65 16.60
C ASP A 146 -20.51 13.30 17.23
N ALA A 147 -20.62 12.05 17.66
CA ALA A 147 -21.86 11.54 18.25
C ALA A 147 -22.39 12.27 19.47
N ALA A 148 -21.49 12.74 20.33
CA ALA A 148 -21.90 13.44 21.55
C ALA A 148 -22.52 14.82 21.31
N SER A 149 -22.59 15.26 20.05
CA SER A 149 -23.16 16.56 19.74
C SER A 149 -24.62 16.43 19.29
N LEU A 150 -25.22 15.26 19.49
CA LEU A 150 -26.59 15.02 19.08
C LEU A 150 -27.55 16.12 19.56
N LEU A 151 -28.57 16.40 18.77
CA LEU A 151 -29.53 17.45 19.10
C LEU A 151 -30.91 16.97 19.54
N THR A 152 -31.24 15.71 19.27
CA THR A 152 -32.55 15.19 19.68
C THR A 152 -32.70 15.49 21.17
N SER A 153 -33.79 16.16 21.52
CA SER A 153 -34.02 16.53 22.91
C SER A 153 -35.10 15.68 23.58
N ALA A 154 -34.99 15.55 24.90
CA ALA A 154 -35.94 14.80 25.70
C ALA A 154 -36.26 15.69 26.90
N LYS A 155 -37.32 16.47 26.78
CA LYS A 155 -37.74 17.38 27.85
C LYS A 155 -38.64 16.70 28.87
N LYS A 156 -38.20 16.70 30.12
CA LYS A 156 -38.96 16.07 31.19
C LYS A 156 -40.17 16.92 31.58
N GLN A 157 -41.34 16.30 31.55
CA GLN A 157 -42.58 16.97 31.93
C GLN A 157 -43.38 15.93 32.70
N GLY A 158 -43.56 16.16 33.99
CA GLY A 158 -44.31 15.21 34.79
C GLY A 158 -43.64 13.86 34.81
N ASP A 159 -44.36 12.83 34.36
CA ASP A 159 -43.80 11.49 34.34
C ASP A 159 -43.46 11.03 32.92
N HIS A 160 -43.22 11.99 32.03
CA HIS A 160 -42.88 11.68 30.64
C HIS A 160 -41.74 12.55 30.15
N TYR A 161 -41.11 12.08 29.07
CA TYR A 161 -40.05 12.81 28.39
C TYR A 161 -40.67 13.15 27.05
N ILE A 162 -40.52 14.38 26.60
CA ILE A 162 -41.06 14.78 25.31
C ILE A 162 -39.89 14.86 24.33
N LEU A 163 -39.86 13.91 23.40
CA LEU A 163 -38.77 13.84 22.41
C LEU A 163 -39.03 14.61 21.12
N ASN A 164 -38.01 15.32 20.67
CA ASN A 164 -38.06 16.09 19.43
C ASN A 164 -36.71 15.99 18.73
N GLY A 165 -36.72 15.53 17.49
CA GLY A 165 -35.48 15.41 16.74
C GLY A 165 -35.57 14.32 15.70
N SER A 166 -34.44 14.01 15.05
CA SER A 166 -34.44 12.98 14.04
C SER A 166 -33.13 12.22 14.07
N LYS A 167 -33.20 10.92 13.84
CA LYS A 167 -32.03 10.06 13.81
C LYS A 167 -31.83 9.62 12.37
N ALA A 168 -30.58 9.37 11.98
CA ALA A 168 -30.29 8.98 10.61
C ALA A 168 -29.61 7.62 10.48
N PHE A 169 -29.81 6.98 9.32
CA PHE A 169 -29.21 5.69 9.02
C PHE A 169 -29.60 4.55 9.97
N ILE A 170 -30.76 4.63 10.61
CA ILE A 170 -31.11 3.58 11.56
C ILE A 170 -31.42 2.22 10.96
N SER A 171 -30.57 1.24 11.28
CA SER A 171 -30.73 -0.13 10.79
C SER A 171 -31.93 -0.80 11.43
N GLY A 172 -32.81 -1.34 10.58
CA GLY A 172 -33.99 -2.02 11.06
C GLY A 172 -35.17 -1.12 11.35
N ALA A 173 -34.99 0.18 11.20
CA ALA A 173 -36.06 1.13 11.46
C ALA A 173 -37.31 0.80 10.66
N GLY A 174 -38.48 0.92 11.30
CA GLY A 174 -39.72 0.59 10.63
C GLY A 174 -40.15 -0.82 10.97
N GLU A 175 -39.18 -1.73 10.98
CA GLU A 175 -39.44 -3.13 11.30
C GLU A 175 -39.33 -3.39 12.80
N SER A 176 -38.37 -2.72 13.44
CA SER A 176 -38.16 -2.87 14.86
C SER A 176 -39.31 -2.32 15.71
N ASP A 177 -39.55 -2.97 16.84
CA ASP A 177 -40.60 -2.55 17.77
C ASP A 177 -39.97 -1.79 18.93
N ILE A 178 -38.71 -2.09 19.19
N ILE A 178 -38.71 -2.09 19.21
CA ILE A 178 -37.98 -1.45 20.30
CA ILE A 178 -38.00 -1.44 20.31
C ILE A 178 -36.85 -0.59 19.76
C ILE A 178 -36.84 -0.59 19.79
N TYR A 179 -36.83 0.68 20.16
CA TYR A 179 -35.79 1.60 19.73
C TYR A 179 -35.04 2.16 20.92
N VAL A 180 -33.73 1.92 20.95
CA VAL A 180 -32.89 2.43 22.03
C VAL A 180 -32.42 3.79 21.54
N VAL A 181 -32.97 4.84 22.12
CA VAL A 181 -32.66 6.19 21.69
C VAL A 181 -31.78 7.03 22.61
N MET A 182 -30.72 7.59 22.04
CA MET A 182 -29.81 8.44 22.77
C MET A 182 -30.32 9.87 22.53
N CYS A 183 -30.73 10.54 23.59
N CYS A 183 -30.76 10.53 23.60
CA CYS A 183 -31.25 11.90 23.47
CA CYS A 183 -31.29 11.89 23.50
C CYS A 183 -30.66 12.82 24.53
C CYS A 183 -30.64 12.81 24.53
N ARG A 184 -30.81 14.11 24.33
CA ARG A 184 -30.26 15.10 25.24
C ARG A 184 -31.29 15.57 26.26
N THR A 185 -31.05 15.22 27.52
CA THR A 185 -31.93 15.59 28.62
C THR A 185 -31.35 16.76 29.41
N GLY A 186 -30.05 17.01 29.26
CA GLY A 186 -29.41 18.09 30.00
C GLY A 186 -28.70 19.12 29.15
N GLY A 187 -27.48 19.46 29.55
CA GLY A 187 -26.70 20.45 28.82
C GLY A 187 -25.94 19.85 27.67
N PRO A 188 -25.02 20.62 27.04
CA PRO A 188 -24.23 20.14 25.91
C PRO A 188 -23.18 19.11 26.31
N GLY A 189 -22.63 18.40 25.32
CA GLY A 189 -21.61 17.42 25.60
C GLY A 189 -22.16 16.05 25.97
N PRO A 190 -21.27 15.07 26.19
CA PRO A 190 -21.64 13.69 26.54
C PRO A 190 -22.46 13.59 27.83
N LYS A 191 -22.17 14.46 28.79
CA LYS A 191 -22.86 14.43 30.08
C LYS A 191 -24.34 14.77 30.07
N GLY A 192 -24.82 15.39 29.00
CA GLY A 192 -26.23 15.75 28.94
C GLY A 192 -27.08 14.76 28.19
N ILE A 193 -26.50 13.61 27.85
CA ILE A 193 -27.20 12.58 27.08
C ILE A 193 -27.74 11.43 27.94
N SER A 194 -28.95 10.98 27.62
CA SER A 194 -29.60 9.88 28.32
C SER A 194 -30.03 8.82 27.31
N CYS A 195 -30.29 7.61 27.81
CA CYS A 195 -30.72 6.49 26.99
C CYS A 195 -32.19 6.19 27.30
N ILE A 196 -33.05 6.28 26.29
CA ILE A 196 -34.47 6.03 26.47
C ILE A 196 -35.03 5.05 25.45
N VAL A 197 -35.81 4.09 25.92
CA VAL A 197 -36.42 3.10 25.03
C VAL A 197 -37.75 3.66 24.54
N VAL A 198 -37.97 3.58 23.23
CA VAL A 198 -39.20 4.06 22.63
C VAL A 198 -39.79 2.89 21.83
N GLU A 199 -41.07 2.62 22.04
CA GLU A 199 -41.72 1.52 21.34
C GLU A 199 -42.47 1.92 20.08
N LYS A 200 -42.44 1.04 19.10
CA LYS A 200 -43.13 1.28 17.84
C LYS A 200 -44.63 1.39 18.16
N GLY A 201 -45.26 2.43 17.64
CA GLY A 201 -46.68 2.62 17.92
C GLY A 201 -46.91 3.84 18.78
N THR A 202 -45.85 4.35 19.38
CA THR A 202 -45.93 5.52 20.24
C THR A 202 -46.22 6.77 19.41
N PRO A 203 -47.29 7.51 19.76
CA PRO A 203 -47.64 8.73 19.03
C PRO A 203 -46.47 9.70 18.97
N GLY A 204 -46.19 10.22 17.78
CA GLY A 204 -45.10 11.16 17.63
C GLY A 204 -43.85 10.54 17.03
N LEU A 205 -43.86 9.22 16.88
CA LEU A 205 -42.73 8.50 16.29
C LEU A 205 -43.04 8.12 14.85
N SER A 206 -42.22 8.60 13.91
CA SER A 206 -42.43 8.28 12.50
C SER A 206 -41.12 7.86 11.85
N PHE A 207 -41.19 7.43 10.59
CA PHE A 207 -39.99 6.98 9.89
C PHE A 207 -39.85 7.60 8.51
N GLY A 208 -38.59 7.75 8.08
CA GLY A 208 -38.33 8.30 6.77
C GLY A 208 -38.40 7.20 5.72
N LYS A 209 -38.08 7.54 4.48
N LYS A 209 -38.08 7.54 4.48
CA LYS A 209 -38.11 6.58 3.38
CA LYS A 209 -38.12 6.57 3.39
C LYS A 209 -37.03 5.52 3.56
C LYS A 209 -37.02 5.53 3.54
N LYS A 210 -37.22 4.37 2.92
CA LYS A 210 -36.23 3.30 2.99
C LYS A 210 -35.08 3.77 2.11
N GLU A 211 -33.89 3.87 2.68
CA GLU A 211 -32.71 4.33 1.94
C GLU A 211 -32.15 3.25 1.02
N LYS A 212 -31.73 3.66 -0.18
CA LYS A 212 -31.11 2.74 -1.13
C LYS A 212 -29.61 2.79 -0.84
N LYS A 213 -28.99 1.63 -0.65
CA LYS A 213 -27.56 1.57 -0.31
C LYS A 213 -26.77 0.60 -1.16
N VAL A 214 -25.44 0.66 -1.02
CA VAL A 214 -24.54 -0.22 -1.75
C VAL A 214 -24.62 -1.66 -1.23
N GLY A 215 -24.78 -1.80 0.08
CA GLY A 215 -24.86 -3.11 0.68
C GLY A 215 -25.68 -3.07 1.96
N TRP A 216 -25.59 -4.13 2.77
CA TRP A 216 -26.36 -4.23 4.01
C TRP A 216 -27.83 -4.06 3.62
N ASN A 217 -28.17 -4.59 2.45
CA ASN A 217 -29.52 -4.48 1.92
C ASN A 217 -30.61 -5.29 2.61
N SER A 218 -30.23 -6.32 3.36
CA SER A 218 -31.21 -7.15 4.06
C SER A 218 -31.79 -6.44 5.27
N GLN A 219 -31.21 -5.30 5.62
CA GLN A 219 -31.71 -4.52 6.75
C GLN A 219 -32.17 -3.15 6.27
N PRO A 220 -33.44 -2.80 6.54
CA PRO A 220 -33.97 -1.50 6.12
C PRO A 220 -33.23 -0.37 6.82
N THR A 221 -33.00 0.71 6.08
CA THR A 221 -32.31 1.87 6.61
C THR A 221 -33.21 3.08 6.42
N ARG A 222 -33.57 3.74 7.52
CA ARG A 222 -34.41 4.90 7.41
C ARG A 222 -34.29 5.81 8.61
N ALA A 223 -34.66 7.06 8.42
CA ALA A 223 -34.62 8.04 9.49
C ALA A 223 -35.71 7.70 10.51
N VAL A 224 -35.45 8.07 11.76
CA VAL A 224 -36.41 7.86 12.84
C VAL A 224 -36.69 9.28 13.30
N ILE A 225 -37.95 9.68 13.26
CA ILE A 225 -38.31 11.04 13.62
C ILE A 225 -39.21 11.14 14.84
N PHE A 226 -38.92 12.13 15.68
CA PHE A 226 -39.71 12.38 16.88
C PHE A 226 -40.25 13.80 16.84
N GLU A 227 -41.56 13.93 16.96
CA GLU A 227 -42.20 15.24 16.98
C GLU A 227 -43.11 15.26 18.20
N ASP A 228 -42.68 15.97 19.24
CA ASP A 228 -43.43 16.07 20.49
C ASP A 228 -43.92 14.68 20.90
N CYS A 229 -42.98 13.73 20.87
CA CYS A 229 -43.25 12.35 21.20
C CYS A 229 -43.12 12.11 22.71
N ALA A 230 -44.26 11.92 23.38
CA ALA A 230 -44.27 11.68 24.82
C ALA A 230 -43.91 10.23 25.15
N VAL A 231 -42.87 10.05 25.94
CA VAL A 231 -42.40 8.72 26.35
C VAL A 231 -42.32 8.64 27.87
N PRO A 232 -42.80 7.53 28.45
CA PRO A 232 -42.76 7.35 29.91
C PRO A 232 -41.34 7.46 30.48
N VAL A 233 -41.21 8.16 31.60
CA VAL A 233 -39.92 8.32 32.25
C VAL A 233 -39.39 6.95 32.65
N ALA A 234 -40.31 6.02 32.89
CA ALA A 234 -39.95 4.66 33.28
C ALA A 234 -39.22 3.91 32.16
N ASN A 235 -39.13 4.53 30.98
CA ASN A 235 -38.46 3.91 29.84
C ASN A 235 -36.99 4.33 29.76
N ARG A 236 -36.56 5.22 30.64
CA ARG A 236 -35.17 5.67 30.62
C ARG A 236 -34.27 4.58 31.20
N ILE A 237 -33.26 4.18 30.43
CA ILE A 237 -32.33 3.15 30.88
C ILE A 237 -31.20 3.82 31.66
N GLY A 238 -31.11 3.52 32.95
CA GLY A 238 -30.08 4.12 33.78
C GLY A 238 -30.53 5.50 34.22
N SER A 239 -29.64 6.27 34.82
CA SER A 239 -30.01 7.61 35.27
C SER A 239 -29.73 8.64 34.18
N GLU A 240 -30.25 9.85 34.37
CA GLU A 240 -30.04 10.92 33.40
C GLU A 240 -28.56 11.26 33.29
N GLY A 241 -28.09 11.44 32.06
CA GLY A 241 -26.70 11.77 31.83
C GLY A 241 -25.79 10.56 31.68
N GLN A 242 -26.38 9.37 31.67
CA GLN A 242 -25.61 8.13 31.55
C GLN A 242 -25.64 7.63 30.11
N GLY A 243 -26.38 8.34 29.26
CA GLY A 243 -26.51 7.94 27.87
C GLY A 243 -25.25 7.69 27.06
N PHE A 244 -24.31 8.62 27.09
CA PHE A 244 -23.11 8.41 26.30
C PHE A 244 -22.20 7.33 26.87
N LEU A 245 -22.27 7.11 28.18
CA LEU A 245 -21.47 6.06 28.79
C LEU A 245 -21.99 4.74 28.24
N ILE A 246 -23.31 4.59 28.24
CA ILE A 246 -23.93 3.36 27.73
C ILE A 246 -23.55 3.17 26.26
N ALA A 247 -23.56 4.25 25.50
CA ALA A 247 -23.20 4.20 24.08
C ALA A 247 -21.74 3.79 23.90
N VAL A 248 -20.85 4.40 24.67
CA VAL A 248 -19.43 4.09 24.59
C VAL A 248 -19.14 2.63 24.98
N ARG A 249 -19.84 2.12 25.98
CA ARG A 249 -19.62 0.73 26.40
C ARG A 249 -20.20 -0.22 25.36
N GLY A 250 -21.26 0.21 24.69
CA GLY A 250 -21.85 -0.62 23.67
C GLY A 250 -20.89 -0.72 22.49
N LEU A 251 -20.13 0.34 22.25
CA LEU A 251 -19.16 0.39 21.14
C LEU A 251 -18.01 -0.62 21.25
N ASN A 252 -17.59 -0.95 22.46
CA ASN A 252 -16.50 -1.91 22.60
C ASN A 252 -16.93 -3.23 21.99
N GLY A 253 -18.10 -3.71 22.39
CA GLY A 253 -18.60 -4.97 21.87
C GLY A 253 -18.97 -4.84 20.40
N GLY A 254 -19.49 -3.69 20.02
CA GLY A 254 -19.87 -3.47 18.63
C GLY A 254 -18.66 -3.52 17.72
N ARG A 255 -17.52 -2.99 18.19
CA ARG A 255 -16.30 -3.01 17.40
C ARG A 255 -15.80 -4.43 17.21
N ILE A 256 -15.88 -5.25 18.26
CA ILE A 256 -15.45 -6.64 18.19
C ILE A 256 -16.38 -7.40 17.25
N ASN A 257 -17.67 -7.20 17.42
CA ASN A 257 -18.65 -7.92 16.61
C ASN A 257 -18.73 -7.53 15.14
N ILE A 258 -18.57 -6.26 14.82
CA ILE A 258 -18.62 -5.87 13.41
C ILE A 258 -17.34 -6.40 12.76
N ALA A 259 -16.25 -6.40 13.52
CA ALA A 259 -14.97 -6.92 13.01
C ALA A 259 -15.11 -8.43 12.79
N SER A 260 -15.86 -9.08 13.67
CA SER A 260 -16.07 -10.52 13.54
C SER A 260 -16.86 -10.83 12.27
N CYS A 261 -17.78 -9.93 11.91
CA CYS A 261 -18.56 -10.10 10.69
C CYS A 261 -17.63 -9.97 9.49
N SER A 262 -16.68 -9.04 9.58
CA SER A 262 -15.70 -8.86 8.50
C SER A 262 -14.85 -10.13 8.37
N LEU A 263 -14.51 -10.75 9.51
CA LEU A 263 -13.71 -11.96 9.50
C LEU A 263 -14.42 -13.06 8.73
N GLY A 264 -15.72 -13.20 8.98
CA GLY A 264 -16.50 -14.23 8.30
C GLY A 264 -16.53 -14.03 6.79
N ALA A 265 -16.77 -12.79 6.36
CA ALA A 265 -16.83 -12.48 4.95
C ALA A 265 -15.48 -12.79 4.31
N ALA A 266 -14.40 -12.40 4.98
CA ALA A 266 -13.05 -12.64 4.45
C ALA A 266 -12.73 -14.12 4.41
N HIS A 267 -13.10 -14.86 5.46
CA HIS A 267 -12.82 -16.30 5.48
C HIS A 267 -13.55 -16.97 4.32
N ALA A 268 -14.82 -16.62 4.14
CA ALA A 268 -15.61 -17.20 3.06
C ALA A 268 -14.97 -16.86 1.72
N SER A 269 -14.49 -15.62 1.59
CA SER A 269 -13.85 -15.18 0.35
C SER A 269 -12.56 -15.92 0.06
N VAL A 270 -11.79 -16.24 1.10
CA VAL A 270 -10.54 -16.96 0.92
C VAL A 270 -10.84 -18.39 0.45
N ILE A 271 -11.81 -19.03 1.08
CA ILE A 271 -12.17 -20.39 0.70
C ILE A 271 -12.67 -20.43 -0.75
N LEU A 272 -13.56 -19.50 -1.10
CA LEU A 272 -14.09 -19.46 -2.46
C LEU A 272 -12.97 -19.25 -3.47
N THR A 273 -12.03 -18.38 -3.11
CA THR A 273 -10.89 -18.07 -3.98
C THR A 273 -9.98 -19.28 -4.20
N ARG A 274 -9.66 -19.97 -3.11
CA ARG A 274 -8.79 -21.14 -3.19
C ARG A 274 -9.42 -22.19 -4.10
N ASP A 275 -10.70 -22.47 -3.89
CA ASP A 275 -11.39 -23.46 -4.73
C ASP A 275 -11.45 -23.02 -6.18
N HIS A 276 -11.74 -21.73 -6.41
CA HIS A 276 -11.83 -21.22 -7.77
C HIS A 276 -10.51 -21.33 -8.53
N LEU A 277 -9.40 -21.02 -7.86
CA LEU A 277 -8.09 -21.08 -8.51
C LEU A 277 -7.74 -22.50 -8.93
N ASN A 278 -8.18 -23.47 -8.13
CA ASN A 278 -7.91 -24.88 -8.43
C ASN A 278 -8.80 -25.45 -9.52
N VAL A 279 -10.00 -24.90 -9.68
CA VAL A 279 -10.95 -25.40 -10.68
C VAL A 279 -10.96 -24.68 -12.02
N ARG A 280 -10.93 -23.35 -12.00
CA ARG A 280 -10.97 -22.59 -13.25
C ARG A 280 -9.64 -22.69 -14.00
N LYS A 281 -9.74 -23.01 -15.28
CA LYS A 281 -8.55 -23.14 -16.12
C LYS A 281 -8.49 -22.10 -17.23
N GLN A 282 -7.29 -21.57 -17.45
CA GLN A 282 -7.00 -20.60 -18.52
C GLN A 282 -5.58 -20.95 -18.96
N PHE A 283 -5.32 -20.83 -20.26
CA PHE A 283 -4.00 -21.14 -20.81
C PHE A 283 -3.64 -22.61 -20.59
N GLY A 284 -4.67 -23.46 -20.55
CA GLY A 284 -4.46 -24.89 -20.38
C GLY A 284 -4.12 -25.38 -18.99
N GLU A 285 -4.14 -24.49 -18.01
CA GLU A 285 -3.81 -24.87 -16.64
C GLU A 285 -4.72 -24.19 -15.63
N PRO A 286 -4.79 -24.72 -14.42
CA PRO A 286 -5.65 -24.10 -13.40
C PRO A 286 -5.06 -22.72 -13.12
N LEU A 287 -5.91 -21.78 -12.70
CA LEU A 287 -5.41 -20.45 -12.40
C LEU A 287 -4.38 -20.53 -11.28
N ALA A 288 -4.50 -21.55 -10.44
CA ALA A 288 -3.58 -21.75 -9.32
C ALA A 288 -2.14 -21.99 -9.76
N SER A 289 -1.93 -22.25 -11.04
N SER A 289 -1.92 -22.24 -11.04
CA SER A 289 -0.59 -22.48 -11.57
CA SER A 289 -0.57 -22.49 -11.55
C SER A 289 0.19 -21.18 -11.74
C SER A 289 0.20 -21.18 -11.71
N ASN A 290 -0.51 -20.05 -11.65
CA ASN A 290 0.12 -18.75 -11.81
C ASN A 290 0.65 -18.23 -10.48
N GLN A 291 1.97 -18.06 -10.42
CA GLN A 291 2.62 -17.61 -9.18
C GLN A 291 2.08 -16.32 -8.60
N TYR A 292 1.74 -15.35 -9.43
CA TYR A 292 1.23 -14.10 -8.89
C TYR A 292 -0.05 -14.33 -8.09
N LEU A 293 -0.92 -15.20 -8.61
CA LEU A 293 -2.17 -15.51 -7.93
C LEU A 293 -1.91 -16.32 -6.67
N GLN A 294 -0.91 -17.20 -6.71
CA GLN A 294 -0.55 -17.99 -5.53
C GLN A 294 -0.10 -17.04 -4.42
N PHE A 295 0.74 -16.07 -4.76
CA PHE A 295 1.24 -15.11 -3.77
C PHE A 295 0.14 -14.24 -3.19
N THR A 296 -0.80 -13.83 -4.04
CA THR A 296 -1.90 -13.00 -3.57
C THR A 296 -2.70 -13.79 -2.54
N LEU A 297 -2.94 -15.07 -2.85
CA LEU A 297 -3.68 -15.92 -1.93
C LEU A 297 -2.94 -16.08 -0.61
N ALA A 298 -1.61 -16.20 -0.69
CA ALA A 298 -0.79 -16.36 0.52
C ALA A 298 -0.95 -15.12 1.40
N ASP A 299 -0.98 -13.94 0.77
CA ASP A 299 -1.15 -12.69 1.50
C ASP A 299 -2.53 -12.65 2.15
N MET A 300 -3.55 -13.04 1.39
CA MET A 300 -4.91 -13.04 1.90
C MET A 300 -5.02 -13.93 3.14
N ALA A 301 -4.47 -15.14 3.07
CA ALA A 301 -4.55 -16.07 4.18
C ALA A 301 -3.79 -15.58 5.39
N THR A 302 -2.59 -15.06 5.16
CA THR A 302 -1.76 -14.54 6.24
C THR A 302 -2.44 -13.40 6.99
N ARG A 303 -3.04 -12.47 6.24
CA ARG A 303 -3.69 -11.34 6.87
C ARG A 303 -5.01 -11.71 7.54
N LEU A 304 -5.65 -12.76 7.04
CA LEU A 304 -6.89 -13.23 7.65
C LEU A 304 -6.54 -13.79 9.02
N VAL A 305 -5.49 -14.60 9.09
CA VAL A 305 -5.05 -15.17 10.37
C VAL A 305 -4.69 -14.04 11.34
N ALA A 306 -4.00 -13.02 10.84
CA ALA A 306 -3.62 -11.89 11.69
C ALA A 306 -4.85 -11.15 12.19
N ALA A 307 -5.83 -10.96 11.31
CA ALA A 307 -7.06 -10.27 11.69
C ALA A 307 -7.82 -11.07 12.74
N ARG A 308 -7.88 -12.38 12.56
CA ARG A 308 -8.59 -13.24 13.51
C ARG A 308 -7.92 -13.17 14.88
N LEU A 309 -6.60 -13.23 14.91
CA LEU A 309 -5.88 -13.15 16.18
C LEU A 309 -6.19 -11.82 16.86
N MET A 310 -6.21 -10.73 16.09
CA MET A 310 -6.48 -9.42 16.65
C MET A 310 -7.88 -9.31 17.25
N VAL A 311 -8.89 -9.78 16.53
CA VAL A 311 -10.26 -9.71 17.02
C VAL A 311 -10.46 -10.58 18.26
N ARG A 312 -9.96 -11.80 18.24
CA ARG A 312 -10.12 -12.69 19.39
C ARG A 312 -9.34 -12.23 20.60
N ASN A 313 -8.20 -11.58 20.36
CA ASN A 313 -7.35 -11.07 21.43
C ASN A 313 -8.12 -9.95 22.15
N ALA A 314 -8.79 -9.12 21.36
CA ALA A 314 -9.56 -8.02 21.92
C ALA A 314 -10.76 -8.55 22.70
N ALA A 315 -11.42 -9.56 22.14
CA ALA A 315 -12.59 -10.14 22.80
C ALA A 315 -12.23 -10.69 24.18
N VAL A 316 -11.10 -11.40 24.26
CA VAL A 316 -10.67 -11.96 25.53
C VAL A 316 -10.31 -10.84 26.50
N ALA A 317 -9.61 -9.83 26.01
CA ALA A 317 -9.24 -8.69 26.86
C ALA A 317 -10.48 -8.02 27.44
N LEU A 318 -11.53 -7.91 26.63
CA LEU A 318 -12.75 -7.26 27.09
C LEU A 318 -13.50 -8.09 28.13
N GLN A 319 -13.64 -9.40 27.89
CA GLN A 319 -14.35 -10.25 28.84
C GLN A 319 -13.56 -10.38 30.14
N GLU A 320 -12.24 -10.19 30.09
CA GLU A 320 -11.40 -10.27 31.28
C GLU A 320 -11.32 -8.92 31.99
N GLU A 321 -11.99 -7.92 31.44
CA GLU A 321 -12.01 -6.58 32.02
C GLU A 321 -10.64 -5.91 32.14
N ARG A 322 -9.74 -6.21 31.20
CA ARG A 322 -8.40 -5.65 31.22
C ARG A 322 -8.41 -4.15 30.92
N LYS A 323 -7.44 -3.44 31.49
CA LYS A 323 -7.33 -2.00 31.29
C LYS A 323 -6.93 -1.60 29.87
N ASP A 324 -6.45 -2.56 29.07
CA ASP A 324 -6.07 -2.26 27.71
C ASP A 324 -7.16 -2.70 26.73
N ALA A 325 -8.24 -3.24 27.28
CA ALA A 325 -9.35 -3.73 26.44
C ALA A 325 -9.94 -2.70 25.48
N VAL A 326 -10.25 -1.51 25.98
CA VAL A 326 -10.85 -0.49 25.13
C VAL A 326 -9.98 -0.13 23.93
N ALA A 327 -8.68 0.03 24.15
CA ALA A 327 -7.78 0.35 23.06
C ALA A 327 -7.65 -0.83 22.11
N LEU A 328 -7.62 -2.04 22.65
CA LEU A 328 -7.49 -3.24 21.83
C LEU A 328 -8.70 -3.44 20.92
N CYS A 329 -9.89 -3.11 21.42
CA CYS A 329 -11.09 -3.24 20.61
C CYS A 329 -11.03 -2.29 19.42
N SER A 330 -10.50 -1.10 19.64
CA SER A 330 -10.37 -0.12 18.55
C SER A 330 -9.32 -0.59 17.55
N MET A 331 -8.19 -1.08 18.04
CA MET A 331 -7.13 -1.58 17.16
C MET A 331 -7.63 -2.77 16.34
N ALA A 332 -8.36 -3.67 16.99
CA ALA A 332 -8.86 -4.84 16.30
C ALA A 332 -9.86 -4.45 15.22
N LYS A 333 -10.77 -3.54 15.55
CA LYS A 333 -11.78 -3.10 14.58
C LYS A 333 -11.09 -2.42 13.40
N LEU A 334 -10.13 -1.54 13.70
CA LEU A 334 -9.40 -0.83 12.65
C LEU A 334 -8.67 -1.82 11.74
N PHE A 335 -7.85 -2.67 12.33
CA PHE A 335 -7.07 -3.64 11.58
C PHE A 335 -7.92 -4.64 10.80
N ALA A 336 -8.88 -5.27 11.48
CA ALA A 336 -9.70 -6.28 10.83
C ALA A 336 -10.62 -5.75 9.73
N THR A 337 -11.29 -4.63 9.94
CA THR A 337 -12.19 -4.15 8.89
C THR A 337 -11.42 -3.68 7.66
N ASP A 338 -10.22 -3.15 7.86
CA ASP A 338 -9.39 -2.71 6.74
C ASP A 338 -8.85 -3.93 5.98
N GLU A 339 -8.21 -4.84 6.71
CA GLU A 339 -7.63 -6.02 6.08
C GLU A 339 -8.65 -6.96 5.45
N CYS A 340 -9.78 -7.15 6.12
CA CYS A 340 -10.80 -8.03 5.58
C CYS A 340 -11.47 -7.48 4.33
N PHE A 341 -11.69 -6.17 4.27
CA PHE A 341 -12.29 -5.62 3.05
C PHE A 341 -11.30 -5.88 1.90
N ALA A 342 -10.02 -5.63 2.15
CA ALA A 342 -8.99 -5.85 1.13
C ALA A 342 -8.98 -7.30 0.66
N ILE A 343 -9.12 -8.23 1.60
CA ILE A 343 -9.12 -9.66 1.26
C ILE A 343 -10.31 -9.98 0.34
N CYS A 344 -11.49 -9.50 0.70
CA CYS A 344 -12.68 -9.75 -0.10
C CYS A 344 -12.55 -9.12 -1.49
N ASN A 345 -11.95 -7.94 -1.56
CA ASN A 345 -11.79 -7.26 -2.83
C ASN A 345 -10.78 -7.99 -3.71
N GLN A 346 -9.75 -8.57 -3.10
CA GLN A 346 -8.76 -9.32 -3.87
C GLN A 346 -9.42 -10.59 -4.35
N ALA A 347 -10.28 -11.17 -3.53
CA ALA A 347 -10.99 -12.40 -3.91
C ALA A 347 -11.87 -12.10 -5.12
N LEU A 348 -12.44 -10.89 -5.16
CA LEU A 348 -13.30 -10.53 -6.28
C LEU A 348 -12.43 -10.50 -7.55
N GLN A 349 -11.26 -9.87 -7.44
CA GLN A 349 -10.34 -9.79 -8.57
C GLN A 349 -9.98 -11.18 -9.09
N MET A 350 -9.75 -12.11 -8.16
CA MET A 350 -9.37 -13.49 -8.49
C MET A 350 -10.45 -14.25 -9.26
N HIS A 351 -11.70 -13.80 -9.14
CA HIS A 351 -12.80 -14.44 -9.84
C HIS A 351 -12.98 -13.88 -11.24
N GLY A 352 -12.24 -12.81 -11.55
CA GLY A 352 -12.36 -12.21 -12.86
C GLY A 352 -13.73 -11.56 -13.01
N GLY A 353 -14.26 -11.56 -14.24
CA GLY A 353 -15.56 -10.96 -14.49
C GLY A 353 -16.67 -11.55 -13.64
N TYR A 354 -16.55 -12.83 -13.31
CA TYR A 354 -17.55 -13.52 -12.51
C TYR A 354 -17.70 -12.90 -11.12
N GLY A 355 -16.62 -12.34 -10.60
CA GLY A 355 -16.67 -11.73 -9.28
C GLY A 355 -17.55 -10.49 -9.25
N TYR A 356 -17.83 -9.92 -10.42
CA TYR A 356 -18.63 -8.72 -10.53
C TYR A 356 -20.13 -9.05 -10.66
N LEU A 357 -20.45 -10.33 -10.83
CA LEU A 357 -21.83 -10.76 -11.00
C LEU A 357 -22.49 -11.13 -9.68
N LYS A 358 -23.75 -10.74 -9.51
CA LYS A 358 -24.48 -11.02 -8.29
C LYS A 358 -24.68 -12.51 -8.03
N ASP A 359 -24.44 -13.35 -9.04
CA ASP A 359 -24.59 -14.80 -8.88
C ASP A 359 -23.44 -15.35 -8.06
N TYR A 360 -22.40 -14.55 -7.88
CA TYR A 360 -21.23 -14.95 -7.10
C TYR A 360 -21.19 -14.19 -5.79
N ALA A 361 -21.12 -14.92 -4.69
CA ALA A 361 -21.13 -14.34 -3.34
C ALA A 361 -20.04 -13.32 -3.01
N VAL A 362 -18.84 -13.51 -3.55
N VAL A 362 -18.84 -13.51 -3.55
CA VAL A 362 -17.73 -12.60 -3.26
CA VAL A 362 -17.73 -12.61 -3.27
C VAL A 362 -18.05 -11.11 -3.37
C VAL A 362 -18.05 -11.12 -3.38
N GLN A 363 -18.82 -10.72 -4.39
CA GLN A 363 -19.14 -9.31 -4.53
C GLN A 363 -20.01 -8.78 -3.40
N GLN A 364 -20.83 -9.63 -2.77
CA GLN A 364 -21.63 -9.12 -1.67
C GLN A 364 -20.78 -9.03 -0.39
N TYR A 365 -19.80 -9.92 -0.24
CA TYR A 365 -18.91 -9.85 0.91
C TYR A 365 -18.15 -8.53 0.79
N VAL A 366 -17.81 -8.16 -0.43
CA VAL A 366 -17.11 -6.91 -0.68
C VAL A 366 -18.02 -5.72 -0.35
N ARG A 367 -19.23 -5.74 -0.90
CA ARG A 367 -20.16 -4.64 -0.66
C ARG A 367 -20.56 -4.50 0.81
N ASP A 368 -20.82 -5.62 1.48
CA ASP A 368 -21.21 -5.57 2.89
C ASP A 368 -20.04 -5.21 3.81
N SER A 369 -18.89 -5.84 3.62
CA SER A 369 -17.73 -5.56 4.48
C SER A 369 -17.17 -4.15 4.31
N ARG A 370 -17.42 -3.53 3.16
CA ARG A 370 -16.93 -2.19 2.91
C ARG A 370 -17.42 -1.17 3.93
N VAL A 371 -18.69 -1.27 4.30
CA VAL A 371 -19.26 -0.31 5.24
C VAL A 371 -18.75 -0.46 6.67
N HIS A 372 -18.19 -1.63 6.99
CA HIS A 372 -17.69 -1.87 8.34
C HIS A 372 -16.54 -0.91 8.68
N GLN A 373 -15.90 -0.36 7.67
CA GLN A 373 -14.78 0.58 7.87
C GLN A 373 -15.31 1.96 8.27
N ILE A 374 -16.63 2.15 8.16
CA ILE A 374 -17.25 3.42 8.49
C ILE A 374 -18.04 3.40 9.80
N LEU A 375 -18.59 2.23 10.14
CA LEU A 375 -19.43 2.07 11.34
C LEU A 375 -18.74 1.74 12.66
N GLU A 376 -19.51 1.87 13.75
CA GLU A 376 -19.03 1.60 15.11
C GLU A 376 -17.81 2.48 15.39
N GLY A 377 -17.82 3.66 14.78
CA GLY A 377 -16.69 4.56 14.91
C GLY A 377 -15.85 4.26 13.68
N SER A 378 -15.84 5.18 12.73
CA SER A 378 -15.09 5.00 11.49
C SER A 378 -13.63 4.70 11.80
N ASN A 379 -12.92 4.15 10.83
CA ASN A 379 -11.52 3.83 11.06
C ASN A 379 -10.68 5.08 11.30
N GLU A 380 -11.16 6.23 10.83
CA GLU A 380 -10.43 7.47 11.07
C GLU A 380 -10.58 7.75 12.57
N VAL A 381 -11.79 7.57 13.08
CA VAL A 381 -12.06 7.78 14.50
C VAL A 381 -11.26 6.78 15.33
N MET A 382 -11.11 5.55 14.84
CA MET A 382 -10.34 4.55 15.57
C MET A 382 -8.91 5.06 15.76
N ARG A 383 -8.35 5.69 14.72
CA ARG A 383 -7.00 6.21 14.80
C ARG A 383 -6.90 7.37 15.79
N ILE A 384 -7.94 8.18 15.89
CA ILE A 384 -7.96 9.29 16.84
C ILE A 384 -7.87 8.71 18.26
N LEU A 385 -8.73 7.73 18.53
CA LEU A 385 -8.78 7.08 19.85
C LEU A 385 -7.49 6.36 20.22
N ILE A 386 -6.94 5.60 19.29
CA ILE A 386 -5.72 4.85 19.53
C ILE A 386 -4.53 5.79 19.76
N SER A 387 -4.36 6.77 18.89
CA SER A 387 -3.25 7.71 19.03
C SER A 387 -3.34 8.50 20.33
N ARG A 388 -4.56 8.92 20.67
CA ARG A 388 -4.78 9.67 21.89
C ARG A 388 -4.27 8.86 23.08
N SER A 389 -4.67 7.60 23.13
CA SER A 389 -4.28 6.69 24.19
C SER A 389 -2.77 6.50 24.29
N LEU A 390 -2.12 6.29 23.14
CA LEU A 390 -0.68 6.08 23.12
C LEU A 390 0.12 7.33 23.48
N LEU A 391 -0.30 8.48 22.97
CA LEU A 391 0.38 9.73 23.24
C LEU A 391 0.21 10.24 24.66
N GLN A 392 -0.85 9.77 25.33
CA GLN A 392 -1.15 10.18 26.70
C GLN A 392 -0.26 9.44 27.70
N GLU A 393 0.35 8.34 27.26
CA GLU A 393 1.22 7.56 28.12
C GLU A 393 2.69 7.84 27.81
N THR B 10 -2.79 0.14 31.68
CA THR B 10 -2.04 -0.81 30.81
C THR B 10 -1.89 -0.28 29.39
N SER B 11 -0.65 -0.15 28.94
CA SER B 11 -0.35 0.36 27.61
C SER B 11 -1.00 -0.51 26.53
N CYS B 12 -1.43 0.13 25.44
CA CYS B 12 -2.06 -0.62 24.35
C CYS B 12 -1.01 -1.41 23.56
N ILE B 13 0.27 -1.24 23.89
CA ILE B 13 1.32 -1.98 23.22
C ILE B 13 2.20 -2.69 24.25
N ASP B 14 1.63 -2.91 25.43
CA ASP B 14 2.32 -3.60 26.52
C ASP B 14 2.84 -4.95 26.03
N PRO B 15 4.17 -5.13 26.03
CA PRO B 15 4.76 -6.39 25.58
C PRO B 15 4.69 -7.54 26.58
N SER B 16 4.24 -7.26 27.80
N SER B 16 4.24 -7.25 27.79
CA SER B 16 4.16 -8.29 28.83
CA SER B 16 4.15 -8.27 28.84
C SER B 16 2.78 -8.94 28.93
C SER B 16 2.78 -8.92 28.95
N MET B 17 1.76 -8.28 28.39
CA MET B 17 0.41 -8.82 28.43
C MET B 17 0.30 -10.23 27.85
N GLY B 18 -0.32 -11.13 28.61
CA GLY B 18 -0.50 -12.50 28.15
C GLY B 18 0.58 -13.47 28.55
N LEU B 19 1.76 -12.97 28.94
CA LEU B 19 2.86 -13.84 29.34
C LEU B 19 2.66 -14.36 30.76
N ASN B 20 3.27 -15.50 31.08
CA ASN B 20 3.15 -16.03 32.44
C ASN B 20 4.18 -15.33 33.31
N GLU B 21 4.10 -15.53 34.61
CA GLU B 21 5.02 -14.86 35.53
C GLU B 21 6.50 -15.10 35.22
N GLU B 22 6.86 -16.33 34.90
CA GLU B 22 8.24 -16.66 34.58
C GLU B 22 8.72 -15.90 33.35
N GLN B 23 7.88 -15.83 32.33
CA GLN B 23 8.21 -15.13 31.10
C GLN B 23 8.38 -13.64 31.31
N LYS B 24 7.53 -13.06 32.16
CA LYS B 24 7.64 -11.63 32.43
C LYS B 24 8.99 -11.33 33.08
N GLU B 25 9.48 -12.27 33.87
CA GLU B 25 10.77 -12.10 34.53
C GLU B 25 11.90 -12.19 33.50
N PHE B 26 11.82 -13.19 32.63
CA PHE B 26 12.81 -13.38 31.56
C PHE B 26 12.90 -12.10 30.76
N GLN B 27 11.73 -11.58 30.40
CA GLN B 27 11.63 -10.36 29.60
C GLN B 27 12.30 -9.17 30.27
N LYS B 28 12.06 -9.02 31.57
CA LYS B 28 12.63 -7.93 32.35
C LYS B 28 14.15 -8.02 32.37
N VAL B 29 14.68 -9.23 32.59
CA VAL B 29 16.12 -9.44 32.61
C VAL B 29 16.75 -9.11 31.26
N ALA B 30 16.15 -9.60 30.19
CA ALA B 30 16.66 -9.37 28.85
C ALA B 30 16.62 -7.89 28.49
N PHE B 31 15.51 -7.23 28.80
CA PHE B 31 15.37 -5.81 28.49
C PHE B 31 16.38 -4.95 29.25
N ASP B 32 16.53 -5.23 30.54
CA ASP B 32 17.47 -4.48 31.37
C ASP B 32 18.89 -4.68 30.85
N PHE B 33 19.21 -5.89 30.44
CA PHE B 33 20.54 -6.18 29.92
C PHE B 33 20.74 -5.39 28.63
N ALA B 34 19.73 -5.40 27.77
CA ALA B 34 19.79 -4.69 26.50
C ALA B 34 19.98 -3.19 26.70
N ALA B 35 19.24 -2.62 27.65
CA ALA B 35 19.32 -1.18 27.91
C ALA B 35 20.67 -0.78 28.50
N ARG B 36 21.24 -1.66 29.32
CA ARG B 36 22.51 -1.39 29.98
C ARG B 36 23.77 -1.73 29.21
N GLU B 37 23.78 -2.89 28.55
CA GLU B 37 24.97 -3.37 27.83
C GLU B 37 24.97 -3.26 26.32
N MET B 38 23.78 -3.19 25.71
CA MET B 38 23.72 -3.15 24.25
C MET B 38 23.38 -1.79 23.64
N ALA B 39 22.26 -1.20 24.07
CA ALA B 39 21.84 0.10 23.54
C ALA B 39 22.93 1.18 23.54
N PRO B 40 23.64 1.35 24.66
CA PRO B 40 24.69 2.38 24.71
C PRO B 40 25.86 2.14 23.75
N ASN B 41 26.01 0.90 23.29
CA ASN B 41 27.10 0.55 22.40
C ASN B 41 26.71 0.23 20.96
N MET B 42 25.41 0.14 20.71
CA MET B 42 24.91 -0.21 19.37
C MET B 42 25.54 0.59 18.23
N ALA B 43 25.47 1.91 18.33
CA ALA B 43 26.01 2.78 17.30
C ALA B 43 27.49 2.53 17.03
N GLU B 44 28.27 2.31 18.09
CA GLU B 44 29.69 2.07 17.92
C GLU B 44 29.99 0.74 17.24
N TRP B 45 29.29 -0.33 17.64
CA TRP B 45 29.52 -1.64 17.03
C TRP B 45 29.19 -1.58 15.54
N ASP B 46 28.14 -0.84 15.20
CA ASP B 46 27.70 -0.69 13.82
C ASP B 46 28.70 0.11 12.99
N GLN B 47 29.16 1.23 13.54
CA GLN B 47 30.11 2.09 12.86
C GLN B 47 31.48 1.44 12.66
N LYS B 48 31.96 0.75 13.69
CA LYS B 48 33.27 0.11 13.63
C LYS B 48 33.22 -1.36 13.20
N GLU B 49 32.01 -1.87 12.98
CA GLU B 49 31.81 -3.26 12.58
C GLU B 49 32.52 -4.20 13.55
N LEU B 50 32.21 -4.05 14.83
CA LEU B 50 32.81 -4.85 15.88
C LEU B 50 31.93 -6.02 16.33
N PHE B 51 32.54 -7.20 16.44
CA PHE B 51 31.84 -8.41 16.90
C PHE B 51 32.01 -8.29 18.43
N PRO B 52 30.93 -7.90 19.14
CA PRO B 52 30.91 -7.70 20.60
C PRO B 52 31.08 -8.94 21.48
N VAL B 53 32.26 -9.54 21.40
CA VAL B 53 32.57 -10.74 22.17
C VAL B 53 32.32 -10.63 23.67
N ASP B 54 32.84 -9.58 24.30
CA ASP B 54 32.66 -9.43 25.74
C ASP B 54 31.21 -9.28 26.19
N VAL B 55 30.44 -8.46 25.50
CA VAL B 55 29.04 -8.27 25.86
C VAL B 55 28.23 -9.54 25.61
N MET B 56 28.50 -10.22 24.50
CA MET B 56 27.77 -11.45 24.22
C MET B 56 28.06 -12.49 25.29
N ARG B 57 29.29 -12.52 25.78
CA ARG B 57 29.62 -13.47 26.84
C ARG B 57 28.89 -13.13 28.13
N LYS B 58 28.62 -11.83 28.33
CA LYS B 58 27.89 -11.41 29.52
C LYS B 58 26.45 -11.89 29.34
N ALA B 59 25.97 -11.82 28.11
CA ALA B 59 24.62 -12.25 27.79
C ALA B 59 24.50 -13.75 28.07
N ALA B 60 25.54 -14.50 27.68
CA ALA B 60 25.54 -15.95 27.90
C ALA B 60 25.52 -16.28 29.39
N GLN B 61 26.15 -15.43 30.20
CA GLN B 61 26.17 -15.64 31.64
C GLN B 61 24.76 -15.62 32.21
N LEU B 62 23.87 -14.87 31.56
CA LEU B 62 22.49 -14.77 31.99
C LEU B 62 21.68 -15.94 31.41
N GLY B 63 22.31 -16.73 30.55
CA GLY B 63 21.65 -17.87 29.95
C GLY B 63 21.13 -17.66 28.53
N PHE B 64 21.61 -16.61 27.87
CA PHE B 64 21.16 -16.31 26.52
C PHE B 64 22.03 -16.94 25.42
N GLY B 65 23.05 -17.70 25.83
CA GLY B 65 23.91 -18.36 24.87
C GLY B 65 23.31 -19.64 24.35
N GLY B 66 22.46 -20.25 25.16
CA GLY B 66 21.79 -21.48 24.79
C GLY B 66 20.40 -21.42 25.41
N VAL B 67 19.63 -20.41 24.99
CA VAL B 67 18.29 -20.19 25.52
C VAL B 67 17.39 -21.41 25.52
N TYR B 68 17.29 -22.08 24.39
CA TYR B 68 16.43 -23.25 24.29
C TYR B 68 17.18 -24.56 24.12
N ILE B 69 18.40 -24.59 24.66
CA ILE B 69 19.27 -25.77 24.64
C ILE B 69 19.02 -26.49 25.96
N GLN B 70 19.13 -27.82 25.97
CA GLN B 70 18.92 -28.57 27.19
C GLN B 70 19.89 -28.17 28.30
N THR B 71 19.41 -28.16 29.54
CA THR B 71 20.22 -27.76 30.67
C THR B 71 21.37 -28.73 30.97
N ASP B 72 21.24 -29.98 30.54
CA ASP B 72 22.30 -30.95 30.82
C ASP B 72 23.60 -30.64 30.07
N VAL B 73 23.52 -29.85 29.01
CA VAL B 73 24.72 -29.48 28.27
C VAL B 73 25.02 -27.99 28.35
N GLY B 74 24.52 -27.35 29.42
CA GLY B 74 24.78 -25.94 29.62
C GLY B 74 23.70 -24.97 29.17
N GLY B 75 22.62 -25.48 28.60
CA GLY B 75 21.56 -24.62 28.13
C GLY B 75 20.63 -24.11 29.22
N SER B 76 19.66 -23.28 28.83
CA SER B 76 18.70 -22.71 29.78
C SER B 76 17.38 -23.48 29.75
N GLY B 77 17.24 -24.36 28.76
CA GLY B 77 16.04 -25.18 28.64
C GLY B 77 14.71 -24.47 28.50
N LEU B 78 14.68 -23.30 27.89
CA LEU B 78 13.45 -22.56 27.73
C LEU B 78 12.66 -22.93 26.47
N SER B 79 11.39 -22.53 26.42
CA SER B 79 10.50 -22.84 25.30
C SER B 79 10.61 -21.88 24.12
N ARG B 80 9.86 -22.20 23.05
CA ARG B 80 9.86 -21.36 21.85
C ARG B 80 9.32 -19.98 22.16
N LEU B 81 8.24 -19.91 22.93
CA LEU B 81 7.67 -18.61 23.28
C LEU B 81 8.63 -17.86 24.19
N ASP B 82 9.22 -18.56 25.16
CA ASP B 82 10.18 -17.91 26.06
C ASP B 82 11.29 -17.28 25.23
N THR B 83 11.78 -18.02 24.25
CA THR B 83 12.86 -17.55 23.38
C THR B 83 12.47 -16.32 22.57
N SER B 84 11.25 -16.32 22.05
CA SER B 84 10.75 -15.20 21.27
C SER B 84 10.73 -13.93 22.12
N VAL B 85 10.21 -14.07 23.34
CA VAL B 85 10.12 -12.96 24.28
C VAL B 85 11.50 -12.40 24.57
N ILE B 86 12.46 -13.28 24.80
CA ILE B 86 13.83 -12.88 25.10
C ILE B 86 14.50 -12.16 23.93
N PHE B 87 14.43 -12.73 22.74
CA PHE B 87 15.06 -12.10 21.58
C PHE B 87 14.40 -10.78 21.23
N GLU B 88 13.08 -10.69 21.40
CA GLU B 88 12.38 -9.45 21.13
C GLU B 88 12.92 -8.37 22.06
N ALA B 89 13.08 -8.69 23.33
CA ALA B 89 13.61 -7.74 24.31
C ALA B 89 15.05 -7.35 24.01
N LEU B 90 15.89 -8.33 23.64
CA LEU B 90 17.29 -8.04 23.35
C LEU B 90 17.45 -7.18 22.10
N ALA B 91 16.58 -7.40 21.12
CA ALA B 91 16.63 -6.66 19.87
C ALA B 91 16.37 -5.16 20.04
N THR B 92 15.78 -4.77 21.16
CA THR B 92 15.53 -3.34 21.39
C THR B 92 16.88 -2.66 21.69
N GLY B 93 17.87 -3.46 22.09
CA GLY B 93 19.19 -2.93 22.39
C GLY B 93 20.04 -2.88 21.13
N CYS B 94 20.10 -3.99 20.41
CA CYS B 94 20.82 -4.08 19.14
C CYS B 94 20.19 -5.24 18.39
N THR B 95 19.52 -4.91 17.30
CA THR B 95 18.85 -5.94 16.51
C THR B 95 19.86 -6.83 15.80
N SER B 96 20.92 -6.23 15.28
CA SER B 96 21.97 -6.97 14.58
C SER B 96 22.60 -8.04 15.48
N THR B 97 23.04 -7.62 16.65
CA THR B 97 23.69 -8.53 17.58
C THR B 97 22.75 -9.60 18.10
N THR B 98 21.50 -9.24 18.33
CA THR B 98 20.53 -10.21 18.81
C THR B 98 20.29 -11.25 17.73
N ALA B 99 20.24 -10.80 16.48
CA ALA B 99 20.02 -11.72 15.38
C ALA B 99 21.17 -12.73 15.31
N TYR B 100 22.40 -12.27 15.55
CA TYR B 100 23.51 -13.21 15.52
C TYR B 100 23.41 -14.20 16.67
N ILE B 101 23.04 -13.69 17.85
CA ILE B 101 22.89 -14.56 19.01
C ILE B 101 21.89 -15.67 18.67
N SER B 102 20.82 -15.31 17.95
N SER B 102 20.82 -15.31 17.96
CA SER B 102 19.80 -16.28 17.57
CA SER B 102 19.82 -16.31 17.59
C SER B 102 20.39 -17.34 16.62
C SER B 102 20.40 -17.35 16.64
N ILE B 103 21.23 -16.91 15.70
CA ILE B 103 21.86 -17.84 14.74
C ILE B 103 22.77 -18.80 15.51
N HIS B 104 23.55 -18.24 16.43
CA HIS B 104 24.45 -19.01 17.26
C HIS B 104 23.62 -20.06 18.04
N ASN B 105 22.51 -19.60 18.62
CA ASN B 105 21.63 -20.48 19.38
C ASN B 105 21.09 -21.62 18.50
N MET B 106 20.74 -21.32 17.26
CA MET B 106 20.22 -22.35 16.36
C MET B 106 21.27 -23.42 16.10
N CYS B 107 22.52 -23.02 15.91
CA CYS B 107 23.59 -23.98 15.68
C CYS B 107 23.71 -24.92 16.87
N ALA B 108 23.70 -24.36 18.07
CA ALA B 108 23.81 -25.16 19.27
C ALA B 108 22.61 -26.10 19.36
N TRP B 109 21.44 -25.61 18.97
CA TRP B 109 20.22 -26.41 19.01
C TRP B 109 20.28 -27.61 18.05
N MET B 110 20.85 -27.41 16.87
CA MET B 110 20.96 -28.49 15.90
C MET B 110 21.84 -29.60 16.46
N ILE B 111 22.93 -29.21 17.12
CA ILE B 111 23.83 -30.21 17.68
C ILE B 111 23.18 -30.90 18.87
N ASP B 112 22.53 -30.12 19.73
CA ASP B 112 21.86 -30.64 20.91
C ASP B 112 20.71 -31.59 20.55
N SER B 113 19.92 -31.19 19.55
CA SER B 113 18.76 -31.97 19.11
C SER B 113 19.03 -33.16 18.20
N PHE B 114 20.07 -33.10 17.39
CA PHE B 114 20.35 -34.19 16.47
C PHE B 114 21.67 -34.92 16.66
N GLY B 115 22.53 -34.40 17.53
CA GLY B 115 23.82 -35.05 17.73
C GLY B 115 23.77 -36.19 18.72
N ASN B 116 24.83 -37.01 18.73
CA ASN B 116 24.89 -38.12 19.67
C ASN B 116 25.42 -37.54 20.99
N GLU B 117 25.40 -38.33 22.06
CA GLU B 117 25.84 -37.85 23.35
C GLU B 117 27.24 -37.27 23.39
N GLU B 118 28.18 -37.89 22.66
CA GLU B 118 29.54 -37.38 22.64
C GLU B 118 29.61 -35.99 22.00
N GLN B 119 28.89 -35.81 20.89
CA GLN B 119 28.87 -34.52 20.21
C GLN B 119 28.18 -33.45 21.06
N ARG B 120 27.09 -33.83 21.72
CA ARG B 120 26.34 -32.89 22.55
C ARG B 120 27.18 -32.34 23.70
N HIS B 121 27.86 -33.22 24.43
CA HIS B 121 28.66 -32.78 25.55
C HIS B 121 29.98 -32.12 25.15
N LYS B 122 30.41 -32.31 23.91
CA LYS B 122 31.64 -31.71 23.46
C LYS B 122 31.45 -30.29 22.91
N PHE B 123 30.49 -30.13 22.01
CA PHE B 123 30.22 -28.85 21.38
C PHE B 123 29.27 -27.88 22.08
N CYS B 124 28.20 -28.40 22.66
CA CYS B 124 27.21 -27.54 23.30
C CYS B 124 27.66 -26.71 24.50
N PRO B 125 28.35 -27.32 25.48
CA PRO B 125 28.79 -26.53 26.64
C PRO B 125 29.54 -25.24 26.33
N PRO B 126 30.59 -25.30 25.48
CA PRO B 126 31.33 -24.09 25.14
C PRO B 126 30.51 -23.08 24.33
N LEU B 127 29.47 -23.55 23.65
CA LEU B 127 28.62 -22.65 22.87
C LEU B 127 27.66 -21.94 23.83
N CYS B 128 27.18 -22.65 24.85
CA CYS B 128 26.25 -22.04 25.78
C CYS B 128 26.85 -20.93 26.63
N THR B 129 28.16 -21.01 26.89
CA THR B 129 28.84 -19.98 27.68
C THR B 129 29.45 -18.97 26.71
N MET B 130 29.40 -19.31 25.42
CA MET B 130 29.97 -18.51 24.36
C MET B 130 31.48 -18.38 24.47
N GLU B 131 32.09 -19.42 25.03
CA GLU B 131 33.54 -19.49 25.13
C GLU B 131 33.90 -19.59 23.66
N LYS B 132 33.02 -20.26 22.92
CA LYS B 132 33.17 -20.44 21.48
C LYS B 132 31.89 -19.95 20.80
N PHE B 133 32.03 -19.44 19.58
CA PHE B 133 30.90 -18.94 18.81
C PHE B 133 30.65 -19.85 17.62
N ALA B 134 29.40 -19.91 17.18
CA ALA B 134 29.03 -20.77 16.06
C ALA B 134 28.48 -20.02 14.86
N SER B 135 28.66 -20.62 13.69
CA SER B 135 28.14 -20.04 12.44
C SER B 135 27.43 -21.15 11.68
N TYR B 136 26.33 -20.80 11.03
CA TYR B 136 25.53 -21.74 10.24
C TYR B 136 25.90 -21.56 8.78
N CYS B 137 26.35 -22.64 8.15
CA CYS B 137 26.79 -22.57 6.75
C CYS B 137 25.92 -23.37 5.81
N LEU B 138 24.99 -22.68 5.13
CA LEU B 138 24.10 -23.34 4.18
C LEU B 138 24.19 -22.73 2.79
N THR B 139 23.99 -21.41 2.71
CA THR B 139 24.01 -20.69 1.45
C THR B 139 25.33 -20.74 0.68
N GLU B 140 25.21 -20.81 -0.64
CA GLU B 140 26.36 -20.83 -1.54
C GLU B 140 26.08 -19.84 -2.67
N PRO B 141 27.12 -19.45 -3.42
CA PRO B 141 26.92 -18.51 -4.52
C PRO B 141 25.82 -18.98 -5.48
N GLY B 142 25.76 -20.28 -5.73
CA GLY B 142 24.75 -20.81 -6.63
C GLY B 142 23.50 -21.35 -5.98
N SER B 143 23.41 -21.28 -4.66
N SER B 143 23.42 -21.27 -4.65
CA SER B 143 22.23 -21.78 -3.96
CA SER B 143 22.27 -21.78 -3.93
C SER B 143 21.83 -20.88 -2.80
C SER B 143 21.86 -20.85 -2.79
N GLY B 144 20.79 -20.10 -3.01
CA GLY B 144 20.30 -19.19 -1.98
C GLY B 144 18.91 -19.64 -1.60
N SER B 145 17.91 -19.15 -2.31
CA SER B 145 16.53 -19.55 -2.05
C SER B 145 16.39 -21.05 -2.35
N ASP B 146 17.10 -21.50 -3.38
CA ASP B 146 17.11 -22.91 -3.76
C ASP B 146 18.26 -23.56 -2.99
N ALA B 147 18.13 -23.53 -1.67
CA ALA B 147 19.15 -24.05 -0.76
C ALA B 147 19.50 -25.52 -0.92
N ALA B 148 18.53 -26.33 -1.35
CA ALA B 148 18.77 -27.76 -1.52
C ALA B 148 19.62 -28.09 -2.73
N SER B 149 20.00 -27.09 -3.52
CA SER B 149 20.82 -27.32 -4.71
C SER B 149 22.31 -27.08 -4.42
N LEU B 150 22.66 -26.96 -3.14
CA LEU B 150 24.04 -26.71 -2.73
C LEU B 150 25.02 -27.70 -3.38
N LEU B 151 26.23 -27.21 -3.67
CA LEU B 151 27.24 -28.01 -4.32
C LEU B 151 28.41 -28.47 -3.45
N THR B 152 28.61 -27.84 -2.30
CA THR B 152 29.72 -28.23 -1.43
C THR B 152 29.65 -29.74 -1.21
N SER B 153 30.72 -30.44 -1.55
CA SER B 153 30.73 -31.89 -1.41
C SER B 153 31.51 -32.39 -0.20
N ALA B 154 31.09 -33.54 0.30
CA ALA B 154 31.73 -34.19 1.44
C ALA B 154 31.92 -35.64 1.03
N LYS B 155 33.11 -35.96 0.52
CA LYS B 155 33.44 -37.31 0.07
C LYS B 155 34.01 -38.15 1.18
N LYS B 156 33.37 -39.28 1.48
CA LYS B 156 33.84 -40.16 2.53
C LYS B 156 35.15 -40.82 2.11
N GLN B 157 36.13 -40.77 3.01
CA GLN B 157 37.44 -41.34 2.73
C GLN B 157 37.98 -41.86 4.06
N GLY B 158 37.82 -43.16 4.30
CA GLY B 158 38.28 -43.73 5.54
C GLY B 158 37.38 -43.29 6.68
N ASP B 159 37.96 -42.60 7.66
CA ASP B 159 37.18 -42.12 8.80
C ASP B 159 36.99 -40.60 8.76
N HIS B 160 37.17 -40.03 7.56
CA HIS B 160 37.00 -38.59 7.38
C HIS B 160 36.17 -38.30 6.14
N TYR B 161 35.67 -37.07 6.06
CA TYR B 161 34.93 -36.59 4.89
C TYR B 161 35.86 -35.52 4.33
N ILE B 162 36.03 -35.51 3.01
CA ILE B 162 36.87 -34.50 2.39
C ILE B 162 35.92 -33.46 1.79
N LEU B 163 35.94 -32.25 2.36
CA LEU B 163 35.07 -31.18 1.88
C LEU B 163 35.68 -30.26 0.85
N ASN B 164 34.88 -29.92 -0.16
CA ASN B 164 35.29 -29.02 -1.23
C ASN B 164 34.10 -28.17 -1.62
N GLY B 165 34.29 -26.86 -1.68
CA GLY B 165 33.22 -25.95 -2.05
C GLY B 165 33.34 -24.65 -1.30
N SER B 166 32.31 -23.80 -1.39
CA SER B 166 32.33 -22.53 -0.69
C SER B 166 30.93 -22.14 -0.24
N LYS B 167 30.86 -21.47 0.91
CA LYS B 167 29.61 -21.00 1.45
C LYS B 167 29.65 -19.48 1.38
N ALA B 168 28.48 -18.85 1.27
CA ALA B 168 28.42 -17.40 1.15
C ALA B 168 27.57 -16.74 2.22
N PHE B 169 27.87 -15.47 2.50
CA PHE B 169 27.14 -14.66 3.48
C PHE B 169 27.16 -15.19 4.91
N ILE B 170 28.15 -16.00 5.27
CA ILE B 170 28.15 -16.59 6.61
C ILE B 170 28.38 -15.64 7.77
N SER B 171 27.34 -15.47 8.60
CA SER B 171 27.41 -14.58 9.76
C SER B 171 28.33 -15.14 10.83
N GLY B 172 29.26 -14.31 11.30
CA GLY B 172 30.19 -14.75 12.34
C GLY B 172 31.42 -15.45 11.80
N ALA B 173 31.44 -15.70 10.49
CA ALA B 173 32.57 -16.39 9.85
C ALA B 173 33.88 -15.69 10.17
N GLY B 174 34.89 -16.48 10.55
CA GLY B 174 36.17 -15.91 10.90
C GLY B 174 36.31 -15.85 12.41
N GLU B 175 35.25 -15.38 13.06
CA GLU B 175 35.23 -15.27 14.52
C GLU B 175 34.80 -16.57 15.17
N SER B 176 33.83 -17.25 14.54
CA SER B 176 33.33 -18.51 15.06
C SER B 176 34.36 -19.63 15.08
N ASP B 177 34.25 -20.50 16.08
CA ASP B 177 35.15 -21.64 16.21
C ASP B 177 34.44 -22.89 15.70
N ILE B 178 33.12 -22.87 15.72
CA ILE B 178 32.33 -24.02 15.28
C ILE B 178 31.42 -23.66 14.11
N TYR B 179 31.54 -24.43 13.03
CA TYR B 179 30.74 -24.21 11.83
C TYR B 179 29.84 -25.40 11.54
N VAL B 180 28.54 -25.15 11.50
CA VAL B 180 27.57 -26.21 11.18
C VAL B 180 27.41 -26.09 9.68
N VAL B 181 28.01 -27.03 8.96
CA VAL B 181 28.01 -27.02 7.50
C VAL B 181 27.11 -28.05 6.83
N MET B 182 26.28 -27.57 5.90
CA MET B 182 25.40 -28.45 5.13
C MET B 182 26.16 -28.78 3.84
N CYS B 183 26.43 -30.06 3.63
N CYS B 183 26.45 -30.07 3.66
CA CYS B 183 27.17 -30.49 2.46
CA CYS B 183 27.19 -30.53 2.49
C CYS B 183 26.51 -31.70 1.81
C CYS B 183 26.49 -31.69 1.80
N ARG B 184 26.91 -31.97 0.56
CA ARG B 184 26.35 -33.07 -0.20
C ARG B 184 27.21 -34.32 -0.08
N THR B 185 26.68 -35.33 0.60
CA THR B 185 27.38 -36.58 0.79
C THR B 185 26.86 -37.63 -0.20
N GLY B 186 25.66 -37.42 -0.72
CA GLY B 186 25.08 -38.37 -1.65
C GLY B 186 24.78 -37.82 -3.02
N GLY B 187 23.62 -38.20 -3.55
CA GLY B 187 23.23 -37.75 -4.88
C GLY B 187 22.58 -36.37 -4.89
N PRO B 188 22.02 -35.95 -6.03
CA PRO B 188 21.36 -34.65 -6.18
C PRO B 188 20.10 -34.54 -5.35
N GLY B 189 19.59 -33.32 -5.22
CA GLY B 189 18.37 -33.12 -4.46
C GLY B 189 18.54 -33.05 -2.96
N PRO B 190 17.44 -32.82 -2.22
CA PRO B 190 17.39 -32.72 -0.76
C PRO B 190 17.93 -33.93 0.00
N LYS B 191 17.67 -35.12 -0.50
CA LYS B 191 18.10 -36.36 0.16
C LYS B 191 19.60 -36.65 0.22
N GLY B 192 20.40 -35.94 -0.55
CA GLY B 192 21.84 -36.20 -0.53
C GLY B 192 22.65 -35.26 0.34
N ILE B 193 21.97 -34.51 1.20
CA ILE B 193 22.63 -33.54 2.08
C ILE B 193 22.82 -34.02 3.51
N SER B 194 23.99 -33.75 4.08
CA SER B 194 24.31 -34.12 5.45
C SER B 194 24.80 -32.89 6.20
N CYS B 195 24.71 -32.94 7.53
CA CYS B 195 25.13 -31.84 8.38
C CYS B 195 26.42 -32.26 9.08
N ILE B 196 27.47 -31.46 8.91
N ILE B 196 27.47 -31.48 8.91
CA ILE B 196 28.77 -31.79 9.51
CA ILE B 196 28.75 -31.81 9.54
C ILE B 196 29.38 -30.58 10.22
C ILE B 196 29.38 -30.60 10.22
N VAL B 197 29.90 -30.81 11.42
CA VAL B 197 30.53 -29.75 12.18
C VAL B 197 31.99 -29.64 11.77
N VAL B 198 32.42 -28.43 11.44
CA VAL B 198 33.81 -28.19 11.06
C VAL B 198 34.34 -27.14 12.03
N GLU B 199 35.50 -27.41 12.62
CA GLU B 199 36.09 -26.49 13.58
C GLU B 199 37.16 -25.59 13.00
N LYS B 200 37.24 -24.36 13.49
CA LYS B 200 38.26 -23.44 13.02
C LYS B 200 39.61 -24.09 13.33
N GLY B 201 40.55 -23.97 12.42
CA GLY B 201 41.85 -24.58 12.64
C GLY B 201 42.04 -25.81 11.77
N THR B 202 40.95 -26.32 11.22
CA THR B 202 41.01 -27.49 10.36
C THR B 202 41.72 -27.11 9.07
N PRO B 203 42.81 -27.82 8.72
CA PRO B 203 43.52 -27.50 7.49
C PRO B 203 42.56 -27.55 6.29
N GLY B 204 42.70 -26.59 5.37
CA GLY B 204 41.83 -26.58 4.21
C GLY B 204 40.64 -25.66 4.34
N LEU B 205 40.47 -25.07 5.53
CA LEU B 205 39.37 -24.14 5.79
C LEU B 205 39.92 -22.73 5.74
N SER B 206 39.31 -21.87 4.91
CA SER B 206 39.76 -20.50 4.80
C SER B 206 38.53 -19.60 4.73
N PHE B 207 38.74 -18.28 4.80
CA PHE B 207 37.63 -17.35 4.76
C PHE B 207 37.83 -16.24 3.75
N GLY B 208 36.72 -15.73 3.22
CA GLY B 208 36.79 -14.66 2.25
C GLY B 208 36.93 -13.34 2.98
N LYS B 209 36.93 -12.25 2.23
CA LYS B 209 37.04 -10.91 2.79
C LYS B 209 35.83 -10.57 3.65
N LYS B 210 35.97 -9.61 4.54
CA LYS B 210 34.87 -9.17 5.39
C LYS B 210 33.99 -8.27 4.52
N GLU B 211 32.78 -8.75 4.20
CA GLU B 211 31.85 -8.03 3.34
C GLU B 211 31.29 -6.77 3.98
N LYS B 212 31.18 -5.70 3.20
CA LYS B 212 30.60 -4.44 3.67
C LYS B 212 29.10 -4.56 3.39
N LYS B 213 28.26 -4.24 4.38
CA LYS B 213 26.82 -4.34 4.22
C LYS B 213 26.05 -3.12 4.70
N VAL B 214 24.76 -3.09 4.42
CA VAL B 214 23.87 -2.01 4.82
C VAL B 214 23.65 -2.01 6.33
N GLY B 215 23.53 -3.21 6.89
CA GLY B 215 23.31 -3.35 8.32
C GLY B 215 23.84 -4.67 8.84
N TRP B 216 23.41 -5.09 10.03
CA TRP B 216 23.89 -6.32 10.63
C TRP B 216 25.42 -6.22 10.68
N ASN B 217 25.90 -5.01 10.91
CA ASN B 217 27.33 -4.74 10.93
C ASN B 217 28.12 -5.27 12.12
N SER B 218 27.45 -5.56 13.23
CA SER B 218 28.13 -6.09 14.41
C SER B 218 28.51 -7.55 14.22
N GLN B 219 28.05 -8.16 13.13
CA GLN B 219 28.41 -9.54 12.86
C GLN B 219 29.16 -9.62 11.54
N PRO B 220 30.40 -10.14 11.57
CA PRO B 220 31.18 -10.24 10.34
C PRO B 220 30.53 -11.18 9.33
N THR B 221 30.60 -10.82 8.06
CA THR B 221 30.03 -11.62 6.99
C THR B 221 31.16 -12.00 6.05
N ARG B 222 31.47 -13.30 5.96
CA ARG B 222 32.54 -13.77 5.10
C ARG B 222 32.18 -15.07 4.42
N ALA B 223 32.80 -15.33 3.28
CA ALA B 223 32.59 -16.59 2.58
C ALA B 223 33.42 -17.59 3.38
N VAL B 224 33.00 -18.85 3.35
CA VAL B 224 33.71 -19.91 4.05
C VAL B 224 34.10 -20.87 2.94
N ILE B 225 35.41 -21.09 2.79
CA ILE B 225 35.91 -21.94 1.72
C ILE B 225 36.55 -23.23 2.19
N PHE B 226 36.24 -24.32 1.49
CA PHE B 226 36.79 -25.63 1.80
C PHE B 226 37.59 -26.14 0.62
N GLU B 227 38.87 -26.44 0.84
CA GLU B 227 39.73 -26.96 -0.20
C GLU B 227 40.36 -28.22 0.38
N ASP B 228 39.90 -29.38 -0.09
CA ASP B 228 40.38 -30.67 0.40
C ASP B 228 40.48 -30.64 1.91
N CYS B 229 39.41 -30.17 2.54
CA CYS B 229 39.33 -30.05 3.98
C CYS B 229 38.85 -31.36 4.62
N ALA B 230 39.77 -32.08 5.27
CA ALA B 230 39.44 -33.34 5.91
C ALA B 230 38.79 -33.14 7.27
N VAL B 231 37.57 -33.64 7.42
CA VAL B 231 36.81 -33.51 8.66
C VAL B 231 36.39 -34.89 9.15
N PRO B 232 36.55 -35.15 10.47
CA PRO B 232 36.17 -36.44 11.05
C PRO B 232 34.72 -36.83 10.79
N VAL B 233 34.50 -38.09 10.43
CA VAL B 233 33.15 -38.58 10.19
C VAL B 233 32.38 -38.45 11.51
N ALA B 234 33.13 -38.46 12.61
CA ALA B 234 32.53 -38.35 13.94
C ALA B 234 31.91 -36.97 14.16
N ASN B 235 32.13 -36.06 13.22
CA ASN B 235 31.58 -34.71 13.31
C ASN B 235 30.24 -34.57 12.59
N ARG B 236 29.81 -35.62 11.92
CA ARG B 236 28.53 -35.58 11.21
C ARG B 236 27.39 -35.59 12.23
N ILE B 237 26.48 -34.64 12.09
CA ILE B 237 25.34 -34.55 12.99
C ILE B 237 24.17 -35.31 12.37
N GLY B 238 23.76 -36.38 13.01
CA GLY B 238 22.67 -37.19 12.49
C GLY B 238 23.23 -38.18 11.48
N SER B 239 22.35 -38.80 10.71
CA SER B 239 22.78 -39.78 9.71
C SER B 239 23.03 -39.11 8.36
N GLU B 240 23.69 -39.82 7.45
CA GLU B 240 23.95 -39.27 6.12
C GLU B 240 22.60 -39.05 5.44
N GLY B 241 22.40 -37.86 4.89
CA GLY B 241 21.15 -37.55 4.21
C GLY B 241 20.11 -36.92 5.12
N GLN B 242 20.47 -36.68 6.37
CA GLN B 242 19.54 -36.07 7.32
C GLN B 242 19.69 -34.54 7.31
N GLY B 243 20.62 -34.04 6.51
CA GLY B 243 20.87 -32.61 6.45
C GLY B 243 19.67 -31.72 6.11
N PHE B 244 18.92 -32.11 5.09
CA PHE B 244 17.75 -31.35 4.67
C PHE B 244 16.75 -31.23 5.82
N LEU B 245 16.48 -32.35 6.47
CA LEU B 245 15.54 -32.38 7.59
C LEU B 245 16.00 -31.44 8.71
N ILE B 246 17.28 -31.53 9.05
CA ILE B 246 17.83 -30.68 10.11
C ILE B 246 17.70 -29.20 9.76
N ALA B 247 18.03 -28.83 8.52
CA ALA B 247 17.94 -27.43 8.10
C ALA B 247 16.50 -26.94 8.14
N VAL B 248 15.57 -27.79 7.71
CA VAL B 248 14.16 -27.44 7.69
C VAL B 248 13.58 -27.27 9.09
N ARG B 249 14.00 -28.11 10.02
CA ARG B 249 13.50 -28.01 11.39
C ARG B 249 14.11 -26.77 12.04
N GLY B 250 15.30 -26.41 11.60
CA GLY B 250 15.96 -25.23 12.14
C GLY B 250 15.24 -23.99 11.64
N LEU B 251 14.75 -24.04 10.41
CA LEU B 251 14.04 -22.91 9.80
C LEU B 251 12.76 -22.52 10.54
N ASN B 252 12.06 -23.48 11.12
CA ASN B 252 10.84 -23.14 11.84
C ASN B 252 11.17 -22.17 12.97
N GLY B 253 12.19 -22.53 13.76
CA GLY B 253 12.59 -21.68 14.86
C GLY B 253 13.26 -20.41 14.37
N GLY B 254 14.00 -20.52 13.26
CA GLY B 254 14.69 -19.36 12.71
C GLY B 254 13.70 -18.29 12.27
N ARG B 255 12.58 -18.72 11.70
CA ARG B 255 11.55 -17.79 11.25
C ARG B 255 10.93 -17.08 12.46
N ILE B 256 10.64 -17.82 13.51
CA ILE B 256 10.07 -17.22 14.72
C ILE B 256 11.04 -16.23 15.34
N ASN B 257 12.29 -16.65 15.48
CA ASN B 257 13.29 -15.81 16.12
C ASN B 257 13.71 -14.56 15.34
N ILE B 258 13.81 -14.65 14.03
CA ILE B 258 14.18 -13.47 13.26
C ILE B 258 12.99 -12.50 13.29
N ALA B 259 11.77 -13.05 13.28
CA ALA B 259 10.58 -12.21 13.34
C ALA B 259 10.53 -11.53 14.70
N SER B 260 11.01 -12.25 15.72
CA SER B 260 11.04 -11.69 17.07
C SER B 260 12.03 -10.52 17.13
N CYS B 261 13.13 -10.62 16.41
CA CYS B 261 14.11 -9.53 16.38
C CYS B 261 13.45 -8.32 15.70
N SER B 262 12.63 -8.57 14.68
CA SER B 262 11.94 -7.49 13.99
C SER B 262 10.97 -6.81 14.94
N LEU B 263 10.31 -7.60 15.78
CA LEU B 263 9.36 -7.07 16.75
C LEU B 263 10.05 -6.10 17.70
N GLY B 264 11.25 -6.47 18.15
CA GLY B 264 11.99 -5.62 19.05
C GLY B 264 12.37 -4.31 18.42
N ALA B 265 12.85 -4.35 17.19
CA ALA B 265 13.24 -3.14 16.48
C ALA B 265 12.03 -2.23 16.33
N ALA B 266 10.89 -2.81 15.96
CA ALA B 266 9.67 -2.05 15.76
C ALA B 266 9.15 -1.47 17.07
N HIS B 267 9.20 -2.26 18.15
CA HIS B 267 8.70 -1.76 19.43
C HIS B 267 9.56 -0.57 19.87
N ALA B 268 10.87 -0.71 19.76
CA ALA B 268 11.79 0.36 20.14
C ALA B 268 11.48 1.60 19.29
N SER B 269 11.22 1.39 18.01
CA SER B 269 10.92 2.50 17.11
C SER B 269 9.62 3.22 17.47
N VAL B 270 8.59 2.46 17.85
CA VAL B 270 7.32 3.07 18.21
C VAL B 270 7.48 3.93 19.48
N ILE B 271 8.21 3.41 20.46
CA ILE B 271 8.44 4.14 21.69
C ILE B 271 9.23 5.43 21.42
N LEU B 272 10.29 5.33 20.63
CA LEU B 272 11.10 6.50 20.30
C LEU B 272 10.25 7.53 19.58
N THR B 273 9.41 7.08 18.66
CA THR B 273 8.54 7.98 17.89
C THR B 273 7.52 8.68 18.78
N ARG B 274 6.86 7.92 19.65
CA ARG B 274 5.86 8.49 20.55
C ARG B 274 6.49 9.61 21.38
N ASP B 275 7.65 9.33 21.97
CA ASP B 275 8.33 10.32 22.78
C ASP B 275 8.79 11.52 21.96
N HIS B 276 9.32 11.27 20.77
CA HIS B 276 9.79 12.33 19.91
C HIS B 276 8.65 13.28 19.51
N LEU B 277 7.48 12.72 19.18
CA LEU B 277 6.34 13.55 18.78
C LEU B 277 5.88 14.44 19.92
N ASN B 278 6.00 13.95 21.15
CA ASN B 278 5.59 14.71 22.31
C ASN B 278 6.59 15.79 22.70
N VAL B 279 7.86 15.59 22.40
CA VAL B 279 8.91 16.55 22.77
C VAL B 279 9.28 17.58 21.70
N ARG B 280 9.46 17.12 20.47
CA ARG B 280 9.85 18.02 19.38
C ARG B 280 8.72 18.96 19.00
N LYS B 281 9.04 20.25 18.93
CA LYS B 281 8.03 21.25 18.56
C LYS B 281 8.35 21.94 17.24
N GLN B 282 7.32 22.17 16.43
CA GLN B 282 7.41 22.88 15.16
C GLN B 282 6.09 23.62 15.05
N PHE B 283 6.12 24.83 14.50
CA PHE B 283 4.92 25.64 14.36
C PHE B 283 4.30 25.97 15.72
N GLY B 284 5.15 26.04 16.74
CA GLY B 284 4.70 26.40 18.08
C GLY B 284 4.01 25.32 18.90
N GLU B 285 3.95 24.11 18.37
CA GLU B 285 3.29 23.02 19.08
C GLU B 285 4.06 21.71 18.94
N PRO B 286 3.83 20.75 19.84
CA PRO B 286 4.53 19.47 19.72
C PRO B 286 4.13 18.85 18.38
N LEU B 287 5.00 18.04 17.80
CA LEU B 287 4.69 17.40 16.52
C LEU B 287 3.43 16.54 16.70
N ALA B 288 3.22 16.06 17.91
CA ALA B 288 2.06 15.23 18.23
C ALA B 288 0.71 15.90 18.00
N SER B 289 0.72 17.22 17.85
N SER B 289 0.72 17.23 17.86
CA SER B 289 -0.52 17.96 17.64
CA SER B 289 -0.51 17.97 17.63
C SER B 289 -1.02 17.84 16.20
C SER B 289 -1.01 17.85 16.19
N ASN B 290 -0.18 17.31 15.32
CA ASN B 290 -0.54 17.15 13.92
C ASN B 290 -1.24 15.81 13.71
N GLN B 291 -2.51 15.89 13.30
CA GLN B 291 -3.32 14.69 13.11
C GLN B 291 -2.76 13.62 12.19
N TYR B 292 -2.10 14.02 11.11
CA TYR B 292 -1.54 13.03 10.21
C TYR B 292 -0.50 12.18 10.93
N LEU B 293 0.31 12.84 11.77
CA LEU B 293 1.33 12.13 12.54
C LEU B 293 0.68 11.25 13.61
N GLN B 294 -0.41 11.72 14.20
CA GLN B 294 -1.12 10.93 15.21
C GLN B 294 -1.64 9.65 14.57
N PHE B 295 -2.24 9.78 13.39
CA PHE B 295 -2.79 8.63 12.67
C PHE B 295 -1.73 7.63 12.27
N THR B 296 -0.58 8.11 11.84
CA THR B 296 0.52 7.23 11.44
C THR B 296 1.00 6.44 12.65
N LEU B 297 1.09 7.10 13.80
CA LEU B 297 1.52 6.41 15.01
C LEU B 297 0.47 5.35 15.39
N ALA B 298 -0.80 5.68 15.20
CA ALA B 298 -1.87 4.73 15.52
C ALA B 298 -1.74 3.49 14.65
N ASP B 299 -1.40 3.68 13.39
CA ASP B 299 -1.21 2.57 12.45
C ASP B 299 -0.01 1.73 12.89
N MET B 300 1.08 2.40 13.22
CA MET B 300 2.30 1.72 13.66
C MET B 300 2.02 0.82 14.86
N ALA B 301 1.35 1.37 15.87
CA ALA B 301 1.04 0.61 17.08
C ALA B 301 0.11 -0.57 16.82
N THR B 302 -0.90 -0.33 15.99
CA THR B 302 -1.87 -1.37 15.67
C THR B 302 -1.20 -2.55 14.98
N ARG B 303 -0.32 -2.25 14.04
CA ARG B 303 0.35 -3.31 13.31
C ARG B 303 1.42 -3.99 14.14
N LEU B 304 1.99 -3.29 15.12
CA LEU B 304 2.98 -3.88 16.00
C LEU B 304 2.27 -4.94 16.85
N VAL B 305 1.11 -4.59 17.37
CA VAL B 305 0.34 -5.51 18.18
C VAL B 305 -0.04 -6.74 17.35
N ALA B 306 -0.46 -6.51 16.10
CA ALA B 306 -0.82 -7.61 15.22
C ALA B 306 0.38 -8.52 14.95
N ALA B 307 1.53 -7.90 14.70
CA ALA B 307 2.74 -8.67 14.42
C ALA B 307 3.13 -9.49 15.64
N ARG B 308 3.02 -8.90 16.82
CA ARG B 308 3.38 -9.59 18.05
C ARG B 308 2.46 -10.80 18.28
N LEU B 309 1.17 -10.63 18.04
CA LEU B 309 0.24 -11.75 18.21
C LEU B 309 0.59 -12.87 17.25
N MET B 310 0.92 -12.51 16.01
CA MET B 310 1.27 -13.51 14.99
C MET B 310 2.50 -14.32 15.36
N VAL B 311 3.55 -13.62 15.82
CA VAL B 311 4.76 -14.30 16.21
C VAL B 311 4.57 -15.21 17.41
N ARG B 312 3.92 -14.71 18.45
CA ARG B 312 3.72 -15.52 19.63
C ARG B 312 2.78 -16.70 19.38
N ASN B 313 1.82 -16.51 18.48
CA ASN B 313 0.87 -17.57 18.15
C ASN B 313 1.64 -18.71 17.47
N ALA B 314 2.56 -18.34 16.58
CA ALA B 314 3.37 -19.33 15.88
C ALA B 314 4.31 -20.06 16.82
N ALA B 315 4.90 -19.32 17.77
CA ALA B 315 5.82 -19.93 18.73
C ALA B 315 5.09 -20.97 19.58
N VAL B 316 3.89 -20.64 20.00
CA VAL B 316 3.10 -21.57 20.81
C VAL B 316 2.76 -22.80 19.99
N ALA B 317 2.36 -22.61 18.73
CA ALA B 317 2.01 -23.74 17.87
C ALA B 317 3.21 -24.67 17.68
N LEU B 318 4.39 -24.09 17.50
CA LEU B 318 5.59 -24.87 17.30
C LEU B 318 5.97 -25.68 18.53
N GLN B 319 5.98 -25.05 19.70
CA GLN B 319 6.33 -25.76 20.92
C GLN B 319 5.28 -26.81 21.29
N GLU B 320 4.05 -26.61 20.83
CA GLU B 320 2.99 -27.59 21.11
C GLU B 320 2.98 -28.69 20.05
N GLU B 321 3.89 -28.59 19.09
CA GLU B 321 4.03 -29.59 18.03
C GLU B 321 2.76 -29.75 17.20
N ARG B 322 2.06 -28.64 16.97
CA ARG B 322 0.82 -28.68 16.19
C ARG B 322 1.04 -28.84 14.70
N LYS B 323 0.07 -29.47 14.04
CA LYS B 323 0.16 -29.72 12.61
C LYS B 323 0.14 -28.46 11.75
N ASP B 324 -0.29 -27.34 12.32
CA ASP B 324 -0.32 -26.09 11.58
C ASP B 324 0.87 -25.20 11.91
N ALA B 325 1.77 -25.69 12.77
CA ALA B 325 2.94 -24.91 13.17
C ALA B 325 3.86 -24.44 12.05
N VAL B 326 4.21 -25.33 11.12
CA VAL B 326 5.10 -24.93 10.04
C VAL B 326 4.51 -23.78 9.21
N ALA B 327 3.24 -23.90 8.86
CA ALA B 327 2.58 -22.85 8.09
C ALA B 327 2.52 -21.56 8.88
N LEU B 328 2.16 -21.65 10.16
CA LEU B 328 2.07 -20.45 11.00
C LEU B 328 3.40 -19.74 11.19
N CYS B 329 4.49 -20.50 11.28
CA CYS B 329 5.81 -19.89 11.43
C CYS B 329 6.12 -19.09 10.17
N SER B 330 5.77 -19.64 9.01
CA SER B 330 6.01 -18.96 7.75
C SER B 330 5.15 -17.69 7.66
N MET B 331 3.87 -17.81 8.04
CA MET B 331 2.97 -16.65 8.00
C MET B 331 3.43 -15.57 8.95
N ALA B 332 3.86 -15.99 10.14
CA ALA B 332 4.31 -15.03 11.14
C ALA B 332 5.57 -14.31 10.67
N LYS B 333 6.50 -15.04 10.09
CA LYS B 333 7.75 -14.45 9.61
C LYS B 333 7.44 -13.47 8.47
N LEU B 334 6.60 -13.90 7.53
CA LEU B 334 6.22 -13.04 6.41
C LEU B 334 5.56 -11.75 6.92
N PHE B 335 4.51 -11.91 7.73
CA PHE B 335 3.79 -10.76 8.25
C PHE B 335 4.63 -9.82 9.11
N ALA B 336 5.30 -10.38 10.12
CA ALA B 336 6.10 -9.58 11.03
C ALA B 336 7.30 -8.87 10.41
N THR B 337 8.05 -9.55 9.55
CA THR B 337 9.21 -8.87 8.98
C THR B 337 8.79 -7.76 8.02
N ASP B 338 7.66 -7.93 7.35
CA ASP B 338 7.15 -6.91 6.44
C ASP B 338 6.61 -5.72 7.23
N GLU B 339 5.68 -5.99 8.15
CA GLU B 339 5.06 -4.93 8.94
C GLU B 339 6.06 -4.21 9.84
N CYS B 340 6.98 -4.94 10.44
CA CYS B 340 7.94 -4.30 11.34
C CYS B 340 8.94 -3.39 10.63
N PHE B 341 9.35 -3.76 9.42
CA PHE B 341 10.26 -2.89 8.69
C PHE B 341 9.52 -1.60 8.36
N ALA B 342 8.27 -1.73 7.92
CA ALA B 342 7.48 -0.56 7.58
C ALA B 342 7.32 0.36 8.79
N ILE B 343 7.13 -0.24 9.97
CA ILE B 343 6.99 0.54 11.20
C ILE B 343 8.27 1.31 11.50
N CYS B 344 9.42 0.64 11.39
CA CYS B 344 10.70 1.30 11.65
C CYS B 344 10.96 2.41 10.63
N ASN B 345 10.58 2.18 9.38
CA ASN B 345 10.79 3.17 8.34
C ASN B 345 9.88 4.37 8.55
N GLN B 346 8.68 4.16 9.08
CA GLN B 346 7.76 5.27 9.33
C GLN B 346 8.30 6.06 10.51
N ALA B 347 8.87 5.35 11.48
CA ALA B 347 9.46 5.97 12.65
C ALA B 347 10.60 6.88 12.20
N LEU B 348 11.36 6.43 11.20
CA LEU B 348 12.46 7.24 10.70
C LEU B 348 11.90 8.53 10.12
N GLN B 349 10.83 8.42 9.35
CA GLN B 349 10.21 9.59 8.74
C GLN B 349 9.75 10.58 9.80
N MET B 350 9.19 10.05 10.88
CA MET B 350 8.68 10.86 11.98
C MET B 350 9.76 11.67 12.70
N HIS B 351 11.02 11.26 12.57
CA HIS B 351 12.13 11.95 13.21
C HIS B 351 12.70 13.03 12.27
N GLY B 352 12.20 13.08 11.05
CA GLY B 352 12.69 14.06 10.11
C GLY B 352 14.14 13.78 9.74
N GLY B 353 14.91 14.85 9.49
CA GLY B 353 16.29 14.68 9.13
C GLY B 353 17.10 13.92 10.16
N TYR B 354 16.72 14.07 11.43
CA TYR B 354 17.41 13.40 12.52
C TYR B 354 17.37 11.89 12.40
N GLY B 355 16.31 11.37 11.78
CA GLY B 355 16.18 9.93 11.62
C GLY B 355 17.20 9.36 10.65
N TYR B 356 17.82 10.23 9.85
CA TYR B 356 18.80 9.81 8.86
C TYR B 356 20.21 9.82 9.44
N LEU B 357 20.36 10.35 10.66
CA LEU B 357 21.66 10.43 11.32
C LEU B 357 21.96 9.23 12.20
N LYS B 358 23.20 8.74 12.14
CA LYS B 358 23.61 7.58 12.92
C LYS B 358 23.53 7.82 14.44
N ASP B 359 23.37 9.07 14.85
CA ASP B 359 23.26 9.39 16.27
C ASP B 359 21.87 9.01 16.79
N TYR B 360 20.95 8.71 15.88
CA TYR B 360 19.59 8.31 16.25
C TYR B 360 19.36 6.85 15.92
N ALA B 361 18.98 6.07 16.94
CA ALA B 361 18.77 4.63 16.78
C ALA B 361 17.80 4.15 15.70
N VAL B 362 16.76 4.91 15.44
N VAL B 362 16.76 4.92 15.43
CA VAL B 362 15.77 4.50 14.45
CA VAL B 362 15.76 4.52 14.46
C VAL B 362 16.34 4.06 13.10
C VAL B 362 16.32 4.07 13.10
N GLN B 363 17.34 4.76 12.60
CA GLN B 363 17.90 4.38 11.32
C GLN B 363 18.59 3.02 11.34
N GLN B 364 19.12 2.59 12.49
CA GLN B 364 19.73 1.27 12.49
C GLN B 364 18.65 0.19 12.61
N TYR B 365 17.55 0.51 13.30
CA TYR B 365 16.47 -0.48 13.39
C TYR B 365 15.97 -0.71 11.96
N VAL B 366 15.95 0.36 11.16
CA VAL B 366 15.51 0.27 9.77
C VAL B 366 16.49 -0.59 8.96
N ARG B 367 17.77 -0.25 9.04
CA ARG B 367 18.79 -0.98 8.28
C ARG B 367 18.90 -2.44 8.67
N ASP B 368 18.82 -2.72 9.96
CA ASP B 368 18.93 -4.10 10.43
C ASP B 368 17.67 -4.91 10.11
N SER B 369 16.50 -4.36 10.40
CA SER B 369 15.25 -5.10 10.15
C SER B 369 14.98 -5.33 8.66
N ARG B 370 15.56 -4.49 7.81
CA ARG B 370 15.34 -4.63 6.37
C ARG B 370 15.77 -6.00 5.85
N VAL B 371 16.91 -6.49 6.31
CA VAL B 371 17.41 -7.78 5.81
C VAL B 371 16.60 -8.98 6.28
N HIS B 372 15.81 -8.80 7.34
CA HIS B 372 15.00 -9.90 7.86
C HIS B 372 13.96 -10.38 6.83
N GLN B 373 13.61 -9.50 5.88
CA GLN B 373 12.63 -9.85 4.85
C GLN B 373 13.26 -10.75 3.79
N ILE B 374 14.57 -10.93 3.88
CA ILE B 374 15.32 -11.74 2.92
C ILE B 374 15.82 -13.07 3.50
N LEU B 375 16.06 -13.09 4.81
CA LEU B 375 16.60 -14.29 5.49
C LEU B 375 15.61 -15.31 6.04
N GLU B 376 16.13 -16.49 6.38
CA GLU B 376 15.35 -17.60 6.92
C GLU B 376 14.25 -17.95 5.93
N GLY B 377 14.54 -17.77 4.65
CA GLY B 377 13.56 -18.00 3.62
C GLY B 377 12.96 -16.63 3.35
N SER B 378 13.32 -16.04 2.21
CA SER B 378 12.84 -14.72 1.86
C SER B 378 11.32 -14.67 1.91
N ASN B 379 10.75 -13.47 1.98
CA ASN B 379 9.30 -13.37 2.03
C ASN B 379 8.63 -13.85 0.75
N GLU B 380 9.36 -13.89 -0.35
CA GLU B 380 8.80 -14.42 -1.59
C GLU B 380 8.66 -15.92 -1.37
N VAL B 381 9.71 -16.53 -0.82
CA VAL B 381 9.67 -17.96 -0.54
C VAL B 381 8.58 -18.28 0.48
N MET B 382 8.38 -17.40 1.45
CA MET B 382 7.32 -17.64 2.45
C MET B 382 5.98 -17.77 1.73
N ARG B 383 5.76 -16.92 0.73
CA ARG B 383 4.50 -16.96 -0.01
C ARG B 383 4.37 -18.24 -0.83
N ILE B 384 5.50 -18.75 -1.33
CA ILE B 384 5.47 -20.00 -2.08
C ILE B 384 5.01 -21.12 -1.14
N LEU B 385 5.62 -21.17 0.04
CA LEU B 385 5.30 -22.20 1.03
C LEU B 385 3.87 -22.12 1.53
N ILE B 386 3.41 -20.91 1.82
CA ILE B 386 2.06 -20.70 2.33
C ILE B 386 0.99 -21.04 1.29
N SER B 387 1.16 -20.53 0.06
CA SER B 387 0.18 -20.80 -0.99
C SER B 387 0.14 -22.28 -1.33
N ARG B 388 1.29 -22.93 -1.34
CA ARG B 388 1.37 -24.35 -1.65
C ARG B 388 0.52 -25.13 -0.65
N SER B 389 0.72 -24.84 0.63
CA SER B 389 -0.01 -25.51 1.70
C SER B 389 -1.52 -25.31 1.58
N LEU B 390 -1.94 -24.07 1.37
CA LEU B 390 -3.36 -23.75 1.25
C LEU B 390 -4.03 -24.35 0.01
N LEU B 391 -3.33 -24.33 -1.11
CA LEU B 391 -3.88 -24.88 -2.34
C LEU B 391 -3.97 -26.40 -2.38
N GLN B 392 -3.22 -27.07 -1.50
CA GLN B 392 -3.24 -28.53 -1.44
C GLN B 392 -4.28 -29.01 -0.43
N GLU B 393 -4.80 -28.09 0.36
CA GLU B 393 -5.81 -28.44 1.36
C GLU B 393 -7.12 -28.83 0.69
N SER C 11 -6.13 25.71 -10.97
CA SER C 11 -6.30 24.49 -10.12
C SER C 11 -5.18 23.49 -10.38
N CYS C 12 -4.78 22.76 -9.35
CA CYS C 12 -3.72 21.78 -9.52
C CYS C 12 -4.23 20.48 -10.12
N ILE C 13 -5.52 20.43 -10.44
CA ILE C 13 -6.13 19.26 -11.06
C ILE C 13 -6.91 19.68 -12.30
N ASP C 14 -6.59 20.87 -12.82
CA ASP C 14 -7.25 21.42 -14.00
C ASP C 14 -7.09 20.43 -15.17
N PRO C 15 -8.21 19.84 -15.61
CA PRO C 15 -8.17 18.88 -16.72
C PRO C 15 -7.90 19.46 -18.11
N SER C 16 -7.87 20.78 -18.21
CA SER C 16 -7.63 21.42 -19.51
C SER C 16 -6.17 21.75 -19.77
N MET C 17 -5.37 21.82 -18.71
CA MET C 17 -3.96 22.16 -18.85
C MET C 17 -3.23 21.27 -19.85
N GLY C 18 -2.48 21.89 -20.75
CA GLY C 18 -1.73 21.14 -21.74
C GLY C 18 -2.47 20.83 -23.03
N LEU C 19 -3.78 21.06 -23.04
CA LEU C 19 -4.58 20.79 -24.23
C LEU C 19 -4.58 21.99 -25.17
N ASN C 20 -4.78 21.74 -26.46
CA ASN C 20 -4.82 22.83 -27.42
C ASN C 20 -6.23 23.44 -27.43
N GLU C 21 -6.38 24.58 -28.10
CA GLU C 21 -7.66 25.27 -28.18
C GLU C 21 -8.81 24.37 -28.62
N GLU C 22 -8.56 23.56 -29.65
CA GLU C 22 -9.58 22.66 -30.18
C GLU C 22 -10.03 21.64 -29.14
N GLN C 23 -9.06 21.02 -28.48
CA GLN C 23 -9.36 20.01 -27.48
C GLN C 23 -10.08 20.61 -26.26
N LYS C 24 -9.76 21.86 -25.93
CA LYS C 24 -10.42 22.50 -24.80
C LYS C 24 -11.90 22.70 -25.13
N GLU C 25 -12.19 22.93 -26.41
CA GLU C 25 -13.56 23.12 -26.86
C GLU C 25 -14.31 21.79 -26.80
N PHE C 26 -13.66 20.72 -27.25
CA PHE C 26 -14.26 19.39 -27.24
C PHE C 26 -14.62 19.04 -25.80
N GLN C 27 -13.66 19.30 -24.91
CA GLN C 27 -13.82 19.01 -23.49
C GLN C 27 -15.01 19.75 -22.89
N LYS C 28 -15.14 21.03 -23.22
CA LYS C 28 -16.23 21.84 -22.72
C LYS C 28 -17.58 21.29 -23.17
N VAL C 29 -17.69 20.97 -24.46
CA VAL C 29 -18.94 20.42 -25.01
C VAL C 29 -19.29 19.11 -24.33
N ALA C 30 -18.30 18.23 -24.19
CA ALA C 30 -18.51 16.93 -23.56
C ALA C 30 -18.94 17.07 -22.11
N PHE C 31 -18.25 17.92 -21.35
CA PHE C 31 -18.58 18.09 -19.95
C PHE C 31 -19.98 18.69 -19.77
N ASP C 32 -20.29 19.73 -20.54
CA ASP C 32 -21.60 20.36 -20.45
C ASP C 32 -22.71 19.37 -20.74
N PHE C 33 -22.48 18.50 -21.71
CA PHE C 33 -23.46 17.48 -22.08
C PHE C 33 -23.67 16.50 -20.94
N ALA C 34 -22.57 16.04 -20.35
CA ALA C 34 -22.63 15.09 -19.24
C ALA C 34 -23.39 15.69 -18.06
N ALA C 35 -23.08 16.93 -17.73
CA ALA C 35 -23.71 17.63 -16.60
C ALA C 35 -25.20 17.86 -16.84
N ARG C 36 -25.58 18.11 -18.08
CA ARG C 36 -26.97 18.39 -18.42
C ARG C 36 -27.83 17.17 -18.76
N GLU C 37 -27.26 16.19 -19.45
CA GLU C 37 -28.01 15.02 -19.88
C GLU C 37 -27.72 13.70 -19.18
N MET C 38 -26.55 13.59 -18.56
CA MET C 38 -26.17 12.34 -17.90
C MET C 38 -26.22 12.35 -16.38
N ALA C 39 -25.50 13.27 -15.76
CA ALA C 39 -25.45 13.36 -14.31
C ALA C 39 -26.82 13.34 -13.63
N PRO C 40 -27.80 14.11 -14.14
CA PRO C 40 -29.13 14.12 -13.53
C PRO C 40 -29.87 12.80 -13.61
N ASN C 41 -29.46 11.93 -14.53
CA ASN C 41 -30.12 10.64 -14.72
C ASN C 41 -29.30 9.42 -14.34
N MET C 42 -28.03 9.62 -14.03
CA MET C 42 -27.15 8.50 -13.69
C MET C 42 -27.74 7.52 -12.67
N ALA C 43 -28.19 8.04 -11.53
CA ALA C 43 -28.75 7.19 -10.49
C ALA C 43 -29.95 6.37 -10.96
N GLU C 44 -30.81 6.97 -11.76
CA GLU C 44 -31.98 6.27 -12.26
C GLU C 44 -31.62 5.15 -13.24
N TRP C 45 -30.70 5.43 -14.16
CA TRP C 45 -30.30 4.40 -15.13
C TRP C 45 -29.68 3.22 -14.39
N ASP C 46 -28.92 3.53 -13.35
CA ASP C 46 -28.27 2.49 -12.57
C ASP C 46 -29.27 1.67 -11.76
N GLN C 47 -30.22 2.34 -11.13
CA GLN C 47 -31.23 1.66 -10.32
C GLN C 47 -32.18 0.80 -11.15
N LYS C 48 -32.66 1.37 -12.26
CA LYS C 48 -33.59 0.66 -13.14
C LYS C 48 -32.90 -0.14 -14.24
N GLU C 49 -31.57 -0.08 -14.30
CA GLU C 49 -30.83 -0.79 -15.32
C GLU C 49 -31.35 -0.44 -16.71
N LEU C 50 -31.38 0.85 -17.01
CA LEU C 50 -31.87 1.33 -18.29
C LEU C 50 -30.75 1.69 -19.26
N PHE C 51 -30.92 1.26 -20.51
CA PHE C 51 -29.98 1.52 -21.59
C PHE C 51 -30.47 2.85 -22.19
N PRO C 52 -29.83 3.98 -21.84
CA PRO C 52 -30.19 5.33 -22.30
C PRO C 52 -30.05 5.63 -23.79
N VAL C 53 -30.87 4.96 -24.60
CA VAL C 53 -30.85 5.14 -26.06
C VAL C 53 -30.99 6.59 -26.53
N ASP C 54 -32.01 7.29 -26.04
CA ASP C 54 -32.23 8.67 -26.47
C ASP C 54 -31.07 9.60 -26.13
N VAL C 55 -30.52 9.48 -24.94
CA VAL C 55 -29.41 10.33 -24.54
C VAL C 55 -28.16 10.00 -25.34
N MET C 56 -27.91 8.72 -25.57
CA MET C 56 -26.73 8.33 -26.33
C MET C 56 -26.83 8.86 -27.75
N ARG C 57 -28.05 8.89 -28.30
CA ARG C 57 -28.23 9.40 -29.65
C ARG C 57 -27.99 10.90 -29.69
N LYS C 58 -28.27 11.58 -28.59
CA LYS C 58 -28.02 13.01 -28.51
C LYS C 58 -26.51 13.19 -28.53
N ALA C 59 -25.80 12.30 -27.82
CA ALA C 59 -24.36 12.37 -27.77
C ALA C 59 -23.77 12.11 -29.15
N ALA C 60 -24.38 11.20 -29.90
CA ALA C 60 -23.92 10.87 -31.24
C ALA C 60 -24.09 12.09 -32.15
N GLN C 61 -25.10 12.90 -31.86
CA GLN C 61 -25.38 14.10 -32.64
C GLN C 61 -24.25 15.10 -32.47
N LEU C 62 -23.58 15.05 -31.33
CA LEU C 62 -22.46 15.95 -31.06
C LEU C 62 -21.17 15.39 -31.67
N GLY C 63 -21.25 14.14 -32.16
CA GLY C 63 -20.10 13.52 -32.77
C GLY C 63 -19.39 12.48 -31.91
N PHE C 64 -20.05 12.05 -30.84
CA PHE C 64 -19.46 11.08 -29.91
C PHE C 64 -19.81 9.62 -30.22
N GLY C 65 -20.52 9.39 -31.32
CA GLY C 65 -20.88 8.03 -31.70
C GLY C 65 -19.75 7.37 -32.46
N GLY C 66 -18.93 8.20 -33.11
CA GLY C 66 -17.80 7.70 -33.87
C GLY C 66 -16.67 8.71 -33.75
N VAL C 67 -16.29 8.99 -32.51
CA VAL C 67 -15.24 9.97 -32.21
C VAL C 67 -13.99 9.90 -33.05
N TYR C 68 -13.38 8.72 -33.14
CA TYR C 68 -12.15 8.58 -33.91
C TYR C 68 -12.32 7.77 -35.20
N ILE C 69 -13.53 7.81 -35.74
CA ILE C 69 -13.86 7.14 -36.99
C ILE C 69 -13.65 8.16 -38.12
N GLN C 70 -13.26 7.69 -39.30
CA GLN C 70 -13.04 8.60 -40.42
C GLN C 70 -14.30 9.36 -40.78
N THR C 71 -14.14 10.62 -41.21
CA THR C 71 -15.26 11.48 -41.55
C THR C 71 -16.06 11.06 -42.78
N ASP C 72 -15.42 10.33 -43.71
CA ASP C 72 -16.14 9.91 -44.91
C ASP C 72 -17.27 8.94 -44.62
N VAL C 73 -17.25 8.31 -43.45
CA VAL C 73 -18.31 7.37 -43.10
C VAL C 73 -19.14 7.83 -41.91
N GLY C 74 -19.10 9.13 -41.63
CA GLY C 74 -19.89 9.68 -40.54
C GLY C 74 -19.15 9.97 -39.24
N GLY C 75 -17.88 9.59 -39.16
CA GLY C 75 -17.11 9.82 -37.96
C GLY C 75 -16.67 11.26 -37.76
N SER C 76 -16.09 11.53 -36.59
CA SER C 76 -15.62 12.87 -36.27
C SER C 76 -14.13 13.01 -36.60
N GLY C 77 -13.48 11.90 -36.91
CA GLY C 77 -12.07 11.91 -37.28
C GLY C 77 -11.10 12.51 -36.29
N LEU C 78 -11.40 12.41 -35.00
CA LEU C 78 -10.52 12.95 -33.97
C LEU C 78 -9.39 12.01 -33.57
N SER C 79 -8.41 12.55 -32.86
CA SER C 79 -7.25 11.77 -32.42
C SER C 79 -7.53 10.97 -31.16
N ARG C 80 -6.57 10.14 -30.77
CA ARG C 80 -6.71 9.31 -29.58
C ARG C 80 -6.73 10.19 -28.35
N LEU C 81 -5.94 11.26 -28.36
CA LEU C 81 -5.91 12.18 -27.22
C LEU C 81 -7.23 12.94 -27.15
N ASP C 82 -7.74 13.38 -28.30
CA ASP C 82 -9.02 14.09 -28.31
C ASP C 82 -10.06 13.16 -27.71
N THR C 83 -10.01 11.91 -28.13
CA THR C 83 -10.96 10.89 -27.66
C THR C 83 -10.87 10.68 -26.16
N SER C 84 -9.64 10.61 -25.64
CA SER C 84 -9.44 10.41 -24.20
C SER C 84 -10.07 11.58 -23.43
N VAL C 85 -9.83 12.80 -23.91
CA VAL C 85 -10.37 14.00 -23.26
C VAL C 85 -11.90 13.98 -23.24
N ILE C 86 -12.50 13.55 -24.36
CA ILE C 86 -13.94 13.48 -24.45
C ILE C 86 -14.55 12.44 -23.52
N PHE C 87 -14.00 11.23 -23.51
CA PHE C 87 -14.53 10.17 -22.67
C PHE C 87 -14.33 10.48 -21.18
N GLU C 88 -13.21 11.12 -20.85
CA GLU C 88 -12.94 11.48 -19.47
C GLU C 88 -14.03 12.45 -19.00
N ALA C 89 -14.36 13.42 -19.85
CA ALA C 89 -15.38 14.40 -19.51
C ALA C 89 -16.77 13.77 -19.41
N LEU C 90 -17.11 12.90 -20.36
CA LEU C 90 -18.42 12.24 -20.33
C LEU C 90 -18.57 11.34 -19.11
N ALA C 91 -17.48 10.70 -18.70
CA ALA C 91 -17.49 9.79 -17.56
C ALA C 91 -17.88 10.48 -16.24
N THR C 92 -17.72 11.79 -16.17
CA THR C 92 -18.09 12.51 -14.95
C THR C 92 -19.62 12.50 -14.81
N GLY C 93 -20.31 12.29 -15.93
CA GLY C 93 -21.76 12.25 -15.91
C GLY C 93 -22.27 10.87 -15.56
N CYS C 94 -21.72 9.87 -16.23
CA CYS C 94 -22.04 8.47 -15.97
C CYS C 94 -20.91 7.67 -16.56
N THR C 95 -20.15 7.03 -15.68
CA THR C 95 -19.02 6.24 -16.10
C THR C 95 -19.45 4.99 -16.87
N SER C 96 -20.50 4.33 -16.37
CA SER C 96 -21.02 3.13 -17.01
C SER C 96 -21.43 3.37 -18.46
N THR C 97 -22.24 4.40 -18.66
CA THR C 97 -22.74 4.72 -19.99
C THR C 97 -21.62 5.16 -20.92
N THR C 98 -20.68 5.94 -20.40
CA THR C 98 -19.57 6.40 -21.22
C THR C 98 -18.70 5.21 -21.63
N ALA C 99 -18.51 4.27 -20.72
CA ALA C 99 -17.70 3.09 -21.03
C ALA C 99 -18.35 2.33 -22.19
N TYR C 100 -19.67 2.23 -22.17
CA TYR C 100 -20.33 1.53 -23.26
C TYR C 100 -20.13 2.30 -24.57
N ILE C 101 -20.25 3.62 -24.52
CA ILE C 101 -20.07 4.42 -25.72
C ILE C 101 -18.67 4.13 -26.30
N SER C 102 -17.70 3.93 -25.42
N SER C 102 -17.69 3.94 -25.44
CA SER C 102 -16.34 3.64 -25.85
CA SER C 102 -16.33 3.65 -25.90
C SER C 102 -16.26 2.29 -26.55
C SER C 102 -16.25 2.28 -26.56
N ILE C 103 -16.97 1.31 -26.01
CA ILE C 103 -16.99 -0.04 -26.59
C ILE C 103 -17.62 0.03 -27.98
N HIS C 104 -18.74 0.75 -28.07
CA HIS C 104 -19.46 0.94 -29.33
C HIS C 104 -18.51 1.58 -30.35
N ASN C 105 -17.76 2.59 -29.92
CA ASN C 105 -16.81 3.27 -30.78
C ASN C 105 -15.71 2.33 -31.27
N MET C 106 -15.24 1.45 -30.38
CA MET C 106 -14.18 0.50 -30.74
C MET C 106 -14.67 -0.41 -31.85
N CYS C 107 -15.91 -0.87 -31.74
CA CYS C 107 -16.50 -1.73 -32.76
C CYS C 107 -16.53 -1.02 -34.10
N ALA C 108 -17.00 0.23 -34.10
CA ALA C 108 -17.07 1.01 -35.31
C ALA C 108 -15.68 1.20 -35.91
N TRP C 109 -14.69 1.41 -35.05
CA TRP C 109 -13.32 1.62 -35.50
C TRP C 109 -12.73 0.38 -36.18
N MET C 110 -13.01 -0.80 -35.63
CA MET C 110 -12.50 -2.03 -36.23
C MET C 110 -13.01 -2.19 -37.66
N ILE C 111 -14.29 -1.90 -37.86
CA ILE C 111 -14.88 -2.01 -39.19
C ILE C 111 -14.32 -0.93 -40.11
N ASP C 112 -14.25 0.31 -39.60
CA ASP C 112 -13.72 1.42 -40.36
C ASP C 112 -12.26 1.26 -40.79
N SER C 113 -11.44 0.75 -39.88
N SER C 113 -11.44 0.75 -39.88
CA SER C 113 -10.01 0.57 -40.14
CA SER C 113 -10.01 0.57 -40.14
C SER C 113 -9.61 -0.68 -40.90
C SER C 113 -9.61 -0.69 -40.89
N PHE C 114 -10.35 -1.77 -40.73
CA PHE C 114 -10.01 -3.03 -41.41
C PHE C 114 -10.97 -3.53 -42.48
N GLY C 115 -12.15 -2.94 -42.56
CA GLY C 115 -13.12 -3.39 -43.55
C GLY C 115 -12.90 -2.82 -44.94
N ASN C 116 -13.56 -3.41 -45.93
CA ASN C 116 -13.45 -2.91 -47.30
C ASN C 116 -14.47 -1.78 -47.43
N GLU C 117 -14.38 -1.01 -48.50
CA GLU C 117 -15.28 0.11 -48.68
C GLU C 117 -16.77 -0.19 -48.55
N GLU C 118 -17.19 -1.35 -49.06
CA GLU C 118 -18.61 -1.71 -48.96
C GLU C 118 -19.01 -1.87 -47.49
N GLN C 119 -18.17 -2.54 -46.72
CA GLN C 119 -18.46 -2.77 -45.31
C GLN C 119 -18.44 -1.47 -44.50
N ARG C 120 -17.45 -0.62 -44.78
CA ARG C 120 -17.31 0.65 -44.07
C ARG C 120 -18.55 1.52 -44.25
N HIS C 121 -19.02 1.64 -45.49
CA HIS C 121 -20.18 2.47 -45.76
C HIS C 121 -21.51 1.83 -45.39
N LYS C 122 -21.50 0.54 -45.07
CA LYS C 122 -22.71 -0.16 -44.69
C LYS C 122 -22.94 -0.12 -43.18
N PHE C 123 -21.91 -0.45 -42.42
CA PHE C 123 -22.01 -0.50 -40.96
C PHE C 123 -21.66 0.76 -40.19
N CYS C 124 -20.61 1.46 -40.60
CA CYS C 124 -20.17 2.65 -39.88
C CYS C 124 -21.14 3.82 -39.78
N PRO C 125 -21.78 4.21 -40.89
CA PRO C 125 -22.71 5.34 -40.80
C PRO C 125 -23.80 5.23 -39.72
N PRO C 126 -24.51 4.10 -39.65
CA PRO C 126 -25.56 3.94 -38.65
C PRO C 126 -25.00 3.93 -37.23
N LEU C 127 -23.76 3.45 -37.08
CA LEU C 127 -23.13 3.41 -35.78
C LEU C 127 -22.71 4.81 -35.32
N CYS C 128 -22.27 5.64 -36.25
CA CYS C 128 -21.84 6.99 -35.89
C CYS C 128 -22.98 7.89 -35.43
N THR C 129 -24.20 7.60 -35.89
CA THR C 129 -25.36 8.39 -35.47
C THR C 129 -26.07 7.63 -34.36
N MET C 130 -25.59 6.41 -34.11
CA MET C 130 -26.17 5.51 -33.13
C MET C 130 -27.61 5.16 -33.44
N GLU C 131 -27.91 5.11 -34.74
CA GLU C 131 -29.22 4.70 -35.23
C GLU C 131 -29.20 3.23 -34.82
N LYS C 132 -28.00 2.66 -34.85
CA LYS C 132 -27.77 1.28 -34.47
C LYS C 132 -26.62 1.24 -33.45
N PHE C 133 -26.69 0.30 -32.52
CA PHE C 133 -25.65 0.15 -31.51
C PHE C 133 -24.83 -1.10 -31.76
N ALA C 134 -23.58 -1.10 -31.29
CA ALA C 134 -22.70 -2.24 -31.50
C ALA C 134 -22.18 -2.87 -30.22
N SER C 135 -21.85 -4.16 -30.30
CA SER C 135 -21.30 -4.90 -29.18
C SER C 135 -20.04 -5.64 -29.65
N TYR C 136 -19.05 -5.72 -28.78
CA TYR C 136 -17.77 -6.39 -29.07
C TYR C 136 -17.88 -7.78 -28.44
N CYS C 137 -17.71 -8.84 -29.23
CA CYS C 137 -17.85 -10.20 -28.72
C CYS C 137 -16.60 -11.06 -28.83
N LEU C 138 -15.85 -11.12 -27.73
CA LEU C 138 -14.63 -11.92 -27.70
C LEU C 138 -14.68 -13.00 -26.63
N THR C 139 -14.98 -12.59 -25.40
CA THR C 139 -15.01 -13.50 -24.25
C THR C 139 -16.02 -14.64 -24.36
N GLU C 140 -15.62 -15.79 -23.85
CA GLU C 140 -16.47 -16.98 -23.81
C GLU C 140 -16.34 -17.59 -22.41
N PRO C 141 -17.25 -18.51 -22.06
CA PRO C 141 -17.17 -19.12 -20.72
C PRO C 141 -15.80 -19.72 -20.43
N GLY C 142 -15.19 -20.32 -21.45
CA GLY C 142 -13.89 -20.94 -21.24
C GLY C 142 -12.69 -20.13 -21.72
N SER C 143 -12.94 -18.92 -22.18
N SER C 143 -12.94 -18.92 -22.18
CA SER C 143 -11.86 -18.06 -22.66
CA SER C 143 -11.88 -18.05 -22.67
C SER C 143 -12.06 -16.62 -22.25
C SER C 143 -12.08 -16.60 -22.25
N GLY C 144 -11.35 -16.19 -21.21
CA GLY C 144 -11.45 -14.84 -20.73
C GLY C 144 -10.11 -14.16 -20.94
N SER C 145 -9.21 -14.31 -19.97
CA SER C 145 -7.88 -13.73 -20.10
C SER C 145 -7.18 -14.43 -21.26
N ASP C 146 -7.42 -15.73 -21.39
CA ASP C 146 -6.84 -16.52 -22.48
C ASP C 146 -7.80 -16.41 -23.66
N ALA C 147 -7.91 -15.20 -24.20
CA ALA C 147 -8.82 -14.92 -25.29
C ALA C 147 -8.60 -15.70 -26.58
N ALA C 148 -7.35 -16.00 -26.90
CA ALA C 148 -7.04 -16.71 -28.13
C ALA C 148 -7.47 -18.18 -28.13
N SER C 149 -8.03 -18.65 -27.02
CA SER C 149 -8.46 -20.05 -26.92
C SER C 149 -9.96 -20.22 -27.17
N LEU C 150 -10.60 -19.16 -27.67
CA LEU C 150 -12.04 -19.18 -27.93
C LEU C 150 -12.45 -20.39 -28.78
N LEU C 151 -13.66 -20.89 -28.52
CA LEU C 151 -14.18 -22.06 -29.21
C LEU C 151 -15.25 -21.81 -30.26
N THR C 152 -15.88 -20.63 -30.23
CA THR C 152 -16.93 -20.35 -31.22
C THR C 152 -16.35 -20.60 -32.61
N SER C 153 -16.98 -21.50 -33.35
CA SER C 153 -16.52 -21.85 -34.69
C SER C 153 -17.32 -21.19 -35.80
N ALA C 154 -16.67 -21.01 -36.94
CA ALA C 154 -17.31 -20.41 -38.11
C ALA C 154 -16.88 -21.27 -39.30
N LYS C 155 -17.78 -22.15 -39.74
CA LYS C 155 -17.49 -23.04 -40.86
C LYS C 155 -18.09 -22.50 -42.15
N LYS C 156 -17.27 -22.41 -43.19
CA LYS C 156 -17.75 -21.89 -44.45
C LYS C 156 -18.65 -22.88 -45.19
N GLN C 157 -19.72 -22.35 -45.76
CA GLN C 157 -20.69 -23.13 -46.51
C GLN C 157 -21.23 -22.21 -47.59
N GLY C 158 -20.64 -22.29 -48.78
CA GLY C 158 -21.06 -21.43 -49.87
C GLY C 158 -20.54 -20.03 -49.55
N ASP C 159 -21.41 -19.03 -49.62
CA ASP C 159 -20.97 -17.68 -49.31
C ASP C 159 -21.38 -17.28 -47.89
N HIS C 160 -21.55 -18.27 -47.03
CA HIS C 160 -21.93 -18.03 -45.64
C HIS C 160 -21.03 -18.82 -44.69
N TYR C 161 -20.94 -18.33 -43.45
CA TYR C 161 -20.20 -19.00 -42.40
C TYR C 161 -21.30 -19.50 -41.47
N ILE C 162 -21.16 -20.71 -40.96
CA ILE C 162 -22.14 -21.24 -40.03
C ILE C 162 -21.49 -21.14 -38.66
N LEU C 163 -22.04 -20.30 -37.79
CA LEU C 163 -21.48 -20.11 -36.46
C LEU C 163 -22.13 -20.96 -35.38
N ASN C 164 -21.30 -21.48 -34.48
CA ASN C 164 -21.75 -22.30 -33.35
C ASN C 164 -20.85 -22.00 -32.15
N GLY C 165 -21.47 -21.63 -31.04
CA GLY C 165 -20.72 -21.33 -29.84
C GLY C 165 -21.46 -20.31 -29.00
N SER C 166 -20.77 -19.70 -28.04
CA SER C 166 -21.41 -18.71 -27.21
C SER C 166 -20.38 -17.76 -26.65
N LYS C 167 -20.80 -16.51 -26.49
CA LYS C 167 -19.94 -15.46 -25.96
C LYS C 167 -20.51 -15.10 -24.60
N ALA C 168 -19.66 -14.60 -23.70
CA ALA C 168 -20.11 -14.24 -22.36
C ALA C 168 -19.82 -12.79 -22.00
N PHE C 169 -20.61 -12.27 -21.07
CA PHE C 169 -20.47 -10.90 -20.57
C PHE C 169 -20.61 -9.81 -21.64
N ILE C 170 -21.30 -10.09 -22.74
CA ILE C 170 -21.39 -9.08 -23.79
C ILE C 170 -22.18 -7.82 -23.44
N SER C 171 -21.48 -6.70 -23.38
CA SER C 171 -22.08 -5.40 -23.07
C SER C 171 -22.95 -4.92 -24.21
N GLY C 172 -24.20 -4.57 -23.90
CA GLY C 172 -25.12 -4.09 -24.92
C GLY C 172 -25.87 -5.20 -25.64
N ALA C 173 -25.54 -6.45 -25.34
CA ALA C 173 -26.21 -7.58 -25.98
C ALA C 173 -27.72 -7.49 -25.85
N GLY C 174 -28.42 -7.75 -26.94
CA GLY C 174 -29.87 -7.67 -26.94
C GLY C 174 -30.35 -6.35 -27.50
N GLU C 175 -29.66 -5.27 -27.12
CA GLU C 175 -29.99 -3.94 -27.61
C GLU C 175 -29.26 -3.65 -28.91
N SER C 176 -28.01 -4.09 -28.98
CA SER C 176 -27.19 -3.86 -30.17
C SER C 176 -27.73 -4.53 -31.42
N ASP C 177 -27.48 -3.90 -32.56
CA ASP C 177 -27.90 -4.44 -33.85
C ASP C 177 -26.69 -5.03 -34.58
N ILE C 178 -25.50 -4.56 -34.21
CA ILE C 178 -24.26 -5.02 -34.83
C ILE C 178 -23.34 -5.68 -33.82
N TYR C 179 -22.99 -6.93 -34.06
CA TYR C 179 -22.10 -7.66 -33.17
C TYR C 179 -20.80 -7.99 -33.89
N VAL C 180 -19.69 -7.47 -33.36
CA VAL C 180 -18.38 -7.74 -33.94
C VAL C 180 -17.92 -8.99 -33.20
N VAL C 181 -17.98 -10.11 -33.90
CA VAL C 181 -17.66 -11.42 -33.32
C VAL C 181 -16.36 -12.09 -33.72
N MET C 182 -15.56 -12.45 -32.72
CA MET C 182 -14.31 -13.17 -32.96
C MET C 182 -14.64 -14.66 -32.93
N CYS C 183 -14.42 -15.33 -34.05
N CYS C 183 -14.41 -15.33 -34.06
CA CYS C 183 -14.69 -16.76 -34.14
CA CYS C 183 -14.70 -16.75 -34.19
C CYS C 183 -13.52 -17.51 -34.75
C CYS C 183 -13.50 -17.51 -34.73
N ARG C 184 -13.52 -18.83 -34.60
CA ARG C 184 -12.43 -19.65 -35.10
C ARG C 184 -12.78 -20.23 -36.47
N THR C 185 -12.04 -19.79 -37.49
CA THR C 185 -12.25 -20.25 -38.86
C THR C 185 -11.17 -21.26 -39.26
N GLY C 186 -10.06 -21.24 -38.54
CA GLY C 186 -8.96 -22.15 -38.87
C GLY C 186 -8.48 -23.04 -37.75
N GLY C 187 -7.16 -23.09 -37.57
CA GLY C 187 -6.57 -23.92 -36.54
C GLY C 187 -6.60 -23.31 -35.15
N PRO C 188 -5.92 -23.93 -34.18
CA PRO C 188 -5.89 -23.44 -32.80
C PRO C 188 -5.03 -22.18 -32.64
N GLY C 189 -5.22 -21.49 -31.52
CA GLY C 189 -4.44 -20.30 -31.25
C GLY C 189 -4.91 -19.05 -31.97
N PRO C 190 -4.17 -17.94 -31.80
CA PRO C 190 -4.48 -16.64 -32.42
C PRO C 190 -4.64 -16.68 -33.94
N LYS C 191 -3.79 -17.44 -34.60
CA LYS C 191 -3.82 -17.51 -36.07
C LYS C 191 -5.05 -18.12 -36.73
N GLY C 192 -5.89 -18.81 -35.98
CA GLY C 192 -7.07 -19.41 -36.56
C GLY C 192 -8.36 -18.63 -36.33
N ILE C 193 -8.21 -17.40 -35.84
CA ILE C 193 -9.35 -16.55 -35.52
C ILE C 193 -9.64 -15.48 -36.57
N SER C 194 -10.92 -15.25 -36.81
CA SER C 194 -11.38 -14.24 -37.76
C SER C 194 -12.43 -13.35 -37.09
N CYS C 195 -12.58 -12.16 -37.63
CA CYS C 195 -13.55 -11.19 -37.12
C CYS C 195 -14.73 -11.14 -38.07
N ILE C 196 -15.93 -11.35 -37.55
N ILE C 196 -15.94 -11.36 -37.56
CA ILE C 196 -17.14 -11.35 -38.38
CA ILE C 196 -17.12 -11.33 -38.42
C ILE C 196 -18.27 -10.54 -37.75
C ILE C 196 -18.27 -10.56 -37.76
N VAL C 197 -18.91 -9.71 -38.56
CA VAL C 197 -20.02 -8.91 -38.09
C VAL C 197 -21.30 -9.73 -38.20
N VAL C 198 -22.04 -9.84 -37.10
CA VAL C 198 -23.30 -10.57 -37.08
C VAL C 198 -24.39 -9.56 -36.76
N GLU C 199 -25.46 -9.57 -37.55
CA GLU C 199 -26.54 -8.63 -37.35
C GLU C 199 -27.72 -9.19 -36.58
N LYS C 200 -28.27 -8.36 -35.69
CA LYS C 200 -29.42 -8.75 -34.89
C LYS C 200 -30.54 -9.17 -35.84
N GLY C 201 -31.27 -10.22 -35.46
CA GLY C 201 -32.35 -10.70 -36.30
C GLY C 201 -31.95 -11.90 -37.13
N THR C 202 -30.65 -12.19 -37.18
CA THR C 202 -30.15 -13.34 -37.93
C THR C 202 -30.60 -14.63 -37.26
N PRO C 203 -31.20 -15.56 -38.04
CA PRO C 203 -31.66 -16.82 -37.46
C PRO C 203 -30.49 -17.59 -36.84
N GLY C 204 -30.71 -18.16 -35.66
CA GLY C 204 -29.66 -18.91 -35.00
C GLY C 204 -28.96 -18.09 -33.93
N LEU C 205 -29.29 -16.81 -33.87
CA LEU C 205 -28.71 -15.91 -32.89
C LEU C 205 -29.69 -15.67 -31.74
N SER C 206 -29.25 -15.92 -30.51
CA SER C 206 -30.10 -15.71 -29.34
C SER C 206 -29.27 -15.14 -28.20
N PHE C 207 -29.95 -14.69 -27.15
CA PHE C 207 -29.26 -14.09 -26.02
C PHE C 207 -29.62 -14.75 -24.69
N GLY C 208 -28.68 -14.74 -23.75
CA GLY C 208 -28.94 -15.32 -22.45
C GLY C 208 -29.66 -14.30 -21.58
N LYS C 209 -29.85 -14.64 -20.31
CA LYS C 209 -30.53 -13.74 -19.37
C LYS C 209 -29.74 -12.46 -19.15
N LYS C 210 -30.44 -11.41 -18.70
CA LYS C 210 -29.81 -10.13 -18.40
C LYS C 210 -29.10 -10.32 -17.05
N GLU C 211 -27.77 -10.34 -17.07
CA GLU C 211 -26.98 -10.54 -15.86
C GLU C 211 -27.12 -9.43 -14.82
N LYS C 212 -27.17 -9.82 -13.54
CA LYS C 212 -27.25 -8.84 -12.45
C LYS C 212 -25.80 -8.57 -12.07
N LYS C 213 -25.42 -7.29 -11.96
CA LYS C 213 -24.05 -6.93 -11.65
C LYS C 213 -23.91 -5.86 -10.57
N VAL C 214 -22.68 -5.68 -10.08
CA VAL C 214 -22.36 -4.68 -9.07
C VAL C 214 -22.49 -3.27 -9.64
N GLY C 215 -22.07 -3.12 -10.90
CA GLY C 215 -22.12 -1.82 -11.56
C GLY C 215 -22.28 -1.97 -13.07
N TRP C 216 -22.02 -0.89 -13.81
CA TRP C 216 -22.17 -0.91 -15.26
C TRP C 216 -23.61 -1.35 -15.57
N ASN C 217 -24.53 -0.93 -14.70
CA ASN C 217 -25.93 -1.29 -14.84
C ASN C 217 -26.69 -0.67 -15.98
N SER C 218 -26.20 0.45 -16.52
CA SER C 218 -26.89 1.08 -17.64
C SER C 218 -26.70 0.32 -18.94
N GLN C 219 -25.80 -0.67 -18.93
CA GLN C 219 -25.55 -1.49 -20.11
C GLN C 219 -26.01 -2.90 -19.85
N PRO C 220 -26.85 -3.46 -20.74
CA PRO C 220 -27.30 -4.83 -20.50
C PRO C 220 -26.11 -5.77 -20.75
N THR C 221 -25.99 -6.80 -19.93
CA THR C 221 -24.91 -7.77 -20.07
C THR C 221 -25.55 -9.14 -20.26
N ARG C 222 -25.33 -9.74 -21.42
CA ARG C 222 -25.94 -11.04 -21.70
C ARG C 222 -25.05 -11.92 -22.55
N ALA C 223 -25.27 -13.22 -22.45
CA ALA C 223 -24.53 -14.16 -23.26
C ALA C 223 -25.10 -14.04 -24.68
N VAL C 224 -24.26 -14.29 -25.68
CA VAL C 224 -24.67 -14.24 -27.08
C VAL C 224 -24.44 -15.67 -27.54
N ILE C 225 -25.51 -16.32 -28.01
CA ILE C 225 -25.43 -17.71 -28.42
C ILE C 225 -25.65 -17.91 -29.92
N PHE C 226 -24.84 -18.76 -30.53
CA PHE C 226 -24.94 -19.04 -31.96
C PHE C 226 -25.22 -20.53 -32.15
N GLU C 227 -26.32 -20.84 -32.83
CA GLU C 227 -26.68 -22.23 -33.10
C GLU C 227 -26.95 -22.31 -34.59
N ASP C 228 -25.99 -22.85 -35.34
CA ASP C 228 -26.08 -22.96 -36.80
C ASP C 228 -26.53 -21.62 -37.38
N CYS C 229 -25.90 -20.56 -36.88
CA CYS C 229 -26.19 -19.21 -37.31
C CYS C 229 -25.47 -18.90 -38.62
N ALA C 230 -26.23 -18.76 -39.70
CA ALA C 230 -25.65 -18.48 -41.01
C ALA C 230 -25.38 -16.99 -41.21
N VAL C 231 -24.11 -16.66 -41.40
CA VAL C 231 -23.67 -15.27 -41.58
C VAL C 231 -22.89 -15.12 -42.89
N PRO C 232 -23.21 -14.07 -43.66
CA PRO C 232 -22.50 -13.85 -44.94
C PRO C 232 -20.99 -13.76 -44.80
N VAL C 233 -20.27 -14.44 -45.70
CA VAL C 233 -18.82 -14.38 -45.69
C VAL C 233 -18.42 -12.93 -45.94
N ALA C 234 -19.31 -12.19 -46.59
CA ALA C 234 -19.07 -10.78 -46.90
C ALA C 234 -19.07 -9.92 -45.64
N ASN C 235 -19.40 -10.53 -44.50
CA ASN C 235 -19.43 -9.80 -43.24
C ASN C 235 -18.11 -9.95 -42.47
N ARG C 236 -17.18 -10.72 -43.03
CA ARG C 236 -15.90 -10.91 -42.36
C ARG C 236 -15.03 -9.66 -42.54
N ILE C 237 -14.54 -9.14 -41.42
CA ILE C 237 -13.68 -7.95 -41.47
C ILE C 237 -12.24 -8.44 -41.55
N GLY C 238 -11.56 -8.09 -42.63
CA GLY C 238 -10.19 -8.52 -42.80
C GLY C 238 -10.14 -9.92 -43.38
N SER C 239 -8.93 -10.47 -43.48
N SER C 239 -8.94 -10.47 -43.49
CA SER C 239 -8.74 -11.82 -44.03
CA SER C 239 -8.77 -11.81 -44.04
C SER C 239 -8.94 -12.87 -42.93
C SER C 239 -8.95 -12.87 -42.95
N GLU C 240 -9.12 -14.11 -43.35
CA GLU C 240 -9.29 -15.19 -42.39
C GLU C 240 -7.98 -15.31 -41.62
N GLY C 241 -8.07 -15.43 -40.31
CA GLY C 241 -6.87 -15.55 -39.50
C GLY C 241 -6.31 -14.24 -38.98
N GLN C 242 -6.90 -13.13 -39.39
CA GLN C 242 -6.46 -11.80 -38.97
C GLN C 242 -7.30 -11.29 -37.81
N GLY C 243 -8.28 -12.09 -37.40
CA GLY C 243 -9.18 -11.71 -36.33
C GLY C 243 -8.58 -11.34 -34.98
N PHE C 244 -7.63 -12.13 -34.49
CA PHE C 244 -7.05 -11.80 -33.19
C PHE C 244 -6.22 -10.53 -33.26
N LEU C 245 -5.55 -10.31 -34.39
CA LEU C 245 -4.75 -9.12 -34.57
C LEU C 245 -5.66 -7.90 -34.54
N ILE C 246 -6.83 -8.02 -35.17
CA ILE C 246 -7.78 -6.92 -35.19
C ILE C 246 -8.32 -6.70 -33.78
N ALA C 247 -8.59 -7.79 -33.07
CA ALA C 247 -9.12 -7.71 -31.72
C ALA C 247 -8.19 -6.96 -30.78
N VAL C 248 -6.92 -7.35 -30.75
CA VAL C 248 -5.95 -6.71 -29.86
C VAL C 248 -5.66 -5.26 -30.26
N ARG C 249 -5.61 -4.99 -31.57
CA ARG C 249 -5.38 -3.64 -32.04
C ARG C 249 -6.50 -2.77 -31.52
N GLY C 250 -7.72 -3.32 -31.52
CA GLY C 250 -8.87 -2.56 -31.05
C GLY C 250 -8.78 -2.32 -29.55
N LEU C 251 -8.26 -3.30 -28.82
CA LEU C 251 -8.14 -3.18 -27.38
C LEU C 251 -7.11 -2.16 -26.91
N ASN C 252 -6.05 -1.94 -27.68
CA ASN C 252 -5.06 -0.94 -27.29
C ASN C 252 -5.76 0.39 -27.09
N GLY C 253 -6.65 0.73 -28.02
CA GLY C 253 -7.38 1.98 -27.93
C GLY C 253 -8.48 1.86 -26.89
N GLY C 254 -9.12 0.71 -26.82
CA GLY C 254 -10.18 0.51 -25.86
C GLY C 254 -9.68 0.67 -24.43
N ARG C 255 -8.49 0.16 -24.17
CA ARG C 255 -7.88 0.24 -22.85
C ARG C 255 -7.55 1.68 -22.46
N ILE C 256 -7.13 2.48 -23.44
CA ILE C 256 -6.83 3.88 -23.19
C ILE C 256 -8.15 4.57 -22.83
N ASN C 257 -9.21 4.20 -23.52
CA ASN C 257 -10.50 4.80 -23.28
C ASN C 257 -11.18 4.34 -21.99
N ILE C 258 -10.97 3.09 -21.60
CA ILE C 258 -11.56 2.62 -20.35
C ILE C 258 -10.81 3.34 -19.23
N ALA C 259 -9.51 3.53 -19.42
CA ALA C 259 -8.70 4.24 -18.43
C ALA C 259 -9.18 5.68 -18.34
N SER C 260 -9.61 6.24 -19.47
CA SER C 260 -10.10 7.61 -19.51
C SER C 260 -11.42 7.71 -18.74
N CYS C 261 -12.22 6.65 -18.78
CA CYS C 261 -13.47 6.64 -18.05
C CYS C 261 -13.17 6.64 -16.55
N SER C 262 -12.11 5.91 -16.17
CA SER C 262 -11.71 5.86 -14.76
C SER C 262 -11.26 7.25 -14.32
N LEU C 263 -10.56 7.96 -15.21
CA LEU C 263 -10.10 9.32 -14.90
C LEU C 263 -11.28 10.21 -14.60
N GLY C 264 -12.33 10.10 -15.40
CA GLY C 264 -13.51 10.93 -15.19
C GLY C 264 -14.20 10.65 -13.86
N ALA C 265 -14.32 9.37 -13.52
CA ALA C 265 -14.95 8.98 -12.27
C ALA C 265 -14.14 9.52 -11.10
N ALA C 266 -12.81 9.42 -11.21
CA ALA C 266 -11.94 9.90 -10.15
C ALA C 266 -11.96 11.41 -10.02
N HIS C 267 -11.96 12.12 -11.15
CA HIS C 267 -11.99 13.57 -11.10
C HIS C 267 -13.26 14.04 -10.42
N ALA C 268 -14.39 13.45 -10.81
CA ALA C 268 -15.68 13.79 -10.23
C ALA C 268 -15.65 13.54 -8.73
N SER C 269 -15.06 12.41 -8.34
CA SER C 269 -14.96 12.04 -6.93
C SER C 269 -14.12 13.03 -6.14
N VAL C 270 -13.02 13.49 -6.72
CA VAL C 270 -12.15 14.44 -6.03
C VAL C 270 -12.86 15.77 -5.83
N ILE C 271 -13.57 16.24 -6.85
CA ILE C 271 -14.30 17.49 -6.74
C ILE C 271 -15.39 17.38 -5.70
N LEU C 272 -16.15 16.28 -5.73
CA LEU C 272 -17.21 16.07 -4.76
C LEU C 272 -16.65 16.04 -3.34
N THR C 273 -15.52 15.36 -3.16
CA THR C 273 -14.89 15.24 -1.85
C THR C 273 -14.41 16.59 -1.34
N ARG C 274 -13.74 17.34 -2.20
CA ARG C 274 -13.25 18.67 -1.83
C ARG C 274 -14.40 19.52 -1.30
N ASP C 275 -15.48 19.61 -2.08
CA ASP C 275 -16.63 20.41 -1.66
C ASP C 275 -17.27 19.87 -0.38
N HIS C 276 -17.37 18.55 -0.26
CA HIS C 276 -17.96 17.93 0.91
C HIS C 276 -17.18 18.27 2.18
N LEU C 277 -15.86 18.20 2.11
CA LEU C 277 -15.03 18.50 3.27
C LEU C 277 -15.18 19.95 3.73
N ASN C 278 -15.43 20.85 2.77
CA ASN C 278 -15.58 22.27 3.09
C ASN C 278 -16.94 22.65 3.66
N VAL C 279 -17.97 21.87 3.36
N VAL C 279 -17.96 21.86 3.36
CA VAL C 279 -19.32 22.17 3.83
CA VAL C 279 -19.32 22.16 3.82
C VAL C 279 -19.79 21.36 5.04
C VAL C 279 -19.78 21.36 5.04
N ARG C 280 -19.47 20.07 5.07
CA ARG C 280 -19.87 19.23 6.19
C ARG C 280 -19.10 19.56 7.46
N LYS C 281 -19.83 19.79 8.54
CA LYS C 281 -19.19 20.11 9.81
C LYS C 281 -19.40 19.05 10.87
N GLN C 282 -18.35 18.81 11.64
CA GLN C 282 -18.36 17.85 12.77
C GLN C 282 -17.38 18.44 13.78
N PHE C 283 -17.67 18.28 15.05
CA PHE C 283 -16.81 18.82 16.11
C PHE C 283 -16.68 20.33 15.98
N GLY C 284 -17.75 20.97 15.50
CA GLY C 284 -17.78 22.42 15.38
C GLY C 284 -16.93 23.05 14.28
N GLU C 285 -16.34 22.23 13.42
CA GLU C 285 -15.50 22.73 12.35
C GLU C 285 -15.74 21.96 11.06
N PRO C 286 -15.40 22.54 9.90
CA PRO C 286 -15.61 21.82 8.65
C PRO C 286 -14.71 20.58 8.70
N LEU C 287 -15.11 19.51 8.02
CA LEU C 287 -14.28 18.31 8.00
C LEU C 287 -12.90 18.62 7.45
N ALA C 288 -12.83 19.63 6.59
CA ALA C 288 -11.57 20.05 5.97
C ALA C 288 -10.53 20.56 6.96
N SER C 289 -10.94 20.80 8.20
N SER C 289 -10.94 20.78 8.20
CA SER C 289 -10.01 21.29 9.22
CA SER C 289 -10.02 21.29 9.22
C SER C 289 -9.16 20.18 9.83
C SER C 289 -9.16 20.18 9.83
N ASN C 290 -9.48 18.94 9.48
CA ASN C 290 -8.73 17.79 10.01
C ASN C 290 -7.57 17.45 9.07
N GLN C 291 -6.35 17.53 9.59
CA GLN C 291 -5.17 17.28 8.78
C GLN C 291 -5.14 15.95 8.03
N TYR C 292 -5.63 14.88 8.64
CA TYR C 292 -5.59 13.60 7.94
C TYR C 292 -6.43 13.65 6.67
N LEU C 293 -7.58 14.31 6.75
CA LEU C 293 -8.45 14.42 5.59
C LEU C 293 -7.84 15.34 4.54
N GLN C 294 -7.14 16.38 4.99
CA GLN C 294 -6.48 17.31 4.08
C GLN C 294 -5.39 16.55 3.32
N PHE C 295 -4.59 15.79 4.05
CA PHE C 295 -3.49 15.02 3.46
C PHE C 295 -4.00 13.94 2.52
N THR C 296 -5.11 13.30 2.88
CA THR C 296 -5.67 12.25 2.04
C THR C 296 -6.17 12.85 0.72
N LEU C 297 -6.77 14.04 0.80
CA LEU C 297 -7.25 14.69 -0.41
C LEU C 297 -6.04 15.04 -1.28
N ALA C 298 -4.95 15.44 -0.65
CA ALA C 298 -3.73 15.79 -1.38
C ALA C 298 -3.22 14.59 -2.16
N ASP C 299 -3.27 13.42 -1.53
CA ASP C 299 -2.83 12.18 -2.17
C ASP C 299 -3.72 11.86 -3.36
N MET C 300 -5.03 11.96 -3.15
CA MET C 300 -6.00 11.69 -4.21
C MET C 300 -5.74 12.57 -5.42
N ALA C 301 -5.55 13.86 -5.20
CA ALA C 301 -5.31 14.80 -6.29
C ALA C 301 -3.98 14.50 -7.00
N THR C 302 -2.96 14.19 -6.22
CA THR C 302 -1.64 13.89 -6.79
C THR C 302 -1.69 12.66 -7.68
N ARG C 303 -2.36 11.60 -7.22
CA ARG C 303 -2.46 10.36 -8.00
C ARG C 303 -3.35 10.58 -9.23
N LEU C 304 -4.34 11.45 -9.12
CA LEU C 304 -5.22 11.75 -10.25
C LEU C 304 -4.41 12.41 -11.37
N VAL C 305 -3.59 13.40 -11.01
CA VAL C 305 -2.77 14.08 -11.99
C VAL C 305 -1.81 13.09 -12.65
N ALA C 306 -1.24 12.19 -11.85
CA ALA C 306 -0.30 11.20 -12.38
C ALA C 306 -1.01 10.25 -13.35
N ALA C 307 -2.23 9.85 -13.01
CA ALA C 307 -2.99 8.94 -13.87
C ALA C 307 -3.38 9.62 -15.17
N ARG C 308 -3.77 10.89 -15.08
CA ARG C 308 -4.14 11.66 -16.27
C ARG C 308 -2.95 11.77 -17.21
N LEU C 309 -1.77 12.06 -16.66
CA LEU C 309 -0.57 12.18 -17.48
C LEU C 309 -0.26 10.86 -18.18
N MET C 310 -0.42 9.75 -17.46
CA MET C 310 -0.15 8.42 -18.02
C MET C 310 -1.07 8.08 -19.19
N VAL C 311 -2.36 8.34 -19.03
CA VAL C 311 -3.33 8.04 -20.07
C VAL C 311 -3.12 8.91 -21.30
N ARG C 312 -2.93 10.21 -21.09
CA ARG C 312 -2.71 11.11 -22.22
C ARG C 312 -1.39 10.82 -22.93
N ASN C 313 -0.38 10.42 -22.16
CA ASN C 313 0.93 10.08 -22.73
C ASN C 313 0.77 8.86 -23.65
N ALA C 314 -0.01 7.88 -23.20
CA ALA C 314 -0.23 6.68 -24.01
C ALA C 314 -1.07 6.99 -25.25
N ALA C 315 -2.03 7.89 -25.10
CA ALA C 315 -2.89 8.27 -26.22
C ALA C 315 -2.05 8.88 -27.34
N VAL C 316 -1.10 9.73 -26.97
CA VAL C 316 -0.23 10.36 -27.95
C VAL C 316 0.67 9.33 -28.63
N ALA C 317 1.21 8.40 -27.85
CA ALA C 317 2.07 7.37 -28.41
C ALA C 317 1.31 6.47 -29.37
N LEU C 318 0.07 6.14 -29.03
CA LEU C 318 -0.75 5.28 -29.88
C LEU C 318 -1.11 5.97 -31.19
N GLN C 319 -1.47 7.24 -31.12
N GLN C 319 -1.48 7.24 -31.14
CA GLN C 319 -1.83 8.01 -32.31
CA GLN C 319 -1.84 7.97 -32.35
C GLN C 319 -0.64 8.20 -33.24
C GLN C 319 -0.64 8.20 -33.25
N GLU C 320 0.55 8.30 -32.65
CA GLU C 320 1.77 8.49 -33.43
C GLU C 320 2.32 7.15 -33.89
N GLU C 321 1.68 6.07 -33.42
CA GLU C 321 2.08 4.71 -33.77
C GLU C 321 3.52 4.41 -33.38
N ARG C 322 3.92 4.85 -32.19
CA ARG C 322 5.27 4.61 -31.71
C ARG C 322 5.45 3.14 -31.34
N LYS C 323 6.69 2.67 -31.37
CA LYS C 323 6.98 1.28 -31.04
C LYS C 323 6.78 0.95 -29.58
N ASP C 324 6.66 1.96 -28.74
CA ASP C 324 6.45 1.74 -27.31
C ASP C 324 4.98 1.93 -26.94
N ALA C 325 4.15 2.17 -27.96
CA ALA C 325 2.73 2.40 -27.76
C ALA C 325 1.96 1.26 -27.07
N VAL C 326 2.15 0.03 -27.51
CA VAL C 326 1.44 -1.08 -26.91
C VAL C 326 1.75 -1.21 -25.42
N ALA C 327 3.03 -1.11 -25.07
CA ALA C 327 3.43 -1.20 -23.66
C ALA C 327 2.87 -0.04 -22.86
N LEU C 328 2.91 1.17 -23.43
CA LEU C 328 2.42 2.36 -22.73
C LEU C 328 0.91 2.30 -22.51
N CYS C 329 0.16 1.78 -23.47
CA CYS C 329 -1.29 1.66 -23.32
C CYS C 329 -1.57 0.70 -22.17
N SER C 330 -0.80 -0.38 -22.08
CA SER C 330 -0.97 -1.36 -21.02
C SER C 330 -0.63 -0.74 -19.66
N MET C 331 0.48 0.01 -19.62
CA MET C 331 0.90 0.66 -18.38
C MET C 331 -0.16 1.66 -17.93
N ALA C 332 -0.66 2.44 -18.89
CA ALA C 332 -1.68 3.46 -18.58
C ALA C 332 -2.95 2.83 -18.04
N LYS C 333 -3.38 1.73 -18.65
CA LYS C 333 -4.61 1.07 -18.21
C LYS C 333 -4.41 0.53 -16.80
N LEU C 334 -3.27 -0.14 -16.60
CA LEU C 334 -2.95 -0.71 -15.29
C LEU C 334 -2.90 0.37 -14.21
N PHE C 335 -2.07 1.38 -14.44
CA PHE C 335 -1.90 2.45 -13.48
C PHE C 335 -3.16 3.26 -13.21
N ALA C 336 -3.80 3.73 -14.26
CA ALA C 336 -5.00 4.55 -14.09
C ALA C 336 -6.18 3.83 -13.47
N THR C 337 -6.47 2.60 -13.91
CA THR C 337 -7.63 1.91 -13.34
C THR C 337 -7.40 1.58 -11.87
N ASP C 338 -6.17 1.24 -11.51
CA ASP C 338 -5.86 0.94 -10.10
C ASP C 338 -5.96 2.21 -9.27
N GLU C 339 -5.23 3.24 -9.68
CA GLU C 339 -5.20 4.50 -8.94
C GLU C 339 -6.57 5.17 -8.86
N CYS C 340 -7.32 5.18 -9.97
CA CYS C 340 -8.62 5.83 -9.96
C CYS C 340 -9.64 5.13 -9.09
N PHE C 341 -9.62 3.79 -9.04
CA PHE C 341 -10.56 3.09 -8.19
C PHE C 341 -10.25 3.48 -6.73
N ALA C 342 -8.97 3.47 -6.39
CA ALA C 342 -8.55 3.82 -5.03
C ALA C 342 -8.98 5.24 -4.69
N ILE C 343 -8.90 6.14 -5.65
CA ILE C 343 -9.31 7.52 -5.41
C ILE C 343 -10.81 7.57 -5.12
N CYS C 344 -11.60 6.90 -5.96
CA CYS C 344 -13.04 6.90 -5.77
C CYS C 344 -13.42 6.26 -4.44
N ASN C 345 -12.71 5.19 -4.06
CA ASN C 345 -13.03 4.50 -2.81
C ASN C 345 -12.69 5.36 -1.61
N GLN C 346 -11.64 6.17 -1.74
N GLN C 346 -11.64 6.17 -1.74
CA GLN C 346 -11.25 7.05 -0.64
CA GLN C 346 -11.23 7.06 -0.64
C GLN C 346 -12.28 8.16 -0.53
C GLN C 346 -12.26 8.17 -0.54
N ALA C 347 -12.77 8.62 -1.68
CA ALA C 347 -13.77 9.67 -1.71
C ALA C 347 -15.02 9.18 -0.99
N LEU C 348 -15.34 7.90 -1.17
CA LEU C 348 -16.51 7.33 -0.51
C LEU C 348 -16.29 7.39 1.00
N GLN C 349 -15.10 7.01 1.45
CA GLN C 349 -14.78 7.04 2.89
C GLN C 349 -14.97 8.45 3.42
N MET C 350 -14.52 9.44 2.65
CA MET C 350 -14.60 10.84 3.05
C MET C 350 -16.03 11.35 3.21
N HIS C 351 -16.98 10.68 2.57
CA HIS C 351 -18.39 11.07 2.68
C HIS C 351 -19.05 10.40 3.87
N GLY C 352 -18.34 9.46 4.49
CA GLY C 352 -18.91 8.75 5.63
C GLY C 352 -20.07 7.87 5.21
N GLY C 353 -21.05 7.72 6.09
CA GLY C 353 -22.21 6.89 5.78
C GLY C 353 -22.91 7.32 4.50
N TYR C 354 -22.89 8.62 4.23
CA TYR C 354 -23.54 9.17 3.04
C TYR C 354 -22.93 8.61 1.76
N GLY C 355 -21.64 8.28 1.81
CA GLY C 355 -20.98 7.73 0.64
C GLY C 355 -21.48 6.36 0.26
N TYR C 356 -22.16 5.69 1.19
CA TYR C 356 -22.69 4.35 0.98
C TYR C 356 -24.13 4.39 0.43
N LEU C 357 -24.72 5.58 0.37
CA LEU C 357 -26.09 5.73 -0.12
C LEU C 357 -26.16 6.01 -1.62
N LYS C 358 -27.11 5.38 -2.30
CA LYS C 358 -27.29 5.57 -3.74
C LYS C 358 -27.60 7.00 -4.12
N ASP C 359 -28.00 7.81 -3.15
CA ASP C 359 -28.32 9.23 -3.40
C ASP C 359 -27.05 10.03 -3.69
N TYR C 360 -25.91 9.50 -3.29
CA TYR C 360 -24.63 10.16 -3.51
C TYR C 360 -23.87 9.47 -4.63
N ALA C 361 -23.50 10.26 -5.64
CA ALA C 361 -22.79 9.74 -6.81
C ALA C 361 -21.50 8.99 -6.56
N VAL C 362 -20.75 9.37 -5.53
CA VAL C 362 -19.48 8.72 -5.27
C VAL C 362 -19.52 7.19 -5.26
N GLN C 363 -20.56 6.59 -4.69
CA GLN C 363 -20.62 5.13 -4.66
C GLN C 363 -20.77 4.50 -6.03
N GLN C 364 -21.35 5.21 -6.99
CA GLN C 364 -21.46 4.60 -8.32
C GLN C 364 -20.13 4.74 -9.05
N TYR C 365 -19.39 5.81 -8.78
CA TYR C 365 -18.08 5.95 -9.41
C TYR C 365 -17.22 4.79 -8.90
N VAL C 366 -17.41 4.41 -7.64
CA VAL C 366 -16.66 3.30 -7.05
C VAL C 366 -17.07 1.98 -7.72
N ARG C 367 -18.37 1.72 -7.76
CA ARG C 367 -18.88 0.49 -8.34
C ARG C 367 -18.54 0.33 -9.82
N ASP C 368 -18.65 1.42 -10.57
CA ASP C 368 -18.35 1.36 -12.01
C ASP C 368 -16.86 1.26 -12.30
N SER C 369 -16.05 2.08 -11.65
CA SER C 369 -14.60 2.06 -11.89
C SER C 369 -13.94 0.76 -11.43
N ARG C 370 -14.56 0.07 -10.48
CA ARG C 370 -14.00 -1.18 -9.97
C ARG C 370 -13.80 -2.22 -11.06
N VAL C 371 -14.78 -2.36 -11.95
CA VAL C 371 -14.67 -3.38 -12.99
C VAL C 371 -13.62 -3.06 -14.06
N HIS C 372 -13.22 -1.80 -14.16
CA HIS C 372 -12.22 -1.42 -15.17
C HIS C 372 -10.88 -2.10 -14.91
N GLN C 373 -10.68 -2.60 -13.70
CA GLN C 373 -9.44 -3.30 -13.36
C GLN C 373 -9.49 -4.75 -13.84
N ILE C 374 -10.66 -5.18 -14.29
CA ILE C 374 -10.89 -6.55 -14.74
C ILE C 374 -11.13 -6.71 -16.24
N LEU C 375 -12.06 -5.94 -16.77
CA LEU C 375 -12.40 -6.03 -18.19
C LEU C 375 -11.44 -5.30 -19.12
N GLU C 376 -11.60 -5.54 -20.42
CA GLU C 376 -10.75 -4.94 -21.45
C GLU C 376 -9.32 -5.40 -21.21
N GLY C 377 -9.17 -6.57 -20.59
CA GLY C 377 -7.84 -7.10 -20.29
C GLY C 377 -7.51 -6.77 -18.84
N SER C 378 -7.65 -7.77 -17.97
CA SER C 378 -7.38 -7.58 -16.54
C SER C 378 -6.03 -6.97 -16.26
N ASN C 379 -5.91 -6.34 -15.09
CA ASN C 379 -4.64 -5.72 -14.75
C ASN C 379 -3.54 -6.76 -14.57
N GLU C 380 -3.91 -8.02 -14.33
CA GLU C 380 -2.89 -9.05 -14.21
C GLU C 380 -2.36 -9.29 -15.62
N VAL C 381 -3.28 -9.28 -16.60
CA VAL C 381 -2.89 -9.47 -17.99
C VAL C 381 -2.01 -8.29 -18.44
N MET C 382 -2.32 -7.10 -17.94
CA MET C 382 -1.51 -5.93 -18.29
C MET C 382 -0.06 -6.17 -17.86
N ARG C 383 0.12 -6.73 -16.66
CA ARG C 383 1.45 -6.99 -16.16
C ARG C 383 2.16 -8.04 -17.02
N ILE C 384 1.38 -8.94 -17.60
CA ILE C 384 1.97 -9.96 -18.48
C ILE C 384 2.56 -9.25 -19.69
N LEU C 385 1.77 -8.39 -20.32
CA LEU C 385 2.19 -7.65 -21.50
C LEU C 385 3.40 -6.76 -21.22
N ILE C 386 3.35 -6.03 -20.11
CA ILE C 386 4.45 -5.14 -19.74
C ILE C 386 5.74 -5.89 -19.44
N SER C 387 5.65 -6.92 -18.62
CA SER C 387 6.83 -7.71 -18.25
C SER C 387 7.48 -8.39 -19.45
N ARG C 388 6.67 -8.93 -20.35
CA ARG C 388 7.21 -9.60 -21.53
C ARG C 388 8.07 -8.62 -22.33
N SER C 389 7.57 -7.42 -22.51
CA SER C 389 8.28 -6.37 -23.25
C SER C 389 9.60 -6.00 -22.58
N LEU C 390 9.57 -5.82 -21.27
CA LEU C 390 10.75 -5.44 -20.49
C LEU C 390 11.83 -6.51 -20.45
N LEU C 391 11.43 -7.75 -20.19
CA LEU C 391 12.37 -8.85 -20.08
C LEU C 391 12.96 -9.35 -21.40
N GLN C 392 12.29 -9.06 -22.51
CA GLN C 392 12.79 -9.51 -23.80
C GLN C 392 13.94 -8.65 -24.30
N GLU C 393 13.90 -7.36 -23.98
CA GLU C 393 14.96 -6.45 -24.39
C GLU C 393 16.21 -6.63 -23.54
N THR D 10 11.82 0.45 -29.32
CA THR D 10 11.95 1.43 -28.21
C THR D 10 11.44 0.85 -26.88
N SER D 11 12.29 0.93 -25.86
CA SER D 11 11.96 0.43 -24.53
C SER D 11 10.76 1.14 -23.94
N CYS D 12 10.01 0.44 -23.09
CA CYS D 12 8.84 1.04 -22.46
C CYS D 12 9.22 1.97 -21.32
N ILE D 13 10.53 2.07 -21.05
CA ILE D 13 11.02 2.97 -20.01
C ILE D 13 12.10 3.86 -20.60
N ASP D 14 12.10 3.97 -21.92
CA ASP D 14 13.08 4.79 -22.63
C ASP D 14 13.03 6.21 -22.09
N PRO D 15 14.12 6.68 -21.48
CA PRO D 15 14.16 8.04 -20.92
C PRO D 15 14.29 9.18 -21.91
N SER D 16 14.50 8.86 -23.19
CA SER D 16 14.65 9.89 -24.21
C SER D 16 13.34 10.21 -24.94
N MET D 17 12.37 9.32 -24.81
CA MET D 17 11.09 9.53 -25.47
C MET D 17 10.41 10.85 -25.08
N GLY D 18 10.00 11.61 -26.09
CA GLY D 18 9.33 12.88 -25.84
C GLY D 18 10.25 14.07 -25.79
N LEU D 19 11.55 13.84 -25.71
CA LEU D 19 12.53 14.93 -25.64
C LEU D 19 12.90 15.42 -27.04
N ASN D 20 13.24 16.71 -27.14
CA ASN D 20 13.64 17.25 -28.43
C ASN D 20 15.07 16.81 -28.71
N GLU D 21 15.56 17.08 -29.92
CA GLU D 21 16.91 16.66 -30.29
C GLU D 21 18.00 17.23 -29.38
N GLU D 22 17.85 18.49 -28.99
CA GLU D 22 18.83 19.13 -28.12
C GLU D 22 18.91 18.44 -26.76
N GLN D 23 17.75 18.14 -26.20
CA GLN D 23 17.67 17.49 -24.89
C GLN D 23 18.22 16.08 -24.91
N LYS D 24 18.05 15.38 -26.02
CA LYS D 24 18.57 14.03 -26.13
C LYS D 24 20.09 14.07 -26.10
N GLU D 25 20.67 15.14 -26.64
CA GLU D 25 22.12 15.27 -26.66
C GLU D 25 22.61 15.59 -25.25
N PHE D 26 21.90 16.47 -24.56
CA PHE D 26 22.26 16.83 -23.18
C PHE D 26 22.25 15.55 -22.34
N GLN D 27 21.19 14.78 -22.51
CA GLN D 27 21.00 13.53 -21.79
C GLN D 27 22.14 12.55 -22.05
N LYS D 28 22.54 12.43 -23.30
CA LYS D 28 23.60 11.52 -23.69
C LYS D 28 24.93 11.93 -23.04
N VAL D 29 25.24 13.22 -23.11
CA VAL D 29 26.48 13.73 -22.53
C VAL D 29 26.49 13.47 -21.03
N ALA D 30 25.36 13.74 -20.38
CA ALA D 30 25.24 13.55 -18.94
C ALA D 30 25.38 12.07 -18.57
N PHE D 31 24.68 11.21 -19.28
CA PHE D 31 24.76 9.79 -18.97
C PHE D 31 26.15 9.22 -19.17
N ASP D 32 26.80 9.58 -20.28
CA ASP D 32 28.14 9.10 -20.55
C ASP D 32 29.10 9.57 -19.47
N PHE D 33 28.93 10.80 -19.02
CA PHE D 33 29.79 11.34 -17.97
C PHE D 33 29.58 10.55 -16.68
N ALA D 34 28.33 10.31 -16.33
CA ALA D 34 28.02 9.56 -15.12
C ALA D 34 28.60 8.15 -15.16
N ALA D 35 28.44 7.49 -16.31
CA ALA D 35 28.94 6.13 -16.48
C ALA D 35 30.47 6.04 -16.43
N ARG D 36 31.14 7.07 -16.92
CA ARG D 36 32.60 7.09 -16.94
C ARG D 36 33.28 7.68 -15.71
N GLU D 37 32.75 8.79 -15.20
CA GLU D 37 33.36 9.45 -14.06
C GLU D 37 32.72 9.26 -12.69
N MET D 38 31.45 8.88 -12.65
CA MET D 38 30.76 8.71 -11.38
C MET D 38 30.49 7.28 -10.93
N ALA D 39 29.82 6.50 -11.78
CA ALA D 39 29.49 5.11 -11.44
C ALA D 39 30.65 4.30 -10.88
N PRO D 40 31.83 4.33 -11.54
CA PRO D 40 32.98 3.57 -11.06
C PRO D 40 33.51 3.97 -9.68
N ASN D 41 33.21 5.19 -9.25
CA ASN D 41 33.69 5.69 -7.96
C ASN D 41 32.63 5.85 -6.88
N MET D 42 31.37 5.68 -7.26
CA MET D 42 30.28 5.84 -6.30
C MET D 42 30.49 5.12 -4.98
N ALA D 43 30.77 3.82 -5.05
CA ALA D 43 30.97 3.04 -3.83
C ALA D 43 32.09 3.56 -2.95
N GLU D 44 33.19 3.97 -3.56
CA GLU D 44 34.32 4.49 -2.79
C GLU D 44 34.00 5.82 -2.12
N TRP D 45 33.35 6.73 -2.84
CA TRP D 45 33.00 8.03 -2.27
C TRP D 45 32.07 7.84 -1.09
N ASP D 46 31.19 6.85 -1.19
CA ASP D 46 30.23 6.55 -0.13
C ASP D 46 30.90 5.94 1.09
N GLN D 47 31.80 4.98 0.85
CA GLN D 47 32.49 4.29 1.92
C GLN D 47 33.47 5.19 2.67
N LYS D 48 34.16 6.05 1.93
CA LYS D 48 35.14 6.95 2.52
C LYS D 48 34.60 8.35 2.78
N GLU D 49 33.34 8.60 2.43
CA GLU D 49 32.74 9.91 2.64
C GLU D 49 33.61 10.98 2.01
N LEU D 50 33.86 10.84 0.71
CA LEU D 50 34.69 11.78 -0.01
C LEU D 50 33.89 12.74 -0.88
N PHE D 51 34.23 14.02 -0.78
CA PHE D 51 33.59 15.08 -1.57
C PHE D 51 34.40 15.12 -2.87
N PRO D 52 33.85 14.57 -3.97
CA PRO D 52 34.51 14.51 -5.28
C PRO D 52 34.72 15.83 -6.03
N VAL D 53 35.55 16.70 -5.46
CA VAL D 53 35.84 18.00 -6.06
C VAL D 53 36.33 17.93 -7.52
N ASP D 54 37.32 17.10 -7.80
CA ASP D 54 37.85 17.00 -9.16
C ASP D 54 36.81 16.56 -10.18
N VAL D 55 36.00 15.56 -9.84
CA VAL D 55 34.98 15.08 -10.76
C VAL D 55 33.86 16.11 -10.94
N MET D 56 33.47 16.77 -9.87
CA MET D 56 32.42 17.77 -9.99
C MET D 56 32.90 18.91 -10.88
N ARG D 57 34.18 19.24 -10.80
CA ARG D 57 34.72 20.31 -11.63
C ARG D 57 34.73 19.90 -13.10
N LYS D 58 34.86 18.60 -13.35
CA LYS D 58 34.83 18.10 -14.72
C LYS D 58 33.40 18.25 -15.23
N ALA D 59 32.44 18.03 -14.33
CA ALA D 59 31.03 18.15 -14.68
C ALA D 59 30.72 19.61 -14.98
N ALA D 60 31.31 20.53 -14.24
CA ALA D 60 31.08 21.94 -14.46
C ALA D 60 31.63 22.35 -15.83
N GLN D 61 32.71 21.72 -16.25
CA GLN D 61 33.33 22.01 -17.55
C GLN D 61 32.32 21.71 -18.66
N LEU D 62 31.41 20.77 -18.40
CA LEU D 62 30.41 20.40 -19.38
C LEU D 62 29.19 21.31 -19.31
N GLY D 63 29.18 22.20 -18.31
CA GLY D 63 28.08 23.13 -18.16
C GLY D 63 27.07 22.75 -17.09
N PHE D 64 27.45 21.81 -16.23
CA PHE D 64 26.55 21.34 -15.18
C PHE D 64 26.71 22.06 -13.84
N GLY D 65 27.62 23.03 -13.79
CA GLY D 65 27.84 23.79 -12.57
C GLY D 65 26.76 24.85 -12.39
N GLY D 66 26.22 25.32 -13.51
CA GLY D 66 25.17 26.32 -13.47
C GLY D 66 24.25 26.04 -14.65
N VAL D 67 23.62 24.87 -14.62
CA VAL D 67 22.74 24.42 -15.69
C VAL D 67 21.67 25.41 -16.11
N TYR D 68 20.93 25.95 -15.14
CA TYR D 68 19.87 26.90 -15.47
C TYR D 68 20.17 28.33 -15.04
N ILE D 69 21.45 28.66 -15.00
CA ILE D 69 21.92 29.99 -14.64
C ILE D 69 22.08 30.74 -15.96
N GLN D 70 21.84 32.05 -15.96
CA GLN D 70 21.97 32.84 -17.19
C GLN D 70 23.38 32.75 -17.77
N THR D 71 23.46 32.73 -19.09
CA THR D 71 24.75 32.63 -19.77
C THR D 71 25.67 33.82 -19.56
N ASP D 72 25.11 35.01 -19.33
CA ASP D 72 25.95 36.19 -19.14
C ASP D 72 26.85 36.11 -17.90
N VAL D 73 26.54 35.20 -16.98
CA VAL D 73 27.36 35.04 -15.78
C VAL D 73 28.02 33.66 -15.69
N GLY D 74 28.16 33.00 -16.84
CA GLY D 74 28.80 31.70 -16.87
C GLY D 74 27.89 30.48 -16.88
N GLY D 75 26.58 30.70 -16.85
CA GLY D 75 25.63 29.59 -16.85
C GLY D 75 25.39 28.99 -18.22
N SER D 76 24.67 27.87 -18.25
CA SER D 76 24.35 27.21 -19.50
C SER D 76 23.02 27.69 -20.05
N GLY D 77 22.27 28.41 -19.23
CA GLY D 77 20.99 28.95 -19.65
C GLY D 77 19.95 27.96 -20.15
N LEU D 78 19.95 26.74 -19.59
CA LEU D 78 18.99 25.73 -20.00
C LEU D 78 17.69 25.83 -19.22
N SER D 79 16.65 25.16 -19.71
CA SER D 79 15.34 25.19 -19.08
C SER D 79 15.23 24.22 -17.90
N ARG D 80 14.12 24.32 -17.18
CA ARG D 80 13.88 23.44 -16.03
C ARG D 80 13.78 22.00 -16.51
N LEU D 81 13.18 21.80 -17.68
CA LEU D 81 13.06 20.45 -18.22
C LEU D 81 14.43 19.93 -18.63
N ASP D 82 15.25 20.78 -19.24
CA ASP D 82 16.59 20.35 -19.65
C ASP D 82 17.36 19.94 -18.39
N THR D 83 17.21 20.72 -17.33
CA THR D 83 17.89 20.45 -16.07
C THR D 83 17.46 19.12 -15.46
N SER D 84 16.15 18.88 -15.44
CA SER D 84 15.63 17.64 -14.90
C SER D 84 16.23 16.44 -15.64
N VAL D 85 16.30 16.54 -16.96
CA VAL D 85 16.84 15.46 -17.78
C VAL D 85 18.32 15.21 -17.45
N ILE D 86 19.07 16.28 -17.25
CA ILE D 86 20.48 16.18 -16.93
C ILE D 86 20.72 15.55 -15.56
N PHE D 87 20.00 16.02 -14.54
CA PHE D 87 20.18 15.51 -13.19
C PHE D 87 19.74 14.05 -13.08
N GLU D 88 18.66 13.72 -13.78
CA GLU D 88 18.16 12.34 -13.78
C GLU D 88 19.26 11.45 -14.33
N ALA D 89 19.90 11.87 -15.42
CA ALA D 89 20.97 11.09 -16.02
C ALA D 89 22.21 11.00 -15.12
N LEU D 90 22.60 12.12 -14.51
CA LEU D 90 23.76 12.11 -13.63
C LEU D 90 23.52 11.25 -12.40
N ALA D 91 22.29 11.25 -11.90
CA ALA D 91 21.96 10.49 -10.70
C ALA D 91 22.15 8.98 -10.87
N THR D 92 22.17 8.50 -12.11
CA THR D 92 22.39 7.08 -12.34
C THR D 92 23.83 6.71 -11.97
N GLY D 93 24.71 7.72 -11.96
CA GLY D 93 26.10 7.50 -11.63
C GLY D 93 26.32 7.54 -10.12
N CYS D 94 25.76 8.57 -9.50
CA CYS D 94 25.83 8.75 -8.04
C CYS D 94 24.73 9.72 -7.69
N THR D 95 23.70 9.21 -7.03
CA THR D 95 22.57 10.04 -6.63
C THR D 95 22.96 11.09 -5.60
N SER D 96 23.79 10.68 -4.64
CA SER D 96 24.26 11.60 -3.59
C SER D 96 24.98 12.82 -4.16
N THR D 97 25.96 12.57 -5.00
CA THR D 97 26.76 13.64 -5.60
C THR D 97 25.92 14.52 -6.52
N THR D 98 25.03 13.91 -7.29
CA THR D 98 24.19 14.69 -8.19
C THR D 98 23.25 15.58 -7.38
N ALA D 99 22.76 15.08 -6.26
CA ALA D 99 21.87 15.86 -5.40
C ALA D 99 22.61 17.10 -4.92
N TYR D 100 23.88 16.94 -4.55
CA TYR D 100 24.63 18.10 -4.09
C TYR D 100 24.81 19.09 -5.24
N ILE D 101 25.12 18.58 -6.43
CA ILE D 101 25.29 19.46 -7.58
C ILE D 101 24.02 20.29 -7.76
N SER D 102 22.87 19.68 -7.54
N SER D 102 22.86 19.68 -7.54
CA SER D 102 21.60 20.36 -7.68
CA SER D 102 21.60 20.40 -7.69
C SER D 102 21.46 21.48 -6.63
C SER D 102 21.44 21.48 -6.63
N ILE D 103 21.92 21.21 -5.41
CA ILE D 103 21.84 22.20 -4.33
C ILE D 103 22.74 23.38 -4.67
N HIS D 104 23.94 23.07 -5.14
CA HIS D 104 24.91 24.09 -5.55
C HIS D 104 24.26 24.97 -6.62
N ASN D 105 23.63 24.34 -7.60
CA ASN D 105 22.95 25.05 -8.69
C ASN D 105 21.85 25.97 -8.15
N MET D 106 21.10 25.50 -7.17
CA MET D 106 20.02 26.29 -6.59
C MET D 106 20.58 27.57 -5.96
N CYS D 107 21.70 27.44 -5.26
CA CYS D 107 22.34 28.59 -4.63
C CYS D 107 22.75 29.61 -5.68
N ALA D 108 23.38 29.14 -6.74
CA ALA D 108 23.82 30.01 -7.82
C ALA D 108 22.62 30.71 -8.46
N TRP D 109 21.50 29.98 -8.60
CA TRP D 109 20.30 30.54 -9.20
C TRP D 109 19.68 31.66 -8.38
N MET D 110 19.70 31.51 -7.06
N MET D 110 19.71 31.51 -7.07
CA MET D 110 19.15 32.51 -6.17
CA MET D 110 19.13 32.53 -6.19
C MET D 110 19.91 33.83 -6.31
C MET D 110 19.91 33.84 -6.34
N ILE D 111 21.24 33.74 -6.43
CA ILE D 111 22.06 34.92 -6.58
C ILE D 111 21.85 35.52 -7.96
N ASP D 112 21.81 34.64 -8.97
CA ASP D 112 21.60 35.06 -10.34
C ASP D 112 20.25 35.73 -10.58
N SER D 113 19.21 35.17 -10.00
N SER D 113 19.20 35.17 -10.01
CA SER D 113 17.86 35.68 -10.19
CA SER D 113 17.85 35.68 -10.20
C SER D 113 17.46 36.89 -9.35
C SER D 113 17.45 36.89 -9.34
N PHE D 114 17.95 36.95 -8.11
CA PHE D 114 17.59 38.06 -7.21
C PHE D 114 18.67 39.08 -6.87
N GLY D 115 19.92 38.75 -7.13
CA GLY D 115 20.99 39.68 -6.79
C GLY D 115 21.15 40.82 -7.78
N ASN D 116 21.86 41.87 -7.36
CA ASN D 116 22.10 42.99 -8.26
C ASN D 116 23.23 42.57 -9.19
N GLU D 117 23.47 43.35 -10.24
CA GLU D 117 24.50 42.99 -11.20
C GLU D 117 25.88 42.75 -10.60
N GLU D 118 26.25 43.53 -9.58
CA GLU D 118 27.54 43.34 -8.94
C GLU D 118 27.65 41.95 -8.31
N GLN D 119 26.62 41.56 -7.59
CA GLN D 119 26.62 40.24 -6.93
C GLN D 119 26.57 39.11 -7.95
N ARG D 120 25.75 39.27 -8.99
CA ARG D 120 25.62 38.25 -10.03
C ARG D 120 26.94 37.94 -10.70
N HIS D 121 27.66 38.99 -11.11
CA HIS D 121 28.92 38.80 -11.79
C HIS D 121 30.10 38.44 -10.89
N LYS D 122 29.97 38.71 -9.59
CA LYS D 122 31.05 38.37 -8.67
C LYS D 122 30.96 36.93 -8.18
N PHE D 123 29.76 36.51 -7.79
CA PHE D 123 29.55 35.17 -7.26
C PHE D 123 29.21 34.03 -8.23
N CYS D 124 28.37 34.31 -9.21
CA CYS D 124 27.94 33.28 -10.15
C CYS D 124 29.00 32.66 -11.05
N PRO D 125 29.91 33.47 -11.62
CA PRO D 125 30.92 32.86 -12.49
C PRO D 125 31.75 31.76 -11.81
N PRO D 126 32.29 32.02 -10.61
CA PRO D 126 33.10 31.02 -9.90
C PRO D 126 32.29 29.77 -9.54
N LEU D 127 30.99 29.97 -9.32
CA LEU D 127 30.13 28.84 -8.98
C LEU D 127 29.85 27.98 -10.22
N CYS D 128 29.68 28.61 -11.37
CA CYS D 128 29.40 27.88 -12.60
C CYS D 128 30.55 26.98 -13.05
N THR D 129 31.79 27.36 -12.73
CA THR D 129 32.95 26.54 -13.09
C THR D 129 33.31 25.68 -11.90
N MET D 130 32.61 25.92 -10.80
CA MET D 130 32.83 25.23 -9.54
C MET D 130 34.23 25.47 -8.98
N GLU D 131 34.76 26.65 -9.29
CA GLU D 131 36.05 27.06 -8.75
C GLU D 131 35.73 27.17 -7.27
N LYS D 132 34.48 27.55 -7.01
CA LYS D 132 33.94 27.69 -5.66
C LYS D 132 32.67 26.84 -5.57
N PHE D 133 32.40 26.30 -4.38
CA PHE D 133 31.21 25.48 -4.17
C PHE D 133 30.28 26.23 -3.22
N ALA D 134 28.97 25.99 -3.35
CA ALA D 134 28.00 26.68 -2.52
C ALA D 134 27.15 25.75 -1.65
N SER D 135 26.66 26.29 -0.55
CA SER D 135 25.80 25.57 0.38
C SER D 135 24.58 26.44 0.66
N TYR D 136 23.41 25.80 0.78
CA TYR D 136 22.14 26.46 1.05
C TYR D 136 21.93 26.32 2.55
N CYS D 137 21.74 27.44 3.25
CA CYS D 137 21.58 27.39 4.71
C CYS D 137 20.27 27.96 5.24
N LEU D 138 19.30 27.08 5.48
CA LEU D 138 17.99 27.48 5.97
C LEU D 138 17.66 26.82 7.31
N THR D 139 17.71 25.50 7.34
CA THR D 139 17.40 24.73 8.54
C THR D 139 18.22 25.04 9.78
N GLU D 140 17.56 25.00 10.93
CA GLU D 140 18.21 25.23 12.22
C GLU D 140 17.68 24.15 13.18
N PRO D 141 18.36 23.93 14.31
CA PRO D 141 17.92 22.91 15.25
C PRO D 141 16.44 23.06 15.61
N GLY D 142 15.97 24.30 15.74
CA GLY D 142 14.59 24.53 16.10
C GLY D 142 13.65 24.89 14.96
N SER D 143 14.14 24.84 13.74
N SER D 143 14.16 24.83 13.74
CA SER D 143 13.32 25.16 12.59
CA SER D 143 13.35 25.18 12.58
C SER D 143 13.67 24.30 11.38
C SER D 143 13.69 24.28 11.39
N GLY D 144 12.84 23.30 11.14
CA GLY D 144 13.06 22.40 10.03
C GLY D 144 11.89 22.58 9.06
N SER D 145 10.80 21.87 9.31
CA SER D 145 9.63 22.00 8.45
C SER D 145 9.06 23.41 8.63
N ASP D 146 9.15 23.93 9.85
CA ASP D 146 8.69 25.29 10.15
C ASP D 146 9.91 26.19 9.91
N ALA D 147 10.31 26.30 8.65
CA ALA D 147 11.47 27.08 8.27
C ALA D 147 11.39 28.57 8.55
N ALA D 148 10.18 29.13 8.49
CA ALA D 148 10.00 30.55 8.71
C ALA D 148 10.18 30.98 10.17
N SER D 149 10.44 30.03 11.06
CA SER D 149 10.63 30.34 12.46
C SER D 149 12.10 30.39 12.86
N LEU D 150 13.00 30.41 11.87
CA LEU D 150 14.43 30.42 12.14
C LEU D 150 14.84 31.52 13.12
N LEU D 151 15.89 31.26 13.88
CA LEU D 151 16.36 32.19 14.90
C LEU D 151 17.65 32.95 14.58
N THR D 152 18.43 32.46 13.62
CA THR D 152 19.67 33.15 13.28
C THR D 152 19.36 34.62 13.02
N SER D 153 20.02 35.51 13.75
CA SER D 153 19.80 36.94 13.61
C SER D 153 20.91 37.63 12.83
N ALA D 154 20.54 38.74 12.20
CA ALA D 154 21.46 39.56 11.44
C ALA D 154 21.13 41.00 11.83
N LYS D 155 21.96 41.58 12.69
CA LYS D 155 21.75 42.94 13.17
C LYS D 155 22.66 43.90 12.41
N LYS D 156 22.07 44.95 11.85
CA LYS D 156 22.86 45.91 11.08
C LYS D 156 23.72 46.78 12.00
N GLN D 157 24.97 46.94 11.61
CA GLN D 157 25.95 47.75 12.33
C GLN D 157 26.79 48.40 11.25
N GLY D 158 26.47 49.65 10.92
CA GLY D 158 27.20 50.32 9.86
C GLY D 158 26.83 49.66 8.56
N ASP D 159 27.81 49.31 7.74
CA ASP D 159 27.53 48.65 6.47
C ASP D 159 27.78 47.13 6.58
N HIS D 160 27.58 46.61 7.78
CA HIS D 160 27.75 45.19 8.05
C HIS D 160 26.58 44.66 8.86
N TYR D 161 26.34 43.36 8.76
CA TYR D 161 25.30 42.69 9.53
C TYR D 161 26.10 41.82 10.49
N ILE D 162 25.67 41.74 11.74
CA ILE D 162 26.36 40.88 12.69
C ILE D 162 25.45 39.67 12.86
N LEU D 163 25.92 38.50 12.42
CA LEU D 163 25.14 37.28 12.51
C LEU D 163 25.43 36.46 13.76
N ASN D 164 24.36 35.91 14.34
CA ASN D 164 24.45 35.07 15.52
C ASN D 164 23.41 33.97 15.42
N GLY D 165 23.84 32.72 15.59
CA GLY D 165 22.91 31.62 15.51
C GLY D 165 23.60 30.40 14.90
N SER D 166 22.82 29.42 14.50
CA SER D 166 23.40 28.24 13.89
C SER D 166 22.44 27.58 12.92
N LYS D 167 23.01 26.91 11.92
CA LYS D 167 22.23 26.21 10.93
C LYS D 167 22.56 24.73 11.10
N ALA D 168 21.63 23.86 10.71
CA ALA D 168 21.86 22.42 10.87
C ALA D 168 21.71 21.65 9.56
N PHE D 169 22.38 20.50 9.49
CA PHE D 169 22.33 19.62 8.32
C PHE D 169 22.87 20.23 7.03
N ILE D 170 23.71 21.25 7.11
CA ILE D 170 24.16 21.88 5.87
C ILE D 170 25.04 21.04 4.95
N SER D 171 24.50 20.72 3.78
CA SER D 171 25.21 19.92 2.78
C SER D 171 26.36 20.70 2.18
N GLY D 172 27.56 20.13 2.25
CA GLY D 172 28.73 20.78 1.69
C GLY D 172 29.44 21.70 2.67
N ALA D 173 28.86 21.89 3.86
CA ALA D 173 29.45 22.76 4.86
C ALA D 173 30.90 22.37 5.14
N GLY D 174 31.77 23.38 5.25
CA GLY D 174 33.17 23.11 5.49
C GLY D 174 33.96 23.12 4.19
N GLU D 175 33.35 22.59 3.14
CA GLU D 175 34.00 22.54 1.83
C GLU D 175 33.58 23.74 0.98
N SER D 176 32.33 24.17 1.13
CA SER D 176 31.81 25.29 0.36
C SER D 176 32.49 26.61 0.68
N ASP D 177 32.56 27.46 -0.33
CA ASP D 177 33.19 28.78 -0.20
C ASP D 177 32.10 29.83 -0.03
N ILE D 178 30.94 29.55 -0.63
CA ILE D 178 29.81 30.47 -0.60
C ILE D 178 28.62 29.84 0.15
N TYR D 179 28.13 30.54 1.17
CA TYR D 179 27.00 30.07 1.96
C TYR D 179 25.84 31.04 1.79
N VAL D 180 24.72 30.53 1.28
CA VAL D 180 23.52 31.36 1.11
C VAL D 180 22.72 31.14 2.38
N VAL D 181 22.75 32.16 3.25
CA VAL D 181 22.12 32.07 4.55
C VAL D 181 20.84 32.88 4.76
N MET D 182 19.78 32.20 5.19
CA MET D 182 18.53 32.88 5.49
C MET D 182 18.61 33.26 6.96
N CYS D 183 18.50 34.55 7.24
N CYS D 183 18.52 34.57 7.23
CA CYS D 183 18.58 35.04 8.61
CA CYS D 183 18.62 35.09 8.59
C CYS D 183 17.47 36.04 8.91
C CYS D 183 17.45 36.03 8.91
N ARG D 184 17.27 36.32 10.20
CA ARG D 184 16.22 37.23 10.61
C ARG D 184 16.74 38.64 10.82
N THR D 185 16.31 39.56 9.96
CA THR D 185 16.71 40.95 10.03
C THR D 185 15.60 41.81 10.62
N GLY D 186 14.37 41.30 10.56
CA GLY D 186 13.24 42.06 11.07
C GLY D 186 12.42 41.38 12.16
N GLY D 187 11.10 41.40 12.00
CA GLY D 187 10.22 40.79 12.98
C GLY D 187 10.02 39.30 12.80
N PRO D 188 9.07 38.71 13.53
CA PRO D 188 8.78 37.27 13.46
C PRO D 188 8.13 36.84 12.16
N GLY D 189 8.21 35.54 11.87
CA GLY D 189 7.60 35.02 10.66
C GLY D 189 8.41 35.21 9.40
N PRO D 190 7.85 34.82 8.25
CA PRO D 190 8.47 34.91 6.92
C PRO D 190 8.92 36.31 6.53
N LYS D 191 8.11 37.30 6.87
CA LYS D 191 8.40 38.69 6.51
C LYS D 191 9.66 39.30 7.12
N GLY D 192 10.18 38.71 8.18
CA GLY D 192 11.37 39.25 8.81
C GLY D 192 12.67 38.58 8.40
N ILE D 193 12.60 37.74 7.37
CA ILE D 193 13.77 37.01 6.91
C ILE D 193 14.44 37.60 5.68
N SER D 194 15.77 37.57 5.68
CA SER D 194 16.56 38.08 4.57
C SER D 194 17.54 36.99 4.13
N CYS D 195 18.03 37.12 2.90
CA CYS D 195 18.98 36.19 2.33
C CYS D 195 20.31 36.90 2.26
N ILE D 196 21.36 36.29 2.82
N ILE D 196 21.35 36.28 2.82
CA ILE D 196 22.68 36.91 2.80
CA ILE D 196 22.68 36.88 2.83
C ILE D 196 23.78 35.90 2.50
C ILE D 196 23.78 35.88 2.50
N VAL D 197 24.71 36.29 1.64
CA VAL D 197 25.82 35.43 1.26
C VAL D 197 26.96 35.59 2.27
N VAL D 198 27.44 34.48 2.78
CA VAL D 198 28.55 34.49 3.72
C VAL D 198 29.69 33.70 3.10
N GLU D 199 30.88 34.29 3.08
CA GLU D 199 32.02 33.62 2.48
C GLU D 199 32.88 32.88 3.49
N LYS D 200 33.43 31.75 3.07
CA LYS D 200 34.29 30.96 3.93
C LYS D 200 35.50 31.82 4.29
N GLY D 201 35.94 31.72 5.53
CA GLY D 201 37.08 32.52 5.97
C GLY D 201 36.67 33.73 6.78
N THR D 202 35.38 34.03 6.79
CA THR D 202 34.86 35.17 7.54
C THR D 202 34.97 34.91 9.04
N PRO D 203 35.58 35.85 9.78
CA PRO D 203 35.71 35.67 11.23
C PRO D 203 34.34 35.51 11.88
N GLY D 204 34.23 34.57 12.80
CA GLY D 204 32.96 34.34 13.47
C GLY D 204 32.18 33.17 12.90
N LEU D 205 32.66 32.64 11.78
CA LEU D 205 32.02 31.51 11.13
C LEU D 205 32.79 30.22 11.42
N SER D 206 32.08 29.21 11.95
CA SER D 206 32.70 27.93 12.26
C SER D 206 31.77 26.79 11.87
N PHE D 207 32.28 25.57 11.91
CA PHE D 207 31.48 24.41 11.54
C PHE D 207 31.45 23.32 12.61
N GLY D 208 30.35 22.59 12.66
CA GLY D 208 30.23 21.52 13.63
C GLY D 208 30.91 20.26 13.10
N LYS D 209 30.76 19.16 13.84
CA LYS D 209 31.37 17.91 13.43
C LYS D 209 30.76 17.41 12.13
N LYS D 210 31.47 16.52 11.45
CA LYS D 210 30.97 15.94 10.21
C LYS D 210 29.98 14.85 10.64
N GLU D 211 28.70 15.05 10.34
CA GLU D 211 27.65 14.11 10.73
C GLU D 211 27.74 12.76 10.01
N LYS D 212 27.49 11.68 10.76
CA LYS D 212 27.49 10.34 10.19
C LYS D 212 26.04 10.13 9.77
N LYS D 213 25.83 9.66 8.53
CA LYS D 213 24.48 9.46 7.99
C LYS D 213 24.29 8.10 7.32
N VAL D 214 23.03 7.81 6.97
CA VAL D 214 22.68 6.57 6.30
C VAL D 214 23.14 6.63 4.84
N GLY D 215 22.97 7.80 4.22
CA GLY D 215 23.35 7.98 2.84
C GLY D 215 23.84 9.40 2.58
N TRP D 216 23.88 9.81 1.31
CA TRP D 216 24.37 11.14 0.94
C TRP D 216 25.75 11.33 1.57
N ASN D 217 26.52 10.25 1.58
CA ASN D 217 27.85 10.29 2.19
C ASN D 217 28.94 11.04 1.43
N SER D 218 28.77 11.23 0.13
CA SER D 218 29.77 11.95 -0.65
C SER D 218 29.67 13.45 -0.34
N GLN D 219 28.68 13.79 0.48
CA GLN D 219 28.46 15.18 0.87
C GLN D 219 28.75 15.38 2.35
N PRO D 220 29.60 16.35 2.69
CA PRO D 220 29.84 16.52 4.12
C PRO D 220 28.62 17.26 4.67
N THR D 221 28.16 16.85 5.86
CA THR D 221 27.00 17.48 6.48
C THR D 221 27.47 17.99 7.83
N ARG D 222 27.39 19.31 8.01
N ARG D 222 27.39 19.32 8.02
CA ARG D 222 27.83 19.92 9.26
CA ARG D 222 27.84 19.92 9.26
C ARG D 222 26.96 21.11 9.64
C ARG D 222 27.00 21.13 9.63
N ALA D 223 26.98 21.44 10.93
CA ALA D 223 26.22 22.58 11.41
C ALA D 223 27.08 23.78 11.02
N VAL D 224 26.44 24.93 10.77
CA VAL D 224 27.15 26.15 10.42
C VAL D 224 26.81 27.11 11.55
N ILE D 225 27.85 27.56 12.26
CA ILE D 225 27.69 28.41 13.42
C ILE D 225 28.19 29.85 13.22
N PHE D 226 27.40 30.81 13.67
CA PHE D 226 27.75 32.21 13.58
C PHE D 226 27.85 32.82 14.98
N GLU D 227 29.02 33.38 15.29
CA GLU D 227 29.25 34.01 16.59
C GLU D 227 29.77 35.41 16.28
N ASP D 228 28.90 36.40 16.40
CA ASP D 228 29.25 37.80 16.11
C ASP D 228 30.02 37.86 14.81
N CYS D 229 29.48 37.19 13.80
CA CYS D 229 30.07 37.11 12.48
C CYS D 229 29.66 38.32 11.65
N ALA D 230 30.62 39.17 11.34
CA ALA D 230 30.37 40.38 10.56
C ALA D 230 30.36 40.09 9.05
N VAL D 231 29.24 40.39 8.42
CA VAL D 231 29.07 40.16 6.98
C VAL D 231 28.60 41.44 6.30
N PRO D 232 29.20 41.79 5.15
CA PRO D 232 28.83 43.01 4.43
C PRO D 232 27.34 43.09 4.09
N VAL D 233 26.76 44.27 4.27
CA VAL D 233 25.35 44.47 3.94
C VAL D 233 25.23 44.28 2.42
N ALA D 234 26.35 44.50 1.73
CA ALA D 234 26.41 44.36 0.29
C ALA D 234 26.25 42.91 -0.15
N ASN D 235 26.28 41.99 0.81
CA ASN D 235 26.13 40.57 0.52
C ASN D 235 24.68 40.10 0.61
N ARG D 236 23.77 41.00 0.97
CA ARG D 236 22.37 40.64 1.07
C ARG D 236 21.76 40.52 -0.32
N ILE D 237 21.14 39.38 -0.58
CA ILE D 237 20.49 39.13 -1.87
C ILE D 237 19.05 39.59 -1.75
N GLY D 238 18.69 40.58 -2.56
CA GLY D 238 17.33 41.10 -2.52
C GLY D 238 17.19 42.12 -1.41
N SER D 239 15.97 42.53 -1.12
N SER D 239 15.97 42.52 -1.12
CA SER D 239 15.72 43.51 -0.07
CA SER D 239 15.69 43.50 -0.07
C SER D 239 15.49 42.83 1.27
C SER D 239 15.48 42.83 1.27
N GLU D 240 15.56 43.60 2.34
CA GLU D 240 15.35 43.05 3.68
C GLU D 240 13.90 42.56 3.73
N GLY D 241 13.70 41.35 4.23
CA GLY D 241 12.36 40.80 4.34
C GLY D 241 11.90 40.00 3.14
N GLN D 242 12.75 39.90 2.12
CA GLN D 242 12.42 39.15 0.90
C GLN D 242 13.07 37.77 0.94
N GLY D 243 13.82 37.51 2.01
CA GLY D 243 14.54 36.26 2.16
C GLY D 243 13.74 34.97 2.07
N PHE D 244 12.60 34.89 2.75
CA PHE D 244 11.83 33.67 2.72
C PHE D 244 11.21 33.44 1.34
N LEU D 245 10.81 34.52 0.66
CA LEU D 245 10.24 34.39 -0.66
C LEU D 245 11.30 33.84 -1.60
N ILE D 246 12.52 34.30 -1.44
CA ILE D 246 13.62 33.83 -2.27
C ILE D 246 13.90 32.37 -1.96
N ALA D 247 13.86 32.02 -0.67
CA ALA D 247 14.12 30.65 -0.25
C ALA D 247 13.16 29.66 -0.86
N VAL D 248 11.87 29.96 -0.79
CA VAL D 248 10.86 29.05 -1.34
C VAL D 248 10.86 29.01 -2.86
N ARG D 249 11.11 30.15 -3.51
CA ARG D 249 11.15 30.18 -4.97
C ARG D 249 12.30 29.26 -5.40
N GLY D 250 13.38 29.30 -4.63
CA GLY D 250 14.52 28.46 -4.94
C GLY D 250 14.18 26.99 -4.76
N LEU D 251 13.43 26.69 -3.70
CA LEU D 251 13.05 25.32 -3.41
C LEU D 251 12.09 24.69 -4.43
N ASN D 252 11.27 25.48 -5.10
CA ASN D 252 10.35 24.94 -6.10
C ASN D 252 11.17 24.21 -7.16
N GLY D 253 12.29 24.83 -7.54
CA GLY D 253 13.15 24.24 -8.55
C GLY D 253 13.98 23.12 -7.92
N GLY D 254 14.39 23.33 -6.67
CA GLY D 254 15.18 22.31 -6.00
C GLY D 254 14.40 21.03 -5.85
N ARG D 255 13.12 21.16 -5.55
CA ARG D 255 12.25 20.00 -5.37
C ARG D 255 12.07 19.21 -6.65
N ILE D 256 12.02 19.90 -7.78
CA ILE D 256 11.89 19.25 -9.07
C ILE D 256 13.19 18.49 -9.32
N ASN D 257 14.31 19.11 -8.94
CA ASN D 257 15.60 18.49 -9.17
C ASN D 257 15.91 17.32 -8.26
N ILE D 258 15.45 17.37 -7.01
N ILE D 258 15.44 17.38 -7.01
CA ILE D 258 15.69 16.26 -6.10
CA ILE D 258 15.66 16.29 -6.09
C ILE D 258 14.86 15.08 -6.61
C ILE D 258 14.85 15.09 -6.58
N ALA D 259 13.64 15.38 -7.08
CA ALA D 259 12.77 14.35 -7.60
C ALA D 259 13.43 13.74 -8.84
N SER D 260 14.16 14.57 -9.58
CA SER D 260 14.86 14.10 -10.77
C SER D 260 15.97 13.14 -10.38
N CYS D 261 16.62 13.42 -9.25
CA CYS D 261 17.68 12.55 -8.76
C CYS D 261 17.07 11.20 -8.38
N SER D 262 15.87 11.23 -7.82
CA SER D 262 15.17 10.00 -7.45
C SER D 262 14.85 9.19 -8.71
N LEU D 263 14.48 9.87 -9.79
CA LEU D 263 14.16 9.19 -11.04
C LEU D 263 15.38 8.42 -11.55
N GLY D 264 16.56 9.06 -11.47
CA GLY D 264 17.78 8.42 -11.92
C GLY D 264 18.11 7.19 -11.10
N ALA D 265 17.96 7.29 -9.78
CA ALA D 265 18.25 6.18 -8.90
C ALA D 265 17.30 5.02 -9.23
N ALA D 266 16.03 5.34 -9.45
CA ALA D 266 15.05 4.32 -9.76
C ALA D 266 15.27 3.71 -11.15
N HIS D 267 15.62 4.54 -12.13
CA HIS D 267 15.84 4.01 -13.47
C HIS D 267 17.01 3.03 -13.46
N ALA D 268 18.10 3.41 -12.81
CA ALA D 268 19.27 2.55 -12.71
C ALA D 268 18.91 1.26 -11.99
N SER D 269 18.07 1.37 -10.97
CA SER D 269 17.66 0.20 -10.20
C SER D 269 16.82 -0.77 -11.03
N VAL D 270 15.95 -0.22 -11.88
CA VAL D 270 15.10 -1.05 -12.73
C VAL D 270 15.95 -1.79 -13.76
N ILE D 271 16.91 -1.09 -14.35
CA ILE D 271 17.77 -1.71 -15.35
C ILE D 271 18.60 -2.82 -14.70
N LEU D 272 19.15 -2.52 -13.52
CA LEU D 272 19.96 -3.51 -12.80
C LEU D 272 19.13 -4.74 -12.45
N THR D 273 17.88 -4.52 -12.07
CA THR D 273 16.99 -5.62 -11.70
C THR D 273 16.64 -6.47 -12.90
N ARG D 274 16.31 -5.82 -14.01
CA ARG D 274 15.95 -6.53 -15.23
C ARG D 274 17.09 -7.46 -15.63
N ASP D 275 18.31 -6.94 -15.70
CA ASP D 275 19.46 -7.76 -16.06
C ASP D 275 19.71 -8.87 -15.07
N HIS D 276 19.59 -8.55 -13.77
CA HIS D 276 19.81 -9.54 -12.72
C HIS D 276 18.84 -10.73 -12.83
N LEU D 277 17.56 -10.44 -13.02
CA LEU D 277 16.55 -11.49 -13.13
C LEU D 277 16.82 -12.41 -14.32
N ASN D 278 17.39 -11.86 -15.38
CA ASN D 278 17.68 -12.64 -16.58
C ASN D 278 18.95 -13.50 -16.47
N VAL D 279 19.91 -13.06 -15.65
N VAL D 279 19.90 -13.05 -15.64
CA VAL D 279 21.16 -13.80 -15.50
CA VAL D 279 21.16 -13.76 -15.48
C VAL D 279 21.22 -14.75 -14.30
C VAL D 279 21.21 -14.74 -14.30
N ARG D 280 20.74 -14.31 -13.15
CA ARG D 280 20.78 -15.14 -11.95
C ARG D 280 19.79 -16.30 -12.05
N LYS D 281 20.27 -17.51 -11.77
CA LYS D 281 19.42 -18.69 -11.82
C LYS D 281 19.28 -19.38 -10.46
N GLN D 282 18.07 -19.86 -10.18
CA GLN D 282 17.74 -20.60 -8.96
C GLN D 282 16.67 -21.59 -9.41
N PHE D 283 16.69 -22.79 -8.84
CA PHE D 283 15.73 -23.83 -9.21
C PHE D 283 15.86 -24.22 -10.68
N GLY D 284 17.09 -24.08 -11.21
CA GLY D 284 17.35 -24.45 -12.59
C GLY D 284 16.87 -23.52 -13.68
N GLU D 285 16.36 -22.35 -13.32
CA GLU D 285 15.86 -21.40 -14.29
C GLU D 285 16.21 -19.98 -13.90
N PRO D 286 16.22 -19.05 -14.87
CA PRO D 286 16.54 -17.66 -14.52
C PRO D 286 15.46 -17.18 -13.54
N LEU D 287 15.81 -16.22 -12.68
CA LEU D 287 14.81 -15.71 -11.74
C LEU D 287 13.64 -15.09 -12.50
N ALA D 288 13.93 -14.63 -13.71
CA ALA D 288 12.92 -13.99 -14.56
C ALA D 288 11.78 -14.93 -14.96
N SER D 289 11.97 -16.23 -14.73
N SER D 289 11.97 -16.23 -14.73
CA SER D 289 10.94 -17.21 -15.09
CA SER D 289 10.95 -17.23 -15.07
C SER D 289 9.81 -17.27 -14.06
C SER D 289 9.81 -17.27 -14.06
N ASN D 290 10.00 -16.60 -12.93
CA ASN D 290 8.99 -16.58 -11.88
C ASN D 290 8.02 -15.42 -12.09
N GLN D 291 6.75 -15.75 -12.28
CA GLN D 291 5.74 -14.74 -12.55
C GLN D 291 5.63 -13.60 -11.54
N TYR D 292 5.80 -13.90 -10.25
CA TYR D 292 5.71 -12.83 -9.27
C TYR D 292 6.79 -11.79 -9.49
N LEU D 293 8.00 -12.25 -9.81
CA LEU D 293 9.09 -11.32 -10.05
C LEU D 293 8.84 -10.55 -11.36
N GLN D 294 8.25 -11.23 -12.34
CA GLN D 294 7.94 -10.59 -13.62
C GLN D 294 6.95 -9.45 -13.38
N PHE D 295 5.89 -9.75 -12.65
CA PHE D 295 4.85 -8.76 -12.35
C PHE D 295 5.37 -7.59 -11.52
N THR D 296 6.24 -7.90 -10.56
CA THR D 296 6.81 -6.85 -9.71
C THR D 296 7.66 -5.90 -10.56
N LEU D 297 8.41 -6.45 -11.50
CA LEU D 297 9.22 -5.62 -12.38
C LEU D 297 8.32 -4.74 -13.24
N ALA D 298 7.19 -5.29 -13.67
CA ALA D 298 6.23 -4.54 -14.47
C ALA D 298 5.70 -3.35 -13.68
N ASP D 299 5.42 -3.57 -12.39
CA ASP D 299 4.92 -2.49 -11.52
C ASP D 299 5.99 -1.41 -11.37
N MET D 300 7.23 -1.84 -11.17
CA MET D 300 8.35 -0.91 -11.00
C MET D 300 8.50 -0.02 -12.22
N ALA D 301 8.45 -0.63 -13.40
CA ALA D 301 8.58 0.12 -14.64
C ALA D 301 7.41 1.08 -14.86
N THR D 302 6.20 0.62 -14.52
CA THR D 302 5.01 1.44 -14.69
C THR D 302 5.07 2.67 -13.81
N ARG D 303 5.45 2.47 -12.55
CA ARG D 303 5.55 3.57 -11.59
C ARG D 303 6.68 4.52 -11.97
N LEU D 304 7.74 3.98 -12.56
CA LEU D 304 8.87 4.80 -12.98
C LEU D 304 8.42 5.75 -14.09
N VAL D 305 7.69 5.21 -15.06
CA VAL D 305 7.20 6.02 -16.16
C VAL D 305 6.27 7.11 -15.64
N ALA D 306 5.39 6.75 -14.69
CA ALA D 306 4.46 7.71 -14.12
C ALA D 306 5.21 8.82 -13.39
N ALA D 307 6.23 8.44 -12.62
CA ALA D 307 7.02 9.42 -11.87
C ALA D 307 7.77 10.35 -12.83
N ARG D 308 8.30 9.79 -13.91
CA ARG D 308 9.02 10.59 -14.89
C ARG D 308 8.10 11.63 -15.54
N LEU D 309 6.88 11.21 -15.86
CA LEU D 309 5.92 12.13 -16.46
C LEU D 309 5.56 13.26 -15.49
N MET D 310 5.37 12.92 -14.22
CA MET D 310 5.03 13.91 -13.20
C MET D 310 6.13 14.97 -13.03
N VAL D 311 7.38 14.53 -12.98
CA VAL D 311 8.50 15.46 -12.80
C VAL D 311 8.69 16.36 -14.02
N ARG D 312 8.64 15.79 -15.22
CA ARG D 312 8.82 16.59 -16.42
C ARG D 312 7.65 17.54 -16.64
N ASN D 313 6.45 17.11 -16.22
CA ASN D 313 5.26 17.94 -16.36
C ASN D 313 5.43 19.16 -15.46
N ALA D 314 5.91 18.93 -14.24
CA ALA D 314 6.12 20.02 -13.29
C ALA D 314 7.21 20.97 -13.78
N ALA D 315 8.26 20.42 -14.38
CA ALA D 315 9.36 21.23 -14.89
C ALA D 315 8.86 22.19 -15.97
N VAL D 316 7.99 21.70 -16.84
CA VAL D 316 7.44 22.54 -17.90
C VAL D 316 6.57 23.65 -17.31
N ALA D 317 5.76 23.30 -16.31
CA ALA D 317 4.89 24.28 -15.67
C ALA D 317 5.70 25.37 -14.98
N LEU D 318 6.79 24.97 -14.33
CA LEU D 318 7.63 25.93 -13.62
C LEU D 318 8.34 26.88 -14.56
N GLN D 319 8.85 26.33 -15.67
N GLN D 319 8.85 26.36 -15.67
CA GLN D 319 9.55 27.13 -16.67
CA GLN D 319 9.56 27.19 -16.63
C GLN D 319 8.60 28.13 -17.34
C GLN D 319 8.59 28.15 -17.33
N GLU D 320 7.34 27.72 -17.52
CA GLU D 320 6.34 28.56 -18.15
C GLU D 320 5.68 29.48 -17.13
N GLU D 321 6.10 29.36 -15.88
CA GLU D 321 5.57 30.18 -14.80
C GLU D 321 4.04 30.11 -14.70
N ARG D 322 3.48 28.92 -14.84
CA ARG D 322 2.04 28.76 -14.76
C ARG D 322 1.56 28.94 -13.33
N LYS D 323 0.28 29.29 -13.18
CA LYS D 323 -0.31 29.50 -11.86
C LYS D 323 -0.40 28.22 -11.05
N ASP D 324 -0.29 27.08 -11.74
CA ASP D 324 -0.36 25.79 -11.07
C ASP D 324 1.02 25.16 -10.83
N ALA D 325 2.06 25.90 -11.20
CA ALA D 325 3.43 25.41 -11.04
C ALA D 325 3.84 25.02 -9.63
N VAL D 326 3.52 25.86 -8.64
CA VAL D 326 3.90 25.56 -7.27
C VAL D 326 3.29 24.25 -6.77
N ALA D 327 2.01 24.07 -7.06
CA ALA D 327 1.31 22.86 -6.64
C ALA D 327 1.87 21.64 -7.39
N LEU D 328 2.12 21.80 -8.69
CA LEU D 328 2.66 20.70 -9.48
C LEU D 328 4.06 20.28 -9.03
N CYS D 329 4.89 21.26 -8.68
CA CYS D 329 6.23 20.93 -8.20
C CYS D 329 6.12 20.12 -6.91
N SER D 330 5.20 20.52 -6.05
CA SER D 330 5.00 19.81 -4.78
C SER D 330 4.47 18.40 -5.03
N MET D 331 3.54 18.26 -5.98
CA MET D 331 2.99 16.95 -6.30
C MET D 331 4.05 16.05 -6.90
N ALA D 332 4.88 16.61 -7.77
CA ALA D 332 5.94 15.84 -8.42
C ALA D 332 6.96 15.34 -7.41
N LYS D 333 7.35 16.21 -6.49
CA LYS D 333 8.33 15.84 -5.47
C LYS D 333 7.73 14.75 -4.60
N LEU D 334 6.49 14.95 -4.16
CA LEU D 334 5.81 13.96 -3.32
C LEU D 334 5.70 12.61 -4.02
N PHE D 335 5.11 12.62 -5.21
CA PHE D 335 4.92 11.38 -5.97
C PHE D 335 6.21 10.68 -6.34
N ALA D 336 7.11 11.40 -7.00
CA ALA D 336 8.37 10.80 -7.43
C ALA D 336 9.29 10.28 -6.32
N THR D 337 9.44 11.05 -5.24
CA THR D 337 10.32 10.58 -4.18
C THR D 337 9.76 9.35 -3.48
N ASP D 338 8.44 9.27 -3.37
CA ASP D 338 7.80 8.12 -2.73
C ASP D 338 7.89 6.89 -3.63
N GLU D 339 7.46 7.06 -4.89
CA GLU D 339 7.47 5.96 -5.85
C GLU D 339 8.88 5.46 -6.15
N CYS D 340 9.82 6.37 -6.32
CA CYS D 340 11.18 5.98 -6.64
C CYS D 340 11.89 5.25 -5.50
N PHE D 341 11.63 5.65 -4.26
CA PHE D 341 12.27 4.94 -3.16
C PHE D 341 11.73 3.52 -3.15
N ALA D 342 10.42 3.37 -3.33
CA ALA D 342 9.79 2.04 -3.34
C ALA D 342 10.37 1.17 -4.45
N ILE D 343 10.60 1.78 -5.61
CA ILE D 343 11.17 1.05 -6.75
C ILE D 343 12.57 0.53 -6.40
N CYS D 344 13.41 1.41 -5.84
CA CYS D 344 14.76 1.02 -5.48
C CYS D 344 14.76 -0.05 -4.39
N ASN D 345 13.84 0.06 -3.44
CA ASN D 345 13.77 -0.91 -2.35
C ASN D 345 13.34 -2.27 -2.87
N GLN D 346 12.45 -2.26 -3.86
N GLN D 346 12.44 -2.26 -3.86
CA GLN D 346 11.98 -3.51 -4.44
CA GLN D 346 11.95 -3.49 -4.47
C GLN D 346 13.14 -4.13 -5.23
C GLN D 346 13.11 -4.12 -5.26
N ALA D 347 13.91 -3.26 -5.89
CA ALA D 347 15.06 -3.73 -6.66
C ALA D 347 16.03 -4.42 -5.71
N LEU D 348 16.18 -3.88 -4.51
CA LEU D 348 17.09 -4.49 -3.54
C LEU D 348 16.58 -5.89 -3.21
N GLN D 349 15.28 -6.03 -2.99
CA GLN D 349 14.70 -7.32 -2.67
C GLN D 349 14.97 -8.33 -3.79
N MET D 350 14.84 -7.86 -5.04
CA MET D 350 15.06 -8.70 -6.21
C MET D 350 16.48 -9.23 -6.34
N HIS D 351 17.43 -8.58 -5.67
CA HIS D 351 18.83 -9.02 -5.69
C HIS D 351 19.11 -10.00 -4.56
N GLY D 352 18.13 -10.20 -3.68
CA GLY D 352 18.35 -11.09 -2.56
C GLY D 352 19.41 -10.56 -1.62
N GLY D 353 20.19 -11.46 -1.02
CA GLY D 353 21.22 -11.05 -0.10
C GLY D 353 22.23 -10.10 -0.72
N TYR D 354 22.49 -10.29 -2.02
CA TYR D 354 23.44 -9.45 -2.73
C TYR D 354 23.03 -7.99 -2.70
N GLY D 355 21.72 -7.74 -2.66
CA GLY D 355 21.25 -6.37 -2.65
C GLY D 355 21.59 -5.63 -1.36
N TYR D 356 21.98 -6.37 -0.35
CA TYR D 356 22.32 -5.82 0.97
C TYR D 356 23.81 -5.53 1.09
N LEU D 357 24.58 -5.94 0.09
CA LEU D 357 26.04 -5.75 0.10
C LEU D 357 26.45 -4.46 -0.60
N LYS D 358 27.44 -3.78 -0.04
CA LYS D 358 27.91 -2.52 -0.60
C LYS D 358 28.52 -2.67 -2.00
N ASP D 359 28.87 -3.90 -2.39
CA ASP D 359 29.43 -4.12 -3.71
C ASP D 359 28.37 -3.98 -4.80
N TYR D 360 27.10 -3.97 -4.40
CA TYR D 360 25.99 -3.83 -5.35
C TYR D 360 25.37 -2.45 -5.22
N ALA D 361 25.32 -1.72 -6.33
CA ALA D 361 24.80 -0.35 -6.37
C ALA D 361 23.38 -0.12 -5.86
N VAL D 362 22.49 -1.10 -6.04
N VAL D 362 22.50 -1.09 -6.05
CA VAL D 362 21.11 -0.95 -5.62
CA VAL D 362 21.11 -0.96 -5.62
C VAL D 362 20.93 -0.45 -4.19
C VAL D 362 20.91 -0.46 -4.19
N GLN D 363 21.72 -0.94 -3.25
CA GLN D 363 21.58 -0.50 -1.86
C GLN D 363 21.91 0.97 -1.65
N GLN D 364 22.77 1.56 -2.49
CA GLN D 364 23.06 2.97 -2.29
C GLN D 364 21.94 3.80 -2.91
N TYR D 365 21.34 3.30 -3.99
CA TYR D 365 20.23 4.03 -4.59
C TYR D 365 19.13 4.07 -3.53
N VAL D 366 18.98 2.98 -2.79
CA VAL D 366 17.98 2.93 -1.72
C VAL D 366 18.30 3.90 -0.59
N ARG D 367 19.54 3.84 -0.08
CA ARG D 367 19.93 4.72 1.01
C ARG D 367 19.89 6.20 0.63
N ASP D 368 20.37 6.51 -0.57
CA ASP D 368 20.37 7.90 -1.03
C ASP D 368 18.97 8.42 -1.31
N SER D 369 18.17 7.65 -2.06
CA SER D 369 16.83 8.10 -2.40
C SER D 369 15.88 8.20 -1.20
N ARG D 370 16.16 7.44 -0.14
CA ARG D 370 15.30 7.48 1.04
C ARG D 370 15.18 8.87 1.64
N VAL D 371 16.30 9.59 1.70
CA VAL D 371 16.27 10.91 2.32
C VAL D 371 15.52 11.97 1.50
N HIS D 372 15.35 11.71 0.20
CA HIS D 372 14.65 12.67 -0.65
C HIS D 372 13.20 12.87 -0.20
N GLN D 373 12.68 11.92 0.57
CA GLN D 373 11.31 12.02 1.07
C GLN D 373 11.23 12.94 2.28
N ILE D 374 12.40 13.32 2.79
CA ILE D 374 12.49 14.17 3.98
C ILE D 374 13.02 15.58 3.75
N LEU D 375 14.13 15.68 3.02
CA LEU D 375 14.74 16.98 2.77
C LEU D 375 14.14 17.76 1.61
N GLU D 376 14.55 19.02 1.48
CA GLU D 376 14.03 19.91 0.45
C GLU D 376 12.54 20.07 0.67
N GLY D 377 12.10 19.88 1.91
CA GLY D 377 10.69 19.97 2.23
C GLY D 377 10.12 18.56 2.29
N SER D 378 9.87 18.06 3.49
CA SER D 378 9.37 16.70 3.67
C SER D 378 8.09 16.43 2.88
N ASN D 379 7.80 15.15 2.65
CA ASN D 379 6.59 14.85 1.90
C ASN D 379 5.34 15.19 2.69
N GLU D 380 5.46 15.32 4.01
CA GLU D 380 4.31 15.72 4.80
C GLU D 380 4.06 17.20 4.47
N VAL D 381 5.14 17.96 4.37
CA VAL D 381 5.03 19.39 4.03
C VAL D 381 4.45 19.52 2.62
N MET D 382 4.82 18.61 1.73
CA MET D 382 4.30 18.68 0.37
C MET D 382 2.77 18.56 0.40
N ARG D 383 2.26 17.69 1.27
CA ARG D 383 0.82 17.50 1.38
C ARG D 383 0.14 18.74 1.96
N ILE D 384 0.86 19.47 2.80
CA ILE D 384 0.30 20.69 3.37
C ILE D 384 0.10 21.69 2.23
N LEU D 385 1.15 21.86 1.42
CA LEU D 385 1.10 22.79 0.29
C LEU D 385 0.02 22.42 -0.72
N ILE D 386 -0.07 21.13 -1.05
CA ILE D 386 -1.05 20.67 -2.01
C ILE D 386 -2.48 20.82 -1.51
N SER D 387 -2.76 20.36 -0.28
CA SER D 387 -4.10 20.46 0.27
C SER D 387 -4.54 21.91 0.43
N ARG D 388 -3.62 22.79 0.78
CA ARG D 388 -3.94 24.21 0.93
C ARG D 388 -4.52 24.74 -0.38
N SER D 389 -3.80 24.47 -1.46
CA SER D 389 -4.21 24.91 -2.79
C SER D 389 -5.58 24.38 -3.18
N LEU D 390 -5.79 23.08 -2.97
CA LEU D 390 -7.05 22.42 -3.31
C LEU D 390 -8.26 22.93 -2.54
N LEU D 391 -8.14 22.99 -1.21
CA LEU D 391 -9.24 23.41 -0.37
C LEU D 391 -9.54 24.90 -0.42
N GLN D 392 -8.55 25.68 -0.88
CA GLN D 392 -8.71 27.13 -0.97
C GLN D 392 -9.53 27.49 -2.21
N GLU D 393 -9.25 26.81 -3.31
CA GLU D 393 -9.96 27.06 -4.57
C GLU D 393 -11.40 26.56 -4.50
C1 EDO E . -16.19 -20.73 9.63
O1 EDO E . -15.69 -19.43 9.93
C2 EDO E . -16.31 -21.52 10.95
O2 EDO E . -16.46 -22.92 10.64
C1 EDO F . -37.15 9.64 37.64
O1 EDO F . -36.33 10.52 36.87
C2 EDO F . -36.45 8.27 37.72
O2 EDO F . -37.39 7.24 37.36
PA FAD G . -18.99 12.01 9.19
O1A FAD G . -18.95 11.95 10.67
O2A FAD G . -19.45 13.27 8.55
O5B FAD G . -17.53 11.69 8.66
C5B FAD G . -17.20 11.67 7.28
C4B FAD G . -15.71 11.28 7.12
O4B FAD G . -14.91 12.17 7.94
C3B FAD G . -15.35 9.88 7.61
O3B FAD G . -14.36 9.32 6.76
C2B FAD G . -14.84 10.12 9.01
O2B FAD G . -14.03 9.06 9.47
C1B FAD G . -14.12 11.43 8.86
N9A FAD G . -14.01 12.22 10.09
C8A FAD G . -14.98 12.69 10.94
N7A FAD G . -14.53 13.37 11.96
C5A FAD G . -13.15 13.36 11.78
C6A FAD G . -12.07 13.92 12.53
N6A FAD G . -12.24 14.63 13.65
N1A FAD G . -10.80 13.71 12.06
C2A FAD G . -10.61 12.99 10.93
N3A FAD G . -11.55 12.42 10.14
C4A FAD G . -12.82 12.64 10.63
N1 FAD G . -26.18 4.91 13.22
C2 FAD G . -26.96 4.58 14.31
O2 FAD G . -27.04 5.36 15.25
N3 FAD G . -27.65 3.36 14.32
C4 FAD G . -27.59 2.46 13.25
O4 FAD G . -28.21 1.43 13.30
C4X FAD G . -26.76 2.82 12.11
N5 FAD G . -26.69 1.97 10.98
C5X FAD G . -25.99 2.35 9.87
C6 FAD G . -26.01 1.49 8.75
C7 FAD G . -25.34 1.87 7.55
C7M FAD G . -25.39 0.92 6.36
C8 FAD G . -24.62 3.12 7.49
C8M FAD G . -23.89 3.56 6.21
C9 FAD G . -24.59 3.97 8.60
C9A FAD G . -25.26 3.61 9.81
N10 FAD G . -25.28 4.43 11.00
C10 FAD G . -26.07 4.08 12.13
C1' FAD G . -24.53 5.71 10.94
C2' FAD G . -23.05 5.70 11.24
O2' FAD G . -22.89 5.57 12.66
C3' FAD G . -22.40 6.98 10.68
O3' FAD G . -22.62 6.95 9.23
C4' FAD G . -20.89 7.05 10.94
O4' FAD G . -20.72 7.11 12.39
C5' FAD G . -20.26 8.30 10.38
O5' FAD G . -21.00 9.55 10.50
P FAD G . -21.32 10.37 9.16
O1P FAD G . -21.92 9.44 8.18
O2P FAD G . -22.09 11.56 9.56
O3P FAD G . -19.89 10.81 8.61
C ACY H . -21.36 -9.98 28.18
O ACY H . -22.49 -10.20 28.77
OXT ACY H . -20.84 -8.87 28.13
CH3 ACY H . -20.70 -11.18 27.54
C1 EDO I . 29.65 -11.72 -2.12
O1 EDO I . 29.37 -11.11 -3.38
C2 EDO I . 28.67 -12.88 -1.92
O2 EDO I . 28.15 -12.84 -0.59
C1 EDO J . 18.65 -28.15 2.44
O1 EDO J . 19.62 -28.45 3.44
C2 EDO J . 17.60 -27.20 3.05
O2 EDO J . 16.49 -27.10 2.14
C1 EDO K . 10.13 -4.54 26.25
O1 EDO K . 10.24 -5.34 27.43
C2 EDO K . 10.70 -5.33 25.07
O2 EDO K . 9.85 -5.16 23.93
C1 EDO L . 15.51 15.26 18.26
O1 EDO L . 16.48 15.31 19.30
C2 EDO L . 15.62 16.53 17.43
O2 EDO L . 15.13 17.64 18.19
PA FAD M . 18.19 -15.43 -4.51
O1A FAD M . 17.83 -16.78 -4.01
O2A FAD M . 18.96 -15.34 -5.77
O5B FAD M . 16.83 -14.63 -4.70
C5B FAD M . 16.77 -13.28 -5.18
C4B FAD M . 15.32 -12.80 -5.20
O4B FAD M . 14.51 -13.75 -5.94
C3B FAD M . 14.65 -12.71 -3.83
O3B FAD M . 13.74 -11.60 -3.79
C2B FAD M . 13.93 -14.04 -3.71
O2B FAD M . 12.91 -14.03 -2.75
C1B FAD M . 13.44 -14.23 -5.14
N9A FAD M . 13.21 -15.62 -5.52
C8A FAD M . 14.04 -16.71 -5.51
N7A FAD M . 13.49 -17.81 -5.95
C5A FAD M . 12.20 -17.43 -6.28
C6A FAD M . 11.09 -18.15 -6.81
N6A FAD M . 11.14 -19.46 -7.11
N1A FAD M . 9.93 -17.45 -7.03
C2A FAD M . 9.87 -16.13 -6.73
N3A FAD M . 10.85 -15.35 -6.23
C4A FAD M . 12.01 -16.08 -6.02
N1 FAD M . 23.28 -17.87 4.81
C2 FAD M . 23.78 -18.88 5.61
O2 FAD M . 23.80 -20.03 5.19
N3 FAD M . 24.27 -18.58 6.88
C4 FAD M . 24.28 -17.28 7.39
O4 FAD M . 24.72 -17.06 8.49
C4X FAD M . 23.75 -16.22 6.54
N5 FAD M . 23.76 -14.87 6.99
C5X FAD M . 23.36 -13.87 6.16
C6 FAD M . 23.47 -12.54 6.63
C7 FAD M . 23.10 -11.45 5.78
C7M FAD M . 23.24 -10.03 6.32
C8 FAD M . 22.62 -11.71 4.44
C8M FAD M . 22.23 -10.57 3.51
C9 FAD M . 22.50 -13.03 3.98
C9A FAD M . 22.86 -14.12 4.81
N10 FAD M . 22.78 -15.52 4.41
C10 FAD M . 23.26 -16.55 5.24
C1' FAD M . 22.24 -15.77 3.04
C2' FAD M . 20.75 -15.81 2.84
O2' FAD M . 20.26 -17.06 3.36
C3' FAD M . 20.43 -15.65 1.34
O3' FAD M . 20.95 -14.34 0.96
C4' FAD M . 18.93 -15.69 1.03
O4' FAD M . 18.48 -17.03 1.39
C5' FAD M . 18.63 -15.51 -0.44
O5' FAD M . 19.52 -16.14 -1.40
P FAD M . 20.21 -15.21 -2.50
O1P FAD M . 20.85 -14.07 -1.82
O2P FAD M . 21.05 -16.09 -3.33
O3P FAD M . 18.99 -14.62 -3.38
C ACY N . 0.72 23.37 10.41
O ACY N . 0.30 22.17 10.16
OXT ACY N . 0.57 23.91 11.51
CH3 ACY N . 1.39 24.09 9.26
C ACY O . 22.91 -19.99 32.96
O ACY O . 22.07 -19.07 33.33
OXT ACY O . 22.55 -21.03 32.43
CH3 ACY O . 24.38 -19.69 33.21
C1 EDO P . -13.60 18.04 -17.76
O1 EDO P . -14.30 19.24 -17.46
C2 EDO P . -13.86 17.04 -16.63
O2 EDO P . -12.73 16.15 -16.52
C1 EDO Q . 0.39 -0.40 -32.55
O1 EDO Q . -0.93 -0.52 -33.08
C2 EDO Q . 0.74 1.09 -32.46
O2 EDO Q . 2.16 1.25 -32.56
C1 EDO R . -25.61 16.22 5.36
O1 EDO R . -26.10 15.66 6.58
C2 EDO R . -24.17 15.73 5.16
O2 EDO R . -23.92 15.55 3.76
PA FAD S . -10.29 -15.23 -15.87
O1A FAD S . -9.62 -15.07 -17.17
O2A FAD S . -10.76 -16.58 -15.49
O5B FAD S . -9.28 -14.72 -14.74
C5B FAD S . -9.57 -14.73 -13.35
C4B FAD S . -8.42 -14.05 -12.59
O4B FAD S . -7.18 -14.69 -12.95
C3B FAD S . -8.21 -12.57 -12.92
O3B FAD S . -7.84 -11.84 -11.75
C2B FAD S . -7.12 -12.60 -13.96
O2B FAD S . -6.44 -11.37 -14.08
C1B FAD S . -6.25 -13.75 -13.46
N9A FAD S . -5.47 -14.42 -14.49
C8A FAD S . -5.85 -15.05 -15.65
N7A FAD S . -4.87 -15.56 -16.35
C5A FAD S . -3.75 -15.25 -15.60
C6A FAD S . -2.36 -15.53 -15.80
N6A FAD S . -1.89 -16.19 -16.85
N1A FAD S . -1.48 -15.06 -14.85
C2A FAD S . -1.95 -14.39 -13.77
N3A FAD S . -3.25 -14.08 -13.49
C4A FAD S . -4.10 -14.55 -14.46
N1 FAD S . -16.06 -9.42 -22.92
C2 FAD S . -16.32 -9.18 -24.27
O2 FAD S . -15.80 -9.89 -25.12
N3 FAD S . -17.18 -8.14 -24.64
C4 FAD S . -17.81 -7.32 -23.69
O4 FAD S . -18.56 -6.44 -24.05
C4X FAD S . -17.52 -7.58 -22.29
N5 FAD S . -18.16 -6.79 -21.30
C5X FAD S . -17.97 -7.07 -19.97
C6 FAD S . -18.68 -6.31 -19.02
C7 FAD S . -18.55 -6.60 -17.63
C7M FAD S . -19.34 -5.76 -16.63
C8 FAD S . -17.67 -7.66 -17.18
C8M FAD S . -17.53 -7.98 -15.69
C9 FAD S . -16.96 -8.41 -18.12
C9A FAD S . -17.08 -8.16 -19.51
N10 FAD S . -16.38 -8.90 -20.56
C10 FAD S . -16.63 -8.65 -21.93
C1' FAD S . -15.47 -9.97 -20.10
C2' FAD S . -14.05 -9.65 -19.68
O2' FAD S . -13.29 -9.42 -20.89
C3' FAD S . -13.49 -10.80 -18.85
O3' FAD S . -14.33 -10.88 -17.66
C4' FAD S . -12.04 -10.58 -18.40
O4' FAD S . -11.22 -10.56 -19.61
C5' FAD S . -11.51 -11.73 -17.57
O5' FAD S . -11.88 -13.07 -18.01
P FAD S . -12.62 -14.00 -16.94
O1P FAD S . -13.74 -13.26 -16.37
O2P FAD S . -12.88 -15.28 -17.63
O3P FAD S . -11.54 -14.23 -15.78
N1A 2MC T . -1.32 -4.87 -29.31
C2A 2MC T . -0.83 -5.35 -30.51
N3A 2MC T . -0.55 -6.67 -30.79
C4A 2MC T . -0.80 -7.57 -29.69
C5A 2MC T . -1.31 -7.21 -28.42
C6A 2MC T . -1.58 -5.76 -28.24
N6A 2MC T . -2.06 -5.27 -27.10
N7A 2MC T . -1.44 -8.34 -27.60
C8A 2MC T . -1.04 -9.33 -28.34
N9A 2MC T . -0.64 -8.95 -29.64
C1B 2MC T . -0.13 -9.80 -30.77
C2B 2MC T . 1.23 -10.47 -30.39
O2B 2MC T . 2.43 -9.63 -30.52
C3B 2MC T . 1.21 -11.73 -31.28
O3B 2MC T . 1.81 -11.45 -32.58
P3B 2MC T . 2.84 -12.44 -33.37
O7A 2MC T . 4.05 -11.56 -33.44
O8A 2MC T . 3.05 -13.67 -32.54
O9A 2MC T . 2.11 -12.62 -34.66
C4B 2MC T . -0.31 -12.14 -31.39
O4B 2MC T . -1.05 -10.91 -31.09
C5B 2MC T . -0.71 -13.24 -30.36
O5B 2MC T . -0.18 -12.91 -29.06
P1A 2MC T . 0.32 -13.86 -27.91
O1A 2MC T . 1.29 -14.83 -28.46
O2A 2MC T . 0.77 -12.89 -26.84
O3A 2MC T . -1.10 -14.51 -27.51
P2A 2MC T . -1.54 -15.11 -26.08
O4A 2MC T . -2.40 -16.32 -26.35
O5A 2MC T . -0.27 -15.40 -25.30
O6A 2MC T . -2.44 -13.99 -25.30
CBP 2MC T . -2.86 -11.95 -23.93
CCP 2MC T . -1.92 -12.73 -24.87
CDP 2MC T . -3.09 -12.77 -22.61
CEP 2MC T . -2.15 -10.66 -23.60
CAP 2MC T . -4.27 -11.76 -24.74
OAP 2MC T . -5.11 -12.98 -24.83
C9P 2MC T . -5.24 -10.70 -24.15
O9P 2MC T . -5.18 -9.53 -24.53
N8P 2MC T . -6.12 -11.22 -23.18
C7P 2MC T . -7.11 -10.42 -22.48
C6P 2MC T . -8.34 -10.33 -23.40
C5P 2MC T . -9.13 -9.05 -23.22
O5P 2MC T . -8.57 -7.91 -23.21
N4P 2MC T . -10.49 -9.27 -23.07
C3P 2MC T . -11.40 -8.20 -23.33
C2P 2MC T . -12.73 -8.61 -23.93
S1P 2MC T . -13.60 -7.08 -24.36
C1 2MC T . -14.14 -6.22 -22.87
O2 2MC T . -13.85 -6.66 -21.76
C2 2MC T . -14.98 -4.93 -23.03
C3 2MC T . -15.41 -4.26 -21.94
C2M 2MC T . -15.33 -4.42 -24.44
C ACY U . -11.09 -23.58 -23.94
O ACY U . -11.49 -22.40 -24.34
OXT ACY U . -10.17 -24.19 -24.47
CH3 ACY U . -11.84 -24.15 -22.76
C1 EDO V . 18.36 8.34 -17.81
O1 EDO V . 18.13 7.85 -16.49
C2 EDO V . 19.71 7.83 -18.30
O2 EDO V . 19.82 8.04 -19.72
C1 EDO W . 15.15 -27.81 -10.30
O1 EDO W . 16.54 -27.65 -10.59
C2 EDO W . 14.90 -27.35 -8.86
O2 EDO W . 13.49 -27.39 -8.58
PA FAD X . 10.86 18.17 11.60
O1A FAD X . 10.50 19.45 10.93
O2A FAD X . 11.03 18.19 13.07
O5B FAD X . 9.73 17.12 11.24
C5B FAD X . 9.72 15.78 11.73
C4B FAD X . 8.56 15.01 11.08
O4B FAD X . 7.33 15.73 11.32
C3B FAD X . 8.64 14.88 9.56
O3B FAD X . 8.14 13.60 9.13
C2B FAD X . 7.80 16.03 9.08
O2B FAD X . 7.35 15.86 7.76
C1B FAD X . 6.69 16.05 10.11
N9A FAD X . 6.04 17.35 10.28
C8A FAD X . 6.57 18.57 10.61
N7A FAD X . 5.70 19.54 10.68
C5A FAD X . 4.50 18.92 10.37
C6A FAD X . 3.17 19.40 10.26
N6A FAD X . 2.83 20.68 10.49
N1A FAD X . 2.18 18.50 9.93
C2A FAD X . 2.51 17.20 9.70
N3A FAD X . 3.74 16.64 9.77
C4A FAD X . 4.70 17.57 10.11
N1 FAD X . 18.77 21.97 5.34
C2 FAD X . 19.33 23.12 4.80
O2 FAD X . 18.89 24.21 5.11
N3 FAD X . 20.39 23.00 3.90
C4 FAD X . 20.94 21.76 3.53
O4 FAD X . 21.87 21.71 2.76
C4X FAD X . 20.34 20.56 4.11
N5 FAD X . 20.87 19.30 3.79
C5X FAD X . 20.37 18.18 4.40
C6 FAD X . 20.98 16.95 4.11
C7 FAD X . 20.52 15.76 4.75
C7M FAD X . 21.22 14.44 4.42
C8 FAD X . 19.43 15.81 5.69
C8M FAD X . 18.93 14.55 6.39
C9 FAD X . 18.82 17.03 5.98
C9A FAD X . 19.26 18.23 5.36
N10 FAD X . 18.68 19.54 5.59
C10 FAD X . 19.25 20.71 5.03
C1' FAD X . 17.54 19.60 6.54
C2' FAD X . 16.14 19.32 6.05
O2' FAD X . 15.69 20.47 5.32
C3' FAD X . 15.26 19.02 7.26
O3' FAD X . 15.81 17.81 7.88
C4' FAD X . 13.80 18.73 6.88
O4' FAD X . 13.27 19.97 6.32
C5' FAD X . 12.94 18.43 8.09
O5' FAD X . 13.18 19.22 9.29
P FAD X . 13.53 18.43 10.64
O1P FAD X . 14.62 17.47 10.36
O2P FAD X . 13.73 19.45 11.68
O3P FAD X . 12.21 17.57 10.96
N1A 2MC Y . 6.51 28.68 -3.88
C2A 2MC Y . 6.24 30.04 -3.89
N3A 2MC Y . 5.85 30.79 -2.80
C4A 2MC Y . 5.74 30.03 -1.59
C5A 2MC Y . 5.98 28.63 -1.43
C6A 2MC Y . 6.39 27.95 -2.68
N6A 2MC Y . 6.66 26.64 -2.70
N7A 2MC Y . 5.76 28.23 -0.11
C8A 2MC Y . 5.42 29.32 0.51
N9A 2MC Y . 5.38 30.47 -0.31
C1B 2MC Y . 5.03 31.89 0.05
C2B 2MC Y . 3.55 31.99 0.51
O2B 2MC Y . 2.54 32.05 -0.55
C3B 2MC Y . 3.60 33.21 1.45
O3B 2MC Y . 3.35 34.44 0.71
P3B 2MC Y . 2.19 35.52 1.06
O7A 2MC Y . 1.38 35.48 -0.19
O8A 2MC Y . 1.44 35.03 2.28
O9A 2MC Y . 3.02 36.75 1.25
C4B 2MC Y . 5.03 33.19 2.09
O4B 2MC Y . 5.84 32.37 1.18
C5B 2MC Y . 5.04 32.50 3.50
O5B 2MC Y . 4.32 31.26 3.42
P1A 2MC Y . 3.42 30.55 4.48
O1A 2MC Y . 2.42 31.51 5.00
O2A 2MC Y . 2.95 29.32 3.74
O3A 2MC Y . 4.55 30.16 5.55
P2A 2MC Y . 4.55 28.95 6.62
O4A 2MC Y . 5.21 29.45 7.86
O5A 2MC Y . 3.09 28.53 6.82
O6A 2MC Y . 5.40 27.70 6.02
CBP 2MC Y . 5.85 25.72 4.59
CCP 2MC Y . 5.02 26.98 4.84
CDP 2MC Y . 5.65 24.72 5.79
CEP 2MC Y . 5.30 25.10 3.33
CAP 2MC Y . 7.41 26.20 4.49
OAP 2MC Y . 8.04 26.53 5.81
C9P 2MC Y . 8.39 25.17 3.89
O9P 2MC Y . 8.61 25.18 2.66
N8P 2MC Y . 8.93 24.28 4.82
C7P 2MC Y . 9.87 23.22 4.50
C6P 2MC Y . 11.26 23.86 4.44
C5P 2MC Y . 12.19 23.20 3.47
O5P 2MC Y . 11.83 22.88 2.30
N4P 2MC Y . 13.46 22.98 3.99
C3P 2MC Y . 14.55 22.73 3.10
C2P 2MC Y . 15.90 23.20 3.58
S1P 2MC Y . 17.06 22.94 2.21
C1 2MC Y . 17.35 21.17 1.97
O2 2MC Y . 16.70 20.35 2.64
C2 2MC Y . 18.39 20.70 0.95
C3 2MC Y . 18.62 19.39 0.75
C2M 2MC Y . 19.18 21.73 0.13
C ACY Z . 9.81 -22.81 -7.34
O ACY Z . 9.19 -21.66 -7.40
OXT ACY Z . 10.35 -23.33 -8.31
CH3 ACY Z . 9.83 -23.47 -5.98
C ACY AA . 25.36 21.47 -21.75
O ACY AA . 24.96 21.35 -20.52
OXT ACY AA . 25.50 22.56 -22.30
CH3 ACY AA . 25.65 20.17 -22.47
C ACY BA . 7.51 16.97 -21.65
O ACY BA . 8.48 16.11 -21.69
OXT ACY BA . 7.13 17.60 -22.64
CH3 ACY BA . 6.83 17.15 -20.30
#